data_9GI8
#
_entry.id   9GI8
#
loop_
_entity.id
_entity.type
_entity.pdbx_description
1 polymer 'Transmembrane protein 106B'
2 non-polymer 'ZINC ION'
#
_entity_poly.entity_id   1
_entity_poly.type   'polypeptide(L)'
_entity_poly.pdbx_seq_one_letter_code
;TGRDSVTCPTCQGTGRIPRGQENQLVALIPYSDQRLRPR
;
_entity_poly.pdbx_strand_id   A,B
#
loop_
_chem_comp.id
_chem_comp.type
_chem_comp.name
_chem_comp.formula
ZN non-polymer 'ZINC ION' 'Zn 2'
#
# COMPACT_ATOMS: atom_id res chain seq x y z
N THR A 1 13.38 15.31 -9.83
CA THR A 1 13.15 15.69 -8.44
C THR A 1 11.66 15.72 -8.13
N GLY A 2 11.32 15.47 -6.86
CA GLY A 2 9.94 15.48 -6.44
C GLY A 2 9.78 15.51 -4.93
N ARG A 3 8.53 15.62 -4.48
CA ARG A 3 8.26 15.67 -3.05
C ARG A 3 8.88 14.47 -2.33
N ASP A 4 8.96 14.56 -1.00
CA ASP A 4 9.53 13.49 -0.20
C ASP A 4 8.49 12.43 0.13
N SER A 5 8.81 11.17 -0.16
CA SER A 5 7.90 10.07 0.09
C SER A 5 8.64 8.75 0.14
N VAL A 6 8.15 7.82 0.97
CA VAL A 6 8.77 6.51 1.10
C VAL A 6 7.87 5.42 0.53
N THR A 7 8.49 4.37 -0.01
CA THR A 7 7.75 3.25 -0.59
C THR A 7 6.86 2.59 0.46
N CYS A 8 5.74 2.04 0.01
CA CYS A 8 4.80 1.37 0.91
C CYS A 8 5.52 0.32 1.76
N PRO A 9 5.59 0.58 3.07
CA PRO A 9 6.25 -0.33 4.02
C PRO A 9 5.48 -1.63 4.22
N THR A 10 4.37 -1.77 3.49
CA THR A 10 3.55 -2.96 3.57
C THR A 10 3.65 -3.80 2.30
N CYS A 11 3.36 -3.18 1.17
CA CYS A 11 3.42 -3.86 -0.13
C CYS A 11 4.74 -3.57 -0.83
N GLN A 12 5.65 -2.92 -0.13
CA GLN A 12 6.96 -2.58 -0.69
C GLN A 12 6.80 -1.93 -2.05
N GLY A 13 5.72 -1.17 -2.23
CA GLY A 13 5.48 -0.50 -3.49
C GLY A 13 5.36 -1.48 -4.65
N THR A 14 4.73 -2.63 -4.39
CA THR A 14 4.56 -3.65 -5.42
C THR A 14 3.17 -3.57 -6.04
N GLY A 15 2.16 -3.42 -5.20
CA GLY A 15 0.79 -3.34 -5.68
C GLY A 15 0.03 -4.64 -5.51
N ARG A 16 0.03 -5.16 -4.29
CA ARG A 16 -0.66 -6.41 -4.00
C ARG A 16 -0.84 -6.59 -2.50
N ILE A 17 -2.10 -6.67 -2.06
CA ILE A 17 -2.41 -6.84 -0.65
C ILE A 17 -3.56 -7.82 -0.46
N PRO A 18 -3.58 -8.49 0.71
CA PRO A 18 -4.62 -9.46 1.05
C PRO A 18 -5.97 -8.81 1.29
N ARG A 19 -7.00 -9.32 0.61
CA ARG A 19 -8.34 -8.78 0.76
C ARG A 19 -8.75 -8.69 2.23
N GLY A 20 -9.84 -7.99 2.50
CA GLY A 20 -10.31 -7.83 3.86
C GLY A 20 -11.63 -8.52 4.10
N GLN A 21 -11.85 -9.65 3.43
CA GLN A 21 -13.09 -10.40 3.57
C GLN A 21 -13.26 -10.89 5.00
N GLU A 22 -12.17 -11.31 5.62
CA GLU A 22 -12.20 -11.81 6.99
C GLU A 22 -12.83 -10.77 7.92
N ASN A 23 -12.44 -9.51 7.74
CA ASN A 23 -12.95 -8.43 8.57
C ASN A 23 -14.36 -8.03 8.12
N GLN A 24 -14.54 -7.90 6.82
CA GLN A 24 -15.84 -7.52 6.26
C GLN A 24 -16.08 -8.23 4.92
N LEU A 25 -17.13 -9.05 4.89
CA LEU A 25 -17.48 -9.79 3.68
C LEU A 25 -17.69 -8.84 2.51
N VAL A 26 -17.81 -9.40 1.31
CA VAL A 26 -18.04 -8.60 0.10
C VAL A 26 -19.35 -8.97 -0.57
N ALA A 27 -19.77 -8.14 -1.52
CA ALA A 27 -21.02 -8.38 -2.24
C ALA A 27 -20.80 -8.25 -3.75
N LEU A 28 -19.66 -8.71 -4.23
CA LEU A 28 -19.34 -8.63 -5.66
C LEU A 28 -18.99 -10.01 -6.21
N ILE A 29 -18.90 -10.10 -7.52
CA ILE A 29 -18.57 -11.36 -8.18
C ILE A 29 -17.69 -11.14 -9.41
N PRO A 30 -16.93 -12.17 -9.80
CA PRO A 30 -16.04 -12.10 -10.97
C PRO A 30 -16.81 -12.06 -12.28
N TYR A 31 -16.10 -11.78 -13.37
CA TYR A 31 -16.71 -11.70 -14.69
C TYR A 31 -15.66 -11.80 -15.78
N SER A 32 -16.12 -11.81 -17.03
CA SER A 32 -15.21 -11.89 -18.18
C SER A 32 -15.00 -10.52 -18.81
N ASP A 33 -13.74 -10.20 -19.07
CA ASP A 33 -13.40 -8.91 -19.68
C ASP A 33 -13.43 -9.01 -21.21
N GLN A 34 -14.60 -8.78 -21.77
CA GLN A 34 -14.76 -8.84 -23.22
C GLN A 34 -13.87 -7.82 -23.92
N ARG A 35 -13.60 -8.04 -25.20
CA ARG A 35 -12.76 -7.15 -25.98
C ARG A 35 -13.32 -5.73 -25.96
N LEU A 36 -14.64 -5.61 -26.10
CA LEU A 36 -15.30 -4.31 -26.09
C LEU A 36 -14.92 -3.50 -24.85
N ARG A 37 -14.27 -2.36 -25.08
CA ARG A 37 -13.84 -1.50 -23.98
C ARG A 37 -12.90 -2.25 -23.03
N PRO A 38 -11.66 -2.46 -23.49
CA PRO A 38 -10.64 -3.16 -22.70
C PRO A 38 -10.16 -2.33 -21.50
N ARG A 39 -10.10 -1.02 -21.70
CA ARG A 39 -9.66 -0.12 -20.63
C ARG A 39 -10.71 -0.03 -19.52
N THR B 1 -1.92 -16.58 -14.75
CA THR B 1 -2.75 -16.85 -13.58
C THR B 1 -1.92 -16.79 -12.30
N GLY B 2 -2.57 -16.43 -11.19
CA GLY B 2 -1.88 -16.35 -9.92
C GLY B 2 -2.84 -16.26 -8.75
N ARG B 3 -2.29 -16.29 -7.53
CA ARG B 3 -3.11 -16.21 -6.33
C ARG B 3 -4.02 -14.99 -6.37
N ASP B 4 -5.02 -14.98 -5.49
CA ASP B 4 -5.96 -13.86 -5.42
C ASP B 4 -5.42 -12.76 -4.53
N SER B 5 -5.41 -11.53 -5.06
CA SER B 5 -4.92 -10.38 -4.31
C SER B 5 -5.43 -9.08 -4.92
N VAL B 6 -5.64 -8.08 -4.07
CA VAL B 6 -6.13 -6.78 -4.52
C VAL B 6 -5.05 -5.71 -4.36
N THR B 7 -5.07 -4.72 -5.26
CA THR B 7 -4.10 -3.64 -5.23
C THR B 7 -4.20 -2.85 -3.92
N CYS B 8 -3.08 -2.31 -3.48
CA CYS B 8 -3.05 -1.54 -2.25
C CYS B 8 -4.12 -0.46 -2.25
N PRO B 9 -5.11 -0.60 -1.36
CA PRO B 9 -6.22 0.35 -1.24
C PRO B 9 -5.77 1.70 -0.67
N THR B 10 -4.48 1.81 -0.40
CA THR B 10 -3.92 3.04 0.16
C THR B 10 -3.06 3.77 -0.87
N CYS B 11 -2.07 3.06 -1.40
CA CYS B 11 -1.17 3.64 -2.39
C CYS B 11 -1.60 3.25 -3.81
N GLN B 12 -2.77 2.63 -3.91
CA GLN B 12 -3.29 2.20 -5.21
C GLN B 12 -2.23 1.45 -6.00
N GLY B 13 -1.38 0.71 -5.29
CA GLY B 13 -0.32 -0.05 -5.94
C GLY B 13 0.61 0.84 -6.74
N THR B 14 0.91 2.02 -6.21
CA THR B 14 1.80 2.95 -6.88
C THR B 14 3.21 2.87 -6.32
N GLY B 15 3.32 2.84 -4.99
CA GLY B 15 4.61 2.76 -4.35
C GLY B 15 5.08 4.09 -3.80
N ARG B 16 4.23 4.71 -2.98
CA ARG B 16 4.55 6.01 -2.39
C ARG B 16 3.62 6.31 -1.23
N ILE B 17 4.19 6.46 -0.03
CA ILE B 17 3.41 6.76 1.16
C ILE B 17 4.12 7.78 2.03
N PRO B 18 3.33 8.54 2.80
CA PRO B 18 3.85 9.58 3.71
C PRO B 18 4.61 8.98 4.89
N ARG B 19 5.83 9.46 5.11
CA ARG B 19 6.65 8.98 6.21
C ARG B 19 5.88 9.01 7.53
N GLY B 20 6.43 8.36 8.55
CA GLY B 20 5.79 8.33 9.84
C GLY B 20 6.57 9.05 10.91
N GLN B 21 7.26 10.12 10.51
CA GLN B 21 8.06 10.91 11.44
C GLN B 21 7.19 11.53 12.52
N GLU B 22 6.00 11.99 12.13
CA GLU B 22 5.07 12.60 13.07
C GLU B 22 4.79 11.66 14.24
N ASN B 23 4.59 10.38 13.95
CA ASN B 23 4.30 9.39 14.97
C ASN B 23 5.59 8.99 15.71
N GLN B 24 6.65 8.75 14.95
CA GLN B 24 7.93 8.37 15.52
C GLN B 24 9.08 8.95 14.72
N LEU B 25 9.88 9.81 15.36
CA LEU B 25 11.01 10.43 14.71
C LEU B 25 11.97 9.39 14.16
N VAL B 26 12.94 9.84 13.36
CA VAL B 26 13.93 8.95 12.78
C VAL B 26 15.34 9.30 13.23
N ALA B 27 16.29 8.40 12.98
CA ALA B 27 17.67 8.62 13.36
C ALA B 27 18.62 8.30 12.20
N LEU B 28 18.19 8.64 11.00
CA LEU B 28 19.00 8.38 9.80
C LEU B 28 19.23 9.67 9.01
N ILE B 29 20.12 9.61 8.04
CA ILE B 29 20.44 10.76 7.20
C ILE B 29 20.73 10.35 5.77
N PRO B 30 20.54 11.28 4.83
CA PRO B 30 20.79 11.04 3.41
C PRO B 30 22.28 10.89 3.09
N TYR B 31 22.57 10.45 1.87
CA TYR B 31 23.96 10.26 1.45
C TYR B 31 24.06 10.16 -0.07
N SER B 32 25.28 10.05 -0.57
CA SER B 32 25.51 9.95 -2.00
C SER B 32 25.78 8.51 -2.41
N ASP B 33 25.10 8.06 -3.47
CA ASP B 33 25.27 6.70 -3.96
C ASP B 33 26.42 6.62 -4.97
N GLN B 34 27.63 6.42 -4.47
CA GLN B 34 28.81 6.33 -5.33
C GLN B 34 28.67 5.17 -6.31
N ARG B 35 29.43 5.24 -7.40
CA ARG B 35 29.40 4.20 -8.43
C ARG B 35 29.72 2.83 -7.82
N LEU B 36 30.72 2.81 -6.94
CA LEU B 36 31.13 1.56 -6.29
C LEU B 36 29.94 0.87 -5.62
N ARG B 37 29.63 -0.33 -6.10
CA ARG B 37 28.51 -1.10 -5.55
C ARG B 37 27.20 -0.33 -5.70
N PRO B 38 26.70 -0.26 -6.94
CA PRO B 38 25.44 0.44 -7.24
C PRO B 38 24.22 -0.28 -6.67
N ARG B 39 24.27 -1.61 -6.67
CA ARG B 39 23.17 -2.42 -6.16
C ARG B 39 23.08 -2.30 -4.64
ZN ZN C . 1.04 -0.10 -1.07
N THR A 1 12.68 12.34 -5.98
CA THR A 1 12.11 12.95 -7.16
C THR A 1 10.83 13.73 -6.82
N GLY A 2 10.81 15.01 -7.15
CA GLY A 2 9.65 15.83 -6.88
C GLY A 2 9.34 15.91 -5.40
N ARG A 3 8.25 15.27 -4.99
CA ARG A 3 7.84 15.28 -3.59
C ARG A 3 8.54 14.16 -2.82
N ASP A 4 8.82 14.41 -1.54
CA ASP A 4 9.49 13.44 -0.69
C ASP A 4 8.49 12.42 -0.14
N SER A 5 8.77 11.14 -0.39
CA SER A 5 7.90 10.08 0.08
C SER A 5 8.64 8.75 0.13
N VAL A 6 8.15 7.82 0.96
CA VAL A 6 8.77 6.52 1.09
C VAL A 6 7.87 5.42 0.53
N THR A 7 8.48 4.37 -0.01
CA THR A 7 7.74 3.26 -0.58
C THR A 7 6.86 2.59 0.46
N CYS A 8 5.73 2.05 0.01
CA CYS A 8 4.80 1.38 0.91
C CYS A 8 5.52 0.33 1.76
N PRO A 9 5.59 0.59 3.08
CA PRO A 9 6.24 -0.32 4.03
C PRO A 9 5.47 -1.62 4.22
N THR A 10 4.36 -1.75 3.50
CA THR A 10 3.53 -2.94 3.59
C THR A 10 3.63 -3.78 2.32
N CYS A 11 3.35 -3.16 1.18
CA CYS A 11 3.41 -3.86 -0.11
C CYS A 11 4.73 -3.57 -0.81
N GLN A 12 5.65 -2.92 -0.10
CA GLN A 12 6.95 -2.59 -0.67
C GLN A 12 6.80 -1.94 -2.05
N GLY A 13 5.73 -1.18 -2.22
CA GLY A 13 5.48 -0.52 -3.48
C GLY A 13 5.37 -1.50 -4.64
N THR A 14 4.75 -2.64 -4.39
CA THR A 14 4.58 -3.66 -5.41
C THR A 14 3.19 -3.58 -6.04
N GLY A 15 2.16 -3.43 -5.20
CA GLY A 15 0.81 -3.34 -5.70
C GLY A 15 0.03 -4.63 -5.53
N ARG A 16 0.04 -5.18 -4.31
CA ARG A 16 -0.66 -6.41 -4.02
C ARG A 16 -0.84 -6.60 -2.52
N ILE A 17 -2.09 -6.67 -2.08
CA ILE A 17 -2.40 -6.85 -0.67
C ILE A 17 -3.54 -7.83 -0.47
N PRO A 18 -3.56 -8.50 0.70
CA PRO A 18 -4.61 -9.47 1.02
C PRO A 18 -5.97 -8.82 1.27
N ARG A 19 -6.99 -9.31 0.58
CA ARG A 19 -8.33 -8.77 0.72
C ARG A 19 -8.74 -8.70 2.19
N GLY A 20 -9.69 -7.81 2.49
CA GLY A 20 -10.16 -7.66 3.86
C GLY A 20 -11.25 -8.65 4.21
N GLN A 21 -11.96 -8.39 5.30
CA GLN A 21 -13.03 -9.27 5.75
C GLN A 21 -14.32 -8.99 4.98
N GLU A 22 -14.59 -7.71 4.73
CA GLU A 22 -15.79 -7.30 4.00
C GLU A 22 -15.56 -7.39 2.49
N ASN A 23 -14.35 -7.05 2.07
CA ASN A 23 -14.01 -7.08 0.65
C ASN A 23 -14.31 -8.45 0.05
N GLN A 24 -14.08 -9.49 0.82
CA GLN A 24 -14.32 -10.85 0.37
C GLN A 24 -15.74 -10.99 -0.19
N LEU A 25 -15.85 -11.04 -1.51
CA LEU A 25 -17.15 -11.16 -2.16
C LEU A 25 -17.00 -11.84 -3.53
N VAL A 26 -18.12 -11.97 -4.23
CA VAL A 26 -18.11 -12.60 -5.55
C VAL A 26 -17.17 -11.87 -6.50
N ALA A 27 -16.59 -12.63 -7.44
CA ALA A 27 -15.66 -12.06 -8.41
C ALA A 27 -16.00 -12.53 -9.82
N LEU A 28 -17.29 -12.57 -10.14
CA LEU A 28 -17.74 -13.00 -11.46
C LEU A 28 -17.91 -11.81 -12.39
N ILE A 29 -16.93 -11.58 -13.26
CA ILE A 29 -16.98 -10.48 -14.20
C ILE A 29 -16.22 -10.81 -15.48
N PRO A 30 -16.58 -10.13 -16.58
CA PRO A 30 -15.95 -10.35 -17.88
C PRO A 30 -14.52 -9.82 -17.92
N TYR A 31 -13.79 -10.16 -18.98
CA TYR A 31 -12.41 -9.72 -19.13
C TYR A 31 -11.96 -9.86 -20.59
N SER A 32 -10.73 -9.41 -20.86
CA SER A 32 -10.18 -9.47 -22.21
C SER A 32 -8.66 -9.43 -22.17
N ASP A 33 -8.04 -9.67 -23.31
CA ASP A 33 -6.58 -9.66 -23.42
C ASP A 33 -6.06 -8.23 -23.50
N GLN A 34 -5.75 -7.65 -22.34
CA GLN A 34 -5.24 -6.29 -22.28
C GLN A 34 -3.72 -6.27 -22.25
N ARG A 35 -3.14 -7.13 -21.42
CA ARG A 35 -1.69 -7.22 -21.29
C ARG A 35 -1.10 -8.07 -22.41
N LEU A 36 -1.30 -7.63 -23.64
CA LEU A 36 -0.79 -8.36 -24.81
C LEU A 36 -0.32 -7.39 -25.89
N ARG A 37 0.95 -7.52 -26.28
CA ARG A 37 1.52 -6.66 -27.30
C ARG A 37 2.48 -7.44 -28.20
N PRO A 38 2.76 -6.90 -29.39
CA PRO A 38 3.65 -7.53 -30.36
C PRO A 38 5.11 -7.50 -29.91
N ARG A 39 5.56 -6.35 -29.44
CA ARG A 39 6.93 -6.19 -28.97
C ARG A 39 7.15 -6.95 -27.67
N THR B 1 -4.10 -13.29 -11.81
CA THR B 1 -2.87 -14.00 -12.18
C THR B 1 -2.24 -14.69 -10.97
N GLY B 2 -2.04 -16.00 -11.10
CA GLY B 2 -1.44 -16.75 -10.01
C GLY B 2 -2.28 -16.69 -8.74
N ARG B 3 -1.77 -15.99 -7.73
CA ARG B 3 -2.47 -15.85 -6.46
C ARG B 3 -3.47 -14.71 -6.51
N ASP B 4 -4.58 -14.87 -5.79
CA ASP B 4 -5.61 -13.84 -5.74
C ASP B 4 -5.27 -12.76 -4.73
N SER B 5 -5.24 -11.51 -5.20
CA SER B 5 -4.92 -10.38 -4.33
C SER B 5 -5.44 -9.07 -4.93
N VAL B 6 -5.65 -8.08 -4.08
CA VAL B 6 -6.13 -6.78 -4.52
C VAL B 6 -5.07 -5.70 -4.36
N THR B 7 -5.09 -4.72 -5.26
CA THR B 7 -4.12 -3.64 -5.22
C THR B 7 -4.22 -2.85 -3.92
N CYS B 8 -3.08 -2.31 -3.48
CA CYS B 8 -3.05 -1.54 -2.24
C CYS B 8 -4.12 -0.45 -2.24
N PRO B 9 -5.11 -0.59 -1.36
CA PRO B 9 -6.21 0.36 -1.24
C PRO B 9 -5.76 1.70 -0.66
N THR B 10 -4.47 1.81 -0.38
CA THR B 10 -3.91 3.03 0.19
C THR B 10 -3.04 3.76 -0.84
N CYS B 11 -2.06 3.06 -1.39
CA CYS B 11 -1.17 3.64 -2.37
C CYS B 11 -1.60 3.25 -3.79
N GLN B 12 -2.77 2.63 -3.90
CA GLN B 12 -3.29 2.21 -5.19
C GLN B 12 -2.23 1.46 -5.99
N GLY B 13 -1.38 0.72 -5.28
CA GLY B 13 -0.33 -0.04 -5.94
C GLY B 13 0.61 0.84 -6.74
N THR B 14 0.90 2.02 -6.21
CA THR B 14 1.80 2.95 -6.88
C THR B 14 3.20 2.87 -6.32
N GLY B 15 3.31 2.82 -5.00
CA GLY B 15 4.61 2.74 -4.36
C GLY B 15 5.07 4.07 -3.80
N ARG B 16 4.22 4.72 -3.00
CA ARG B 16 4.54 6.00 -2.41
C ARG B 16 3.61 6.31 -1.24
N ILE B 17 4.18 6.46 -0.05
CA ILE B 17 3.41 6.76 1.14
C ILE B 17 4.12 7.79 2.02
N PRO B 18 3.33 8.55 2.79
CA PRO B 18 3.86 9.57 3.70
C PRO B 18 4.63 8.98 4.87
N ARG B 19 5.85 9.45 5.08
CA ARG B 19 6.68 8.96 6.18
C ARG B 19 5.92 9.02 7.50
N GLY B 20 6.34 8.19 8.45
CA GLY B 20 5.70 8.16 9.75
C GLY B 20 6.25 9.20 10.70
N GLN B 21 5.97 9.04 11.99
CA GLN B 21 6.45 9.97 13.01
C GLN B 21 7.90 9.68 13.37
N GLU B 22 8.25 8.40 13.42
CA GLU B 22 9.61 7.99 13.76
C GLU B 22 10.52 8.06 12.54
N ASN B 23 9.96 7.73 11.38
CA ASN B 23 10.72 7.76 10.14
C ASN B 23 11.39 9.11 9.93
N GLN B 24 10.69 10.17 10.33
CA GLN B 24 11.22 11.53 10.18
C GLN B 24 12.61 11.63 10.80
N LEU B 25 13.63 11.69 9.94
CA LEU B 25 15.01 11.80 10.41
C LEU B 25 15.86 12.56 9.40
N VAL B 26 17.16 12.67 9.69
CA VAL B 26 18.08 13.37 8.81
C VAL B 26 18.07 12.76 7.41
N ALA B 27 18.34 13.59 6.41
CA ALA B 27 18.36 13.12 5.02
C ALA B 27 19.60 13.65 4.30
N LEU B 28 20.74 13.62 4.99
CA LEU B 28 21.99 14.08 4.40
C LEU B 28 22.76 12.94 3.75
N ILE B 29 22.67 12.85 2.43
CA ILE B 29 23.36 11.80 1.68
C ILE B 29 23.77 12.29 0.30
N PRO B 30 24.80 11.64 -0.27
CA PRO B 30 25.32 12.00 -1.59
C PRO B 30 24.34 11.62 -2.71
N TYR B 31 24.62 12.12 -3.92
CA TYR B 31 23.76 11.85 -5.07
C TYR B 31 24.50 12.13 -6.37
N SER B 32 23.84 11.84 -7.49
CA SER B 32 24.43 12.07 -8.80
C SER B 32 23.36 12.21 -9.87
N ASP B 33 23.76 12.61 -11.07
CA ASP B 33 22.83 12.78 -12.18
C ASP B 33 22.48 11.44 -12.80
N GLN B 34 21.41 10.82 -12.30
CA GLN B 34 20.96 9.53 -12.81
C GLN B 34 19.89 9.71 -13.89
N ARG B 35 18.92 10.58 -13.62
CA ARG B 35 17.85 10.84 -14.57
C ARG B 35 18.28 11.83 -15.64
N LEU B 36 19.30 11.45 -16.40
CA LEU B 36 19.83 12.31 -17.46
C LEU B 36 20.24 11.48 -18.67
N ARG B 37 19.68 11.79 -19.83
CA ARG B 37 19.99 11.08 -21.06
C ARG B 37 20.03 12.04 -22.24
N PRO B 38 20.70 11.60 -23.33
CA PRO B 38 20.83 12.41 -24.55
C PRO B 38 19.50 12.55 -25.29
N ARG B 39 18.79 11.43 -25.46
CA ARG B 39 17.51 11.45 -26.15
C ARG B 39 16.44 12.15 -25.32
ZN ZN C . 1.05 -0.10 -1.03
N THR A 1 8.47 17.47 -7.62
CA THR A 1 9.49 18.05 -6.76
C THR A 1 8.88 19.02 -5.75
N GLY A 2 8.39 18.48 -4.64
CA GLY A 2 7.79 19.31 -3.62
C GLY A 2 7.92 18.71 -2.22
N ARG A 3 7.68 17.41 -2.12
CA ARG A 3 7.78 16.71 -0.84
C ARG A 3 8.31 15.30 -1.03
N ASP A 4 9.07 14.82 -0.05
CA ASP A 4 9.65 13.48 -0.11
C ASP A 4 8.58 12.43 0.18
N SER A 5 8.88 11.19 -0.21
CA SER A 5 7.94 10.08 0.00
C SER A 5 8.68 8.75 0.07
N VAL A 6 8.17 7.84 0.91
CA VAL A 6 8.79 6.53 1.07
C VAL A 6 7.89 5.44 0.51
N THR A 7 8.50 4.37 -0.01
CA THR A 7 7.75 3.26 -0.57
C THR A 7 6.86 2.62 0.47
N CYS A 8 5.73 2.06 0.02
CA CYS A 8 4.79 1.41 0.91
C CYS A 8 5.49 0.37 1.79
N PRO A 9 5.54 0.65 3.10
CA PRO A 9 6.18 -0.25 4.08
C PRO A 9 5.41 -1.54 4.27
N THR A 10 4.30 -1.69 3.53
CA THR A 10 3.47 -2.88 3.62
C THR A 10 3.59 -3.73 2.37
N CYS A 11 3.32 -3.13 1.22
CA CYS A 11 3.39 -3.83 -0.06
C CYS A 11 4.72 -3.56 -0.75
N GLN A 12 5.63 -2.90 -0.04
CA GLN A 12 6.94 -2.58 -0.58
C GLN A 12 6.82 -1.96 -1.97
N GLY A 13 5.75 -1.20 -2.17
CA GLY A 13 5.52 -0.55 -3.45
C GLY A 13 5.42 -1.56 -4.59
N THR A 14 4.78 -2.68 -4.34
CA THR A 14 4.62 -3.72 -5.34
C THR A 14 3.24 -3.64 -6.01
N GLY A 15 2.22 -3.40 -5.19
CA GLY A 15 0.87 -3.31 -5.72
C GLY A 15 0.09 -4.60 -5.56
N ARG A 16 0.10 -5.15 -4.36
CA ARG A 16 -0.60 -6.40 -4.08
C ARG A 16 -0.77 -6.60 -2.58
N ILE A 17 -2.03 -6.68 -2.15
CA ILE A 17 -2.32 -6.87 -0.73
C ILE A 17 -3.50 -7.83 -0.54
N PRO A 18 -3.53 -8.51 0.61
CA PRO A 18 -4.59 -9.47 0.94
C PRO A 18 -5.93 -8.78 1.19
N ARG A 19 -6.98 -9.32 0.59
CA ARG A 19 -8.32 -8.76 0.74
C ARG A 19 -8.66 -8.57 2.22
N GLY A 20 -9.73 -7.82 2.49
CA GLY A 20 -10.14 -7.58 3.86
C GLY A 20 -11.41 -8.32 4.23
N GLN A 21 -11.45 -9.61 3.92
CA GLN A 21 -12.61 -10.44 4.23
C GLN A 21 -12.22 -11.71 4.96
N GLU A 22 -11.21 -11.60 5.83
CA GLU A 22 -10.73 -12.74 6.59
C GLU A 22 -11.88 -13.42 7.35
N ASN A 23 -12.72 -12.60 7.97
CA ASN A 23 -13.86 -13.11 8.73
C ASN A 23 -14.83 -13.86 7.82
N GLN A 24 -15.08 -13.30 6.64
CA GLN A 24 -15.99 -13.91 5.68
C GLN A 24 -15.24 -14.84 4.74
N LEU A 25 -15.27 -16.13 5.04
CA LEU A 25 -14.59 -17.12 4.23
C LEU A 25 -15.24 -17.24 2.85
N VAL A 26 -14.43 -17.51 1.83
CA VAL A 26 -14.92 -17.65 0.47
C VAL A 26 -14.54 -19.00 -0.12
N ALA A 27 -15.42 -19.53 -0.97
CA ALA A 27 -15.17 -20.82 -1.61
C ALA A 27 -14.88 -20.65 -3.09
N LEU A 28 -13.98 -19.72 -3.40
CA LEU A 28 -13.60 -19.45 -4.79
C LEU A 28 -12.17 -19.89 -5.05
N ILE A 29 -11.97 -20.59 -6.16
CA ILE A 29 -10.65 -21.07 -6.54
C ILE A 29 -10.19 -20.46 -7.85
N PRO A 30 -8.87 -20.41 -8.05
CA PRO A 30 -8.26 -19.85 -9.27
C PRO A 30 -8.51 -20.73 -10.50
N TYR A 31 -7.88 -20.38 -11.61
CA TYR A 31 -8.04 -21.12 -12.85
C TYR A 31 -6.71 -21.22 -13.60
N SER A 32 -6.70 -21.99 -14.68
CA SER A 32 -5.50 -22.16 -15.49
C SER A 32 -5.80 -23.00 -16.73
N ASP A 33 -5.06 -22.74 -17.80
CA ASP A 33 -5.24 -23.48 -19.05
C ASP A 33 -3.94 -24.14 -19.48
N GLN A 34 -3.71 -25.35 -18.98
CA GLN A 34 -2.49 -26.09 -19.31
C GLN A 34 -2.47 -26.46 -20.79
N ARG A 35 -1.27 -26.52 -21.37
CA ARG A 35 -1.11 -26.86 -22.78
C ARG A 35 -0.44 -28.22 -22.93
N LEU A 36 -1.04 -29.24 -22.32
CA LEU A 36 -0.49 -30.59 -22.40
C LEU A 36 -1.57 -31.58 -22.84
N ARG A 37 -2.75 -31.45 -22.27
CA ARG A 37 -3.86 -32.34 -22.61
C ARG A 37 -5.20 -31.71 -22.20
N PRO A 38 -5.60 -30.64 -22.89
CA PRO A 38 -6.85 -29.93 -22.63
C PRO A 38 -8.07 -30.75 -23.01
N ARG A 39 -7.96 -31.50 -24.11
CA ARG A 39 -9.05 -32.34 -24.58
C ARG A 39 -8.65 -33.80 -24.62
N THR B 1 -0.12 -18.38 -9.60
CA THR B 1 -1.47 -18.93 -9.66
C THR B 1 -1.77 -19.79 -8.45
N GLY B 2 -2.20 -19.15 -7.37
CA GLY B 2 -2.52 -19.87 -6.15
C GLY B 2 -3.58 -19.17 -5.32
N ARG B 3 -3.44 -17.86 -5.17
CA ARG B 3 -4.38 -17.06 -4.39
C ARG B 3 -4.58 -15.69 -5.02
N ASP B 4 -5.80 -15.16 -4.90
CA ASP B 4 -6.12 -13.85 -5.45
C ASP B 4 -5.54 -12.75 -4.58
N SER B 5 -5.44 -11.55 -5.14
CA SER B 5 -4.89 -10.40 -4.41
C SER B 5 -5.42 -9.09 -4.99
N VAL B 6 -5.62 -8.10 -4.11
CA VAL B 6 -6.12 -6.80 -4.54
C VAL B 6 -5.06 -5.72 -4.39
N THR B 7 -5.09 -4.73 -5.27
CA THR B 7 -4.13 -3.64 -5.22
C THR B 7 -4.22 -2.87 -3.91
N CYS B 8 -3.09 -2.33 -3.47
CA CYS B 8 -3.04 -1.56 -2.23
C CYS B 8 -4.13 -0.49 -2.20
N PRO B 9 -5.11 -0.65 -1.30
CA PRO B 9 -6.22 0.29 -1.16
C PRO B 9 -5.77 1.63 -0.57
N THR B 10 -4.47 1.75 -0.31
CA THR B 10 -3.91 2.97 0.25
C THR B 10 -3.07 3.71 -0.77
N CYS B 11 -2.08 3.02 -1.33
CA CYS B 11 -1.19 3.62 -2.33
C CYS B 11 -1.63 3.25 -3.74
N GLN B 12 -2.81 2.62 -3.83
CA GLN B 12 -3.34 2.22 -5.13
C GLN B 12 -2.30 1.48 -5.94
N GLY B 13 -1.42 0.74 -5.26
CA GLY B 13 -0.39 0.00 -5.94
C GLY B 13 0.54 0.89 -6.73
N THR B 14 0.85 2.06 -6.20
CA THR B 14 1.72 3.02 -6.86
C THR B 14 3.15 2.92 -6.32
N GLY B 15 3.26 2.79 -5.01
CA GLY B 15 4.57 2.70 -4.38
C GLY B 15 5.05 4.02 -3.84
N ARG B 16 4.20 4.69 -3.06
CA ARG B 16 4.54 5.98 -2.47
C ARG B 16 3.61 6.31 -1.32
N ILE B 17 4.19 6.46 -0.13
CA ILE B 17 3.41 6.78 1.06
C ILE B 17 4.15 7.79 1.94
N PRO B 18 3.37 8.57 2.72
CA PRO B 18 3.92 9.58 3.62
C PRO B 18 4.67 8.96 4.80
N ARG B 19 5.86 9.48 5.08
CA ARG B 19 6.67 8.98 6.18
C ARG B 19 5.86 8.93 7.48
N GLY B 20 6.39 8.24 8.48
CA GLY B 20 5.70 8.13 9.76
C GLY B 20 6.36 8.95 10.84
N GLN B 21 6.63 10.21 10.55
CA GLN B 21 7.27 11.10 11.52
C GLN B 21 6.50 12.41 11.65
N GLU B 22 5.17 12.32 11.58
CA GLU B 22 4.31 13.49 11.70
C GLU B 22 4.62 14.26 12.97
N ASN B 23 4.78 13.54 14.07
CA ASN B 23 5.08 14.16 15.36
C ASN B 23 6.41 14.90 15.31
N GLN B 24 7.41 14.28 14.69
CA GLN B 24 8.73 14.87 14.57
C GLN B 24 8.85 15.70 13.30
N LEU B 25 8.66 17.00 13.43
CA LEU B 25 8.75 17.91 12.29
C LEU B 25 10.18 17.96 11.73
N VAL B 26 10.29 18.13 10.42
CA VAL B 26 11.60 18.20 9.78
C VAL B 26 11.73 19.49 8.97
N ALA B 27 12.95 20.02 8.92
CA ALA B 27 13.21 21.24 8.17
C ALA B 27 14.02 20.95 6.92
N LEU B 28 13.60 19.94 6.16
CA LEU B 28 14.29 19.55 4.93
C LEU B 28 13.45 19.88 3.71
N ILE B 29 14.07 20.48 2.71
CA ILE B 29 13.38 20.86 1.49
C ILE B 29 13.97 20.12 0.28
N PRO B 30 13.14 19.96 -0.77
CA PRO B 30 13.56 19.29 -2.00
C PRO B 30 14.58 20.09 -2.79
N TYR B 31 14.90 19.63 -3.99
CA TYR B 31 15.86 20.30 -4.85
C TYR B 31 15.43 20.25 -6.32
N SER B 32 16.18 20.95 -7.17
CA SER B 32 15.86 20.97 -8.60
C SER B 32 16.93 21.76 -9.36
N ASP B 33 17.16 21.37 -10.61
CA ASP B 33 18.14 22.03 -11.45
C ASP B 33 17.50 22.57 -12.73
N GLN B 34 16.97 23.78 -12.65
CA GLN B 34 16.32 24.40 -13.81
C GLN B 34 17.33 24.68 -14.92
N ARG B 35 16.87 24.60 -16.16
CA ARG B 35 17.74 24.84 -17.31
C ARG B 35 17.35 26.13 -18.02
N LEU B 36 17.33 27.22 -17.29
CA LEU B 36 16.97 28.53 -17.85
C LEU B 36 18.03 29.57 -17.52
N ARG B 37 18.49 29.57 -16.27
CA ARG B 37 19.50 30.52 -15.83
C ARG B 37 20.18 30.04 -14.56
N PRO B 38 20.97 28.97 -14.68
CA PRO B 38 21.69 28.38 -13.54
C PRO B 38 22.82 29.28 -13.04
N ARG B 39 23.49 29.93 -13.98
CA ARG B 39 24.59 30.82 -13.64
C ARG B 39 24.30 32.25 -14.10
ZN ZN C . 1.02 -0.11 -1.03
N THR A 1 10.94 22.97 -6.24
CA THR A 1 9.94 21.97 -5.90
C THR A 1 10.56 20.58 -5.78
N GLY A 2 10.01 19.77 -4.89
CA GLY A 2 10.53 18.42 -4.69
C GLY A 2 9.60 17.57 -3.85
N ARG A 3 9.17 16.44 -4.41
CA ARG A 3 8.26 15.54 -3.70
C ARG A 3 9.06 14.49 -2.91
N ASP A 4 8.77 14.39 -1.63
CA ASP A 4 9.45 13.44 -0.76
C ASP A 4 8.46 12.42 -0.19
N SER A 5 8.76 11.14 -0.39
CA SER A 5 7.89 10.08 0.11
C SER A 5 8.64 8.75 0.14
N VAL A 6 8.15 7.82 0.97
CA VAL A 6 8.77 6.51 1.09
C VAL A 6 7.87 5.42 0.53
N THR A 7 8.49 4.38 -0.02
CA THR A 7 7.74 3.27 -0.59
C THR A 7 6.87 2.59 0.46
N CYS A 8 5.74 2.05 0.01
CA CYS A 8 4.80 1.38 0.91
C CYS A 8 5.53 0.34 1.75
N PRO A 9 5.59 0.59 3.08
CA PRO A 9 6.25 -0.31 4.02
C PRO A 9 5.48 -1.61 4.21
N THR A 10 4.38 -1.75 3.49
CA THR A 10 3.56 -2.95 3.58
C THR A 10 3.64 -3.79 2.32
N CYS A 11 3.36 -3.17 1.18
CA CYS A 11 3.41 -3.86 -0.11
C CYS A 11 4.74 -3.56 -0.82
N GLN A 12 5.66 -2.91 -0.11
CA GLN A 12 6.96 -2.57 -0.68
C GLN A 12 6.79 -1.93 -2.05
N GLY A 13 5.71 -1.17 -2.22
CA GLY A 13 5.47 -0.51 -3.49
C GLY A 13 5.35 -1.48 -4.65
N THR A 14 4.73 -2.63 -4.38
CA THR A 14 4.55 -3.65 -5.42
C THR A 14 3.17 -3.56 -6.05
N GLY A 15 2.15 -3.44 -5.20
CA GLY A 15 0.79 -3.35 -5.70
C GLY A 15 0.02 -4.64 -5.52
N ARG A 16 0.04 -5.19 -4.32
CA ARG A 16 -0.66 -6.43 -4.01
C ARG A 16 -0.84 -6.61 -2.51
N ILE A 17 -2.10 -6.67 -2.08
CA ILE A 17 -2.40 -6.84 -0.66
C ILE A 17 -3.57 -7.80 -0.47
N PRO A 18 -3.61 -8.46 0.69
CA PRO A 18 -4.66 -9.43 1.04
C PRO A 18 -6.00 -8.75 1.27
N ARG A 19 -7.04 -9.25 0.61
CA ARG A 19 -8.38 -8.70 0.75
C ARG A 19 -8.77 -8.59 2.22
N GLY A 20 -9.86 -7.86 2.49
CA GLY A 20 -10.32 -7.71 3.85
C GLY A 20 -11.81 -7.97 4.00
N GLN A 21 -12.59 -6.91 4.19
CA GLN A 21 -14.03 -7.04 4.34
C GLN A 21 -14.67 -7.52 3.04
N GLU A 22 -14.16 -7.04 1.92
CA GLU A 22 -14.69 -7.41 0.62
C GLU A 22 -14.66 -8.93 0.43
N ASN A 23 -13.61 -9.56 0.94
CA ASN A 23 -13.45 -11.01 0.84
C ASN A 23 -14.70 -11.72 1.34
N GLN A 24 -15.20 -11.29 2.50
CA GLN A 24 -16.38 -11.89 3.10
C GLN A 24 -17.65 -11.42 2.39
N LEU A 25 -17.87 -11.92 1.18
CA LEU A 25 -19.04 -11.54 0.39
C LEU A 25 -19.16 -12.40 -0.86
N VAL A 26 -20.31 -13.04 -1.03
CA VAL A 26 -20.56 -13.89 -2.18
C VAL A 26 -20.32 -13.12 -3.48
N ALA A 27 -19.56 -13.72 -4.39
CA ALA A 27 -19.26 -13.10 -5.68
C ALA A 27 -19.58 -14.04 -6.83
N LEU A 28 -20.82 -14.49 -6.90
CA LEU A 28 -21.25 -15.41 -7.95
C LEU A 28 -21.54 -14.64 -9.24
N ILE A 29 -20.49 -14.40 -10.02
CA ILE A 29 -20.63 -13.69 -11.28
C ILE A 29 -19.62 -14.21 -12.31
N PRO A 30 -19.96 -14.01 -13.60
CA PRO A 30 -19.10 -14.44 -14.71
C PRO A 30 -17.81 -13.62 -14.81
N TYR A 31 -16.99 -13.95 -15.79
CA TYR A 31 -15.72 -13.24 -15.99
C TYR A 31 -15.22 -13.43 -17.42
N SER A 32 -13.99 -12.97 -17.67
CA SER A 32 -13.39 -13.08 -19.00
C SER A 32 -11.99 -12.48 -19.01
N ASP A 33 -11.14 -13.01 -19.87
CA ASP A 33 -9.77 -12.53 -19.99
C ASP A 33 -9.73 -11.12 -20.59
N GLN A 34 -9.63 -10.12 -19.73
CA GLN A 34 -9.58 -8.73 -20.18
C GLN A 34 -8.16 -8.19 -20.14
N ARG A 35 -7.73 -7.60 -21.26
CA ARG A 35 -6.39 -7.04 -21.35
C ARG A 35 -6.44 -5.58 -21.78
N LEU A 36 -6.90 -4.72 -20.87
CA LEU A 36 -7.01 -3.29 -21.15
C LEU A 36 -6.75 -2.47 -19.89
N ARG A 37 -5.71 -1.65 -19.92
CA ARG A 37 -5.37 -0.81 -18.78
C ARG A 37 -5.24 -1.64 -17.51
N PRO A 38 -4.15 -2.42 -17.41
CA PRO A 38 -3.90 -3.28 -16.25
C PRO A 38 -3.55 -2.48 -15.01
N ARG A 39 -2.64 -1.53 -15.15
CA ARG A 39 -2.23 -0.68 -14.03
C ARG A 39 -3.40 0.14 -13.50
N THR B 1 -3.28 -23.94 -9.70
CA THR B 1 -2.75 -22.88 -8.86
C THR B 1 -3.20 -21.51 -9.35
N GLY B 2 -3.38 -20.58 -8.41
CA GLY B 2 -3.81 -19.25 -8.76
C GLY B 2 -3.72 -18.27 -7.61
N ARG B 3 -2.95 -17.20 -7.80
CA ARG B 3 -2.77 -16.20 -6.76
C ARG B 3 -3.82 -15.11 -6.87
N ASP B 4 -4.54 -14.87 -5.77
CA ASP B 4 -5.57 -13.85 -5.75
C ASP B 4 -5.25 -12.76 -4.72
N SER B 5 -5.25 -11.51 -5.18
CA SER B 5 -4.94 -10.38 -4.31
C SER B 5 -5.45 -9.08 -4.93
N VAL B 6 -5.66 -8.08 -4.08
CA VAL B 6 -6.14 -6.78 -4.53
C VAL B 6 -5.06 -5.71 -4.37
N THR B 7 -5.08 -4.73 -5.27
CA THR B 7 -4.10 -3.64 -5.23
C THR B 7 -4.20 -2.85 -3.93
N CYS B 8 -3.08 -2.32 -3.48
CA CYS B 8 -3.05 -1.54 -2.24
C CYS B 8 -4.12 -0.46 -2.25
N PRO B 9 -5.12 -0.60 -1.37
CA PRO B 9 -6.22 0.35 -1.24
C PRO B 9 -5.77 1.69 -0.67
N THR B 10 -4.48 1.80 -0.39
CA THR B 10 -3.92 3.03 0.16
C THR B 10 -3.06 3.76 -0.86
N CYS B 11 -2.06 3.05 -1.40
CA CYS B 11 -1.17 3.63 -2.39
C CYS B 11 -1.59 3.24 -3.80
N GLN B 12 -2.76 2.62 -3.92
CA GLN B 12 -3.28 2.20 -5.20
C GLN B 12 -2.22 1.44 -5.99
N GLY B 13 -1.37 0.71 -5.28
CA GLY B 13 -0.32 -0.05 -5.94
C GLY B 13 0.62 0.83 -6.73
N THR B 14 0.91 2.01 -6.21
CA THR B 14 1.80 2.96 -6.88
C THR B 14 3.22 2.87 -6.31
N GLY B 15 3.33 2.84 -4.98
CA GLY B 15 4.62 2.76 -4.34
C GLY B 15 5.09 4.09 -3.79
N ARG B 16 4.22 4.72 -3.00
CA ARG B 16 4.54 6.02 -2.41
C ARG B 16 3.61 6.32 -1.24
N ILE B 17 4.18 6.46 -0.04
CA ILE B 17 3.41 6.75 1.15
C ILE B 17 4.12 7.78 2.03
N PRO B 18 3.34 8.52 2.82
CA PRO B 18 3.87 9.55 3.72
C PRO B 18 4.63 8.93 4.90
N ARG B 19 5.85 9.41 5.13
CA ARG B 19 6.67 8.91 6.22
C ARG B 19 5.90 8.93 7.54
N GLY B 20 6.46 8.29 8.56
CA GLY B 20 5.81 8.24 9.86
C GLY B 20 6.75 8.62 10.99
N GLN B 21 7.20 7.62 11.74
CA GLN B 21 8.11 7.85 12.86
C GLN B 21 9.45 8.39 12.37
N GLU B 22 9.89 7.90 11.22
CA GLU B 22 11.16 8.33 10.64
C GLU B 22 11.18 9.85 10.46
N ASN B 23 10.04 10.43 10.11
CA ASN B 23 9.94 11.87 9.91
C ASN B 23 10.47 12.62 11.12
N GLN B 24 10.11 12.16 12.31
CA GLN B 24 10.56 12.79 13.55
C GLN B 24 12.03 12.47 13.83
N LEU B 25 12.93 13.09 13.07
CA LEU B 25 14.36 12.86 13.24
C LEU B 25 15.16 13.86 12.42
N VAL B 26 16.10 14.53 13.08
CA VAL B 26 16.94 15.52 12.41
C VAL B 26 17.62 14.91 11.18
N ALA B 27 17.53 15.61 10.05
CA ALA B 27 18.14 15.15 8.81
C ALA B 27 19.01 16.23 8.19
N LEU B 28 20.02 16.67 8.93
CA LEU B 28 20.93 17.70 8.45
C LEU B 28 21.93 17.12 7.46
N ILE B 29 21.53 17.02 6.20
CA ILE B 29 22.40 16.48 5.16
C ILE B 29 22.12 17.16 3.81
N PRO B 30 23.14 17.14 2.94
CA PRO B 30 23.02 17.74 1.60
C PRO B 30 22.08 16.97 0.69
N TYR B 31 21.92 17.46 -0.54
CA TYR B 31 21.03 16.82 -1.51
C TYR B 31 21.40 17.23 -2.93
N SER B 32 20.55 16.84 -3.88
CA SER B 32 20.78 17.17 -5.28
C SER B 32 19.66 16.64 -6.16
N ASP B 33 19.40 17.30 -7.28
CA ASP B 33 18.36 16.89 -8.20
C ASP B 33 18.72 15.58 -8.89
N GLN B 34 18.20 14.48 -8.36
CA GLN B 34 18.48 13.16 -8.93
C GLN B 34 17.29 12.66 -9.74
N ARG B 35 17.57 12.23 -10.98
CA ARG B 35 16.52 11.73 -11.86
C ARG B 35 16.86 10.32 -12.35
N LEU B 36 16.80 9.35 -11.44
CA LEU B 36 17.10 7.96 -11.79
C LEU B 36 16.24 7.00 -10.97
N ARG B 37 15.42 6.22 -11.65
CA ARG B 37 14.54 5.26 -11.00
C ARG B 37 13.72 5.94 -9.90
N PRO B 38 12.71 6.72 -10.32
CA PRO B 38 11.84 7.44 -9.40
C PRO B 38 10.91 6.50 -8.63
N ARG B 39 10.26 5.60 -9.35
CA ARG B 39 9.34 4.64 -8.74
C ARG B 39 10.08 3.73 -7.77
ZN ZN C . 1.05 -0.11 -1.04
N THR A 1 11.62 22.35 3.24
CA THR A 1 11.32 22.55 1.83
C THR A 1 11.74 21.33 1.00
N GLY A 2 10.75 20.52 0.62
CA GLY A 2 11.03 19.34 -0.17
C GLY A 2 10.41 18.09 0.41
N ARG A 3 9.10 17.94 0.23
CA ARG A 3 8.38 16.78 0.74
C ARG A 3 9.05 15.48 0.31
N ASP A 4 9.13 14.53 1.23
CA ASP A 4 9.75 13.24 0.95
C ASP A 4 8.73 12.11 1.07
N SER A 5 8.76 11.18 0.11
CA SER A 5 7.85 10.07 0.10
C SER A 5 8.60 8.73 0.14
N VAL A 6 8.12 7.81 0.96
CA VAL A 6 8.76 6.50 1.10
C VAL A 6 7.86 5.40 0.54
N THR A 7 8.49 4.37 -0.01
CA THR A 7 7.75 3.24 -0.59
C THR A 7 6.87 2.58 0.46
N CYS A 8 5.74 2.03 0.01
CA CYS A 8 4.81 1.36 0.91
C CYS A 8 5.53 0.32 1.76
N PRO A 9 5.60 0.58 3.07
CA PRO A 9 6.25 -0.33 4.02
C PRO A 9 5.48 -1.64 4.21
N THR A 10 4.37 -1.78 3.48
CA THR A 10 3.55 -2.98 3.58
C THR A 10 3.65 -3.80 2.30
N CYS A 11 3.37 -3.18 1.17
CA CYS A 11 3.43 -3.86 -0.13
C CYS A 11 4.74 -3.57 -0.84
N GLN A 12 5.66 -2.92 -0.12
CA GLN A 12 6.96 -2.58 -0.69
C GLN A 12 6.81 -1.92 -2.05
N GLY A 13 5.73 -1.17 -2.23
CA GLY A 13 5.49 -0.50 -3.49
C GLY A 13 5.37 -1.47 -4.64
N THR A 14 4.74 -2.62 -4.40
CA THR A 14 4.57 -3.63 -5.42
C THR A 14 3.18 -3.57 -6.04
N GLY A 15 2.17 -3.42 -5.20
CA GLY A 15 0.80 -3.34 -5.67
C GLY A 15 0.04 -4.64 -5.50
N ARG A 16 0.01 -5.13 -4.27
CA ARG A 16 -0.69 -6.39 -3.98
C ARG A 16 -0.87 -6.57 -2.48
N ILE A 17 -2.13 -6.66 -2.05
CA ILE A 17 -2.43 -6.83 -0.64
C ILE A 17 -3.57 -7.82 -0.44
N PRO A 18 -3.58 -8.49 0.73
CA PRO A 18 -4.62 -9.48 1.06
C PRO A 18 -5.98 -8.83 1.30
N ARG A 19 -7.00 -9.37 0.65
CA ARG A 19 -8.36 -8.85 0.79
C ARG A 19 -8.76 -8.79 2.27
N GLY A 20 -9.94 -8.21 2.52
CA GLY A 20 -10.42 -8.10 3.89
C GLY A 20 -9.70 -7.02 4.67
N GLN A 21 -10.17 -5.79 4.54
CA GLN A 21 -9.56 -4.66 5.24
C GLN A 21 -10.21 -4.45 6.60
N GLU A 22 -11.52 -4.65 6.67
CA GLU A 22 -12.26 -4.49 7.91
C GLU A 22 -12.19 -5.77 8.76
N ASN A 23 -12.24 -6.91 8.09
CA ASN A 23 -12.19 -8.20 8.77
C ASN A 23 -10.94 -8.31 9.63
N GLN A 24 -9.79 -8.03 9.03
CA GLN A 24 -8.53 -8.09 9.75
C GLN A 24 -8.57 -7.26 11.02
N LEU A 25 -8.71 -7.92 12.17
CA LEU A 25 -8.77 -7.25 13.45
C LEU A 25 -7.42 -7.34 14.18
N VAL A 26 -7.34 -6.68 15.34
CA VAL A 26 -6.12 -6.69 16.13
C VAL A 26 -6.35 -7.38 17.48
N ALA A 27 -5.30 -7.43 18.29
CA ALA A 27 -5.38 -8.06 19.60
C ALA A 27 -5.20 -7.03 20.72
N LEU A 28 -5.92 -5.92 20.61
CA LEU A 28 -5.85 -4.86 21.60
C LEU A 28 -6.70 -5.19 22.82
N ILE A 29 -6.21 -4.81 24.00
CA ILE A 29 -6.93 -5.07 25.25
C ILE A 29 -6.98 -3.82 26.11
N PRO A 30 -7.99 -3.76 27.00
CA PRO A 30 -8.17 -2.62 27.91
C PRO A 30 -7.09 -2.57 28.99
N TYR A 31 -7.24 -1.64 29.93
CA TYR A 31 -6.29 -1.48 31.01
C TYR A 31 -6.91 -0.75 32.19
N SER A 32 -6.08 -0.41 33.18
CA SER A 32 -6.57 0.28 34.37
C SER A 32 -5.41 0.58 35.32
N ASP A 33 -5.60 1.57 36.19
CA ASP A 33 -4.58 1.95 37.16
C ASP A 33 -5.08 1.76 38.59
N GLN A 34 -6.35 2.08 38.81
CA GLN A 34 -6.95 1.94 40.14
C GLN A 34 -7.28 0.49 40.43
N ARG A 35 -6.68 -0.04 41.48
CA ARG A 35 -6.91 -1.44 41.88
C ARG A 35 -7.54 -1.50 43.27
N LEU A 36 -8.45 -0.58 43.55
CA LEU A 36 -9.13 -0.55 44.84
C LEU A 36 -10.57 -1.01 44.72
N ARG A 37 -10.86 -2.20 45.24
CA ARG A 37 -12.21 -2.75 45.18
C ARG A 37 -12.42 -3.76 46.32
N PRO A 38 -13.70 -4.02 46.63
CA PRO A 38 -14.07 -4.97 47.69
C PRO A 38 -13.76 -6.41 47.32
N ARG A 39 -13.87 -6.73 46.03
CA ARG A 39 -13.59 -8.08 45.55
C ARG A 39 -12.33 -8.10 44.69
N THR B 1 -10.27 -22.44 -3.73
CA THR B 1 -9.06 -22.75 -4.48
C THR B 1 -8.71 -21.63 -5.45
N GLY B 2 -7.72 -20.83 -5.09
CA GLY B 2 -7.29 -19.72 -5.93
C GLY B 2 -7.23 -18.41 -5.18
N ARG B 3 -6.16 -18.24 -4.40
CA ARG B 3 -5.98 -17.02 -3.63
C ARG B 3 -6.09 -15.79 -4.53
N ASP B 4 -6.77 -14.76 -4.02
CA ASP B 4 -6.94 -13.52 -4.77
C ASP B 4 -6.27 -12.36 -4.06
N SER B 5 -5.59 -11.52 -4.83
CA SER B 5 -4.88 -10.36 -4.28
C SER B 5 -5.40 -9.07 -4.89
N VAL B 6 -5.62 -8.07 -4.05
CA VAL B 6 -6.12 -6.78 -4.51
C VAL B 6 -5.06 -5.70 -4.36
N THR B 7 -5.07 -4.72 -5.27
CA THR B 7 -4.11 -3.63 -5.24
C THR B 7 -4.22 -2.84 -3.94
N CYS B 8 -3.08 -2.31 -3.49
CA CYS B 8 -3.05 -1.53 -2.25
C CYS B 8 -4.13 -0.45 -2.25
N PRO B 9 -5.12 -0.60 -1.36
CA PRO B 9 -6.22 0.36 -1.24
C PRO B 9 -5.78 1.69 -0.67
N THR B 10 -4.48 1.81 -0.40
CA THR B 10 -3.92 3.04 0.15
C THR B 10 -3.06 3.77 -0.87
N CYS B 11 -2.07 3.06 -1.41
CA CYS B 11 -1.17 3.64 -2.41
C CYS B 11 -1.60 3.24 -3.81
N GLN B 12 -2.78 2.63 -3.92
CA GLN B 12 -3.29 2.20 -5.22
C GLN B 12 -2.24 1.44 -6.01
N GLY B 13 -1.38 0.71 -5.29
CA GLY B 13 -0.33 -0.05 -5.95
C GLY B 13 0.61 0.83 -6.75
N THR B 14 0.90 2.01 -6.22
CA THR B 14 1.80 2.95 -6.89
C THR B 14 3.21 2.87 -6.33
N GLY B 15 3.31 2.84 -5.00
CA GLY B 15 4.61 2.76 -4.36
C GLY B 15 5.07 4.09 -3.81
N ARG B 16 4.23 4.70 -2.96
CA ARG B 16 4.56 5.98 -2.37
C ARG B 16 3.62 6.29 -1.20
N ILE B 17 4.19 6.45 -0.01
CA ILE B 17 3.41 6.75 1.18
C ILE B 17 4.09 7.81 2.04
N PRO B 18 3.30 8.56 2.81
CA PRO B 18 3.81 9.61 3.70
C PRO B 18 4.58 9.04 4.89
N ARG B 19 5.78 9.55 5.11
CA ARG B 19 6.61 9.09 6.21
C ARG B 19 5.86 9.17 7.53
N GLY B 20 6.47 8.65 8.60
CA GLY B 20 5.84 8.67 9.90
C GLY B 20 4.72 7.65 10.02
N GLN B 21 5.08 6.42 10.36
CA GLN B 21 4.11 5.35 10.50
C GLN B 21 3.60 5.26 11.94
N GLU B 22 4.51 5.44 12.88
CA GLU B 22 4.16 5.38 14.30
C GLU B 22 3.64 6.73 14.79
N ASN B 23 4.23 7.80 14.27
CA ASN B 23 3.83 9.15 14.65
C ASN B 23 2.33 9.36 14.46
N GLN B 24 1.83 8.98 13.29
CA GLN B 24 0.42 9.13 12.97
C GLN B 24 -0.44 8.49 14.06
N LEU B 25 -1.03 9.32 14.91
CA LEU B 25 -1.88 8.84 15.99
C LEU B 25 -3.35 9.04 15.66
N VAL B 26 -4.22 8.59 16.55
CA VAL B 26 -5.66 8.72 16.36
C VAL B 26 -6.27 9.67 17.38
N ALA B 27 -7.59 9.85 17.30
CA ALA B 27 -8.30 10.73 18.22
C ALA B 27 -9.25 9.93 19.12
N LEU B 28 -8.73 8.85 19.71
CA LEU B 28 -9.53 8.02 20.59
C LEU B 28 -9.62 8.62 21.99
N ILE B 29 -10.78 8.47 22.61
CA ILE B 29 -10.99 9.00 23.96
C ILE B 29 -11.64 7.96 24.86
N PRO B 30 -11.44 8.11 26.18
CA PRO B 30 -12.00 7.19 27.18
C PRO B 30 -13.52 7.32 27.30
N TYR B 31 -14.10 6.62 28.26
CA TYR B 31 -15.54 6.67 28.48
C TYR B 31 -15.89 6.23 29.90
N SER B 32 -17.18 6.08 30.17
CA SER B 32 -17.65 5.66 31.48
C SER B 32 -19.17 5.53 31.50
N ASP B 33 -19.68 4.77 32.45
CA ASP B 33 -21.11 4.55 32.59
C ASP B 33 -21.62 5.07 33.93
N GLN B 34 -20.82 4.86 34.98
CA GLN B 34 -21.19 5.29 36.31
C GLN B 34 -20.97 6.79 36.48
N ARG B 35 -22.04 7.52 36.78
CA ARG B 35 -21.96 8.96 36.95
C ARG B 35 -22.37 9.36 38.37
N LEU B 36 -21.96 8.55 39.35
CA LEU B 36 -22.28 8.82 40.75
C LEU B 36 -21.04 9.30 41.51
N ARG B 37 -21.04 10.59 41.85
CA ARG B 37 -19.91 11.18 42.57
C ARG B 37 -20.37 12.40 43.36
N PRO B 38 -19.56 12.79 44.36
CA PRO B 38 -19.86 13.95 45.21
C PRO B 38 -19.71 15.26 44.46
N ARG B 39 -18.77 15.31 43.53
CA ARG B 39 -18.54 16.51 42.74
C ARG B 39 -18.94 16.30 41.28
ZN ZN C . 1.06 -0.11 -1.08
N THR A 1 13.75 22.17 -3.80
CA THR A 1 12.98 21.60 -2.70
C THR A 1 11.69 20.97 -3.21
N GLY A 2 11.71 19.65 -3.39
CA GLY A 2 10.54 18.94 -3.87
C GLY A 2 9.90 18.08 -2.80
N ARG A 3 8.81 17.42 -3.14
CA ARG A 3 8.10 16.55 -2.20
C ARG A 3 8.82 15.21 -2.05
N ASP A 4 8.88 14.71 -0.81
CA ASP A 4 9.54 13.45 -0.53
C ASP A 4 8.54 12.42 -0.01
N SER A 5 8.78 11.16 -0.33
CA SER A 5 7.90 10.07 0.10
C SER A 5 8.64 8.75 0.14
N VAL A 6 8.16 7.82 0.97
CA VAL A 6 8.77 6.51 1.10
C VAL A 6 7.87 5.42 0.53
N THR A 7 8.49 4.37 -0.01
CA THR A 7 7.74 3.27 -0.59
C THR A 7 6.87 2.59 0.46
N CYS A 8 5.74 2.05 0.01
CA CYS A 8 4.80 1.38 0.91
C CYS A 8 5.53 0.34 1.75
N PRO A 9 5.59 0.59 3.08
CA PRO A 9 6.25 -0.31 4.02
C PRO A 9 5.48 -1.61 4.22
N THR A 10 4.38 -1.75 3.49
CA THR A 10 3.55 -2.96 3.58
C THR A 10 3.65 -3.79 2.31
N CYS A 11 3.36 -3.17 1.17
CA CYS A 11 3.41 -3.85 -0.11
C CYS A 11 4.74 -3.56 -0.82
N GLN A 12 5.66 -2.91 -0.11
CA GLN A 12 6.96 -2.58 -0.69
C GLN A 12 6.80 -1.93 -2.05
N GLY A 13 5.72 -1.17 -2.22
CA GLY A 13 5.47 -0.51 -3.49
C GLY A 13 5.35 -1.48 -4.65
N THR A 14 4.73 -2.63 -4.38
CA THR A 14 4.55 -3.65 -5.42
C THR A 14 3.17 -3.56 -6.04
N GLY A 15 2.15 -3.43 -5.20
CA GLY A 15 0.79 -3.34 -5.69
C GLY A 15 0.02 -4.64 -5.52
N ARG A 16 0.03 -5.18 -4.30
CA ARG A 16 -0.66 -6.43 -4.01
C ARG A 16 -0.85 -6.60 -2.51
N ILE A 17 -2.10 -6.67 -2.07
CA ILE A 17 -2.41 -6.84 -0.66
C ILE A 17 -3.58 -7.81 -0.47
N PRO A 18 -3.61 -8.46 0.69
CA PRO A 18 -4.66 -9.43 1.04
C PRO A 18 -6.00 -8.75 1.27
N ARG A 19 -7.05 -9.26 0.61
CA ARG A 19 -8.39 -8.71 0.75
C ARG A 19 -8.77 -8.60 2.21
N GLY A 20 -9.87 -7.88 2.47
CA GLY A 20 -10.34 -7.72 3.84
C GLY A 20 -11.83 -7.90 3.97
N GLN A 21 -12.37 -7.58 5.14
CA GLN A 21 -13.81 -7.70 5.38
C GLN A 21 -14.42 -6.37 5.78
N GLU A 22 -13.67 -5.60 6.58
CA GLU A 22 -14.14 -4.29 7.03
C GLU A 22 -14.46 -3.38 5.85
N ASN A 23 -13.53 -3.30 4.90
CA ASN A 23 -13.71 -2.46 3.72
C ASN A 23 -14.89 -2.95 2.88
N GLN A 24 -15.03 -4.28 2.78
CA GLN A 24 -16.12 -4.87 2.01
C GLN A 24 -17.34 -5.07 2.88
N LEU A 25 -18.18 -4.05 2.96
CA LEU A 25 -19.40 -4.12 3.77
C LEU A 25 -20.64 -4.04 2.88
N VAL A 26 -21.11 -5.19 2.42
CA VAL A 26 -22.29 -5.25 1.56
C VAL A 26 -23.28 -6.28 2.08
N ALA A 27 -24.57 -6.00 1.89
CA ALA A 27 -25.62 -6.91 2.33
C ALA A 27 -26.58 -7.23 1.19
N LEU A 28 -26.04 -7.71 0.08
CA LEU A 28 -26.85 -8.05 -1.08
C LEU A 28 -26.75 -9.54 -1.39
N ILE A 29 -27.90 -10.15 -1.70
CA ILE A 29 -27.95 -11.58 -2.01
C ILE A 29 -26.93 -11.93 -3.09
N PRO A 30 -26.51 -13.21 -3.12
CA PRO A 30 -25.55 -13.71 -4.09
C PRO A 30 -26.12 -13.76 -5.51
N TYR A 31 -25.33 -14.29 -6.43
CA TYR A 31 -25.75 -14.40 -7.82
C TYR A 31 -24.96 -15.48 -8.55
N SER A 32 -25.12 -15.52 -9.87
CA SER A 32 -24.42 -16.51 -10.69
C SER A 32 -24.77 -16.34 -12.17
N ASP A 33 -23.75 -16.44 -13.02
CA ASP A 33 -23.94 -16.30 -14.46
C ASP A 33 -23.64 -17.61 -15.18
N GLN A 34 -24.66 -18.43 -15.35
CA GLN A 34 -24.50 -19.72 -16.03
C GLN A 34 -24.15 -19.51 -17.51
N ARG A 35 -22.96 -19.97 -17.89
CA ARG A 35 -22.51 -19.83 -19.27
C ARG A 35 -22.04 -21.17 -19.82
N LEU A 36 -22.89 -22.19 -19.71
CA LEU A 36 -22.56 -23.53 -20.18
C LEU A 36 -23.00 -23.71 -21.63
N ARG A 37 -22.04 -23.62 -22.55
CA ARG A 37 -22.34 -23.77 -23.98
C ARG A 37 -21.42 -24.82 -24.61
N PRO A 38 -21.84 -25.34 -25.77
CA PRO A 38 -21.07 -26.35 -26.50
C PRO A 38 -19.79 -25.79 -27.10
N ARG A 39 -19.88 -24.59 -27.66
CA ARG A 39 -18.73 -23.93 -28.27
C ARG A 39 -18.13 -22.89 -27.33
N THR B 1 -6.58 -22.94 -10.28
CA THR B 1 -6.82 -22.26 -9.02
C THR B 1 -5.53 -21.61 -8.50
N GLY B 2 -5.39 -20.32 -8.74
CA GLY B 2 -4.20 -19.60 -8.30
C GLY B 2 -4.50 -18.64 -7.16
N ARG B 3 -3.47 -17.96 -6.68
CA ARG B 3 -3.62 -17.01 -5.58
C ARG B 3 -4.20 -15.69 -6.09
N ASP B 4 -5.10 -15.11 -5.31
CA ASP B 4 -5.73 -13.84 -5.67
C ASP B 4 -5.37 -12.75 -4.68
N SER B 5 -5.28 -11.51 -5.16
CA SER B 5 -4.94 -10.38 -4.32
C SER B 5 -5.45 -9.08 -4.93
N VAL B 6 -5.66 -8.07 -4.07
CA VAL B 6 -6.14 -6.77 -4.52
C VAL B 6 -5.07 -5.70 -4.37
N THR B 7 -5.08 -4.73 -5.27
CA THR B 7 -4.10 -3.64 -5.23
C THR B 7 -4.21 -2.86 -3.93
N CYS B 8 -3.08 -2.31 -3.48
CA CYS B 8 -3.05 -1.54 -2.25
C CYS B 8 -4.12 -0.46 -2.25
N PRO B 9 -5.12 -0.60 -1.37
CA PRO B 9 -6.22 0.35 -1.24
C PRO B 9 -5.77 1.69 -0.67
N THR B 10 -4.48 1.80 -0.39
CA THR B 10 -3.92 3.03 0.16
C THR B 10 -3.06 3.76 -0.86
N CYS B 11 -2.07 3.05 -1.40
CA CYS B 11 -1.17 3.63 -2.39
C CYS B 11 -1.59 3.24 -3.80
N GLN B 12 -2.77 2.63 -3.91
CA GLN B 12 -3.29 2.20 -5.21
C GLN B 12 -2.23 1.45 -5.99
N GLY B 13 -1.38 0.71 -5.28
CA GLY B 13 -0.33 -0.05 -5.94
C GLY B 13 0.61 0.84 -6.74
N THR B 14 0.91 2.01 -6.21
CA THR B 14 1.80 2.96 -6.88
C THR B 14 3.22 2.86 -6.31
N GLY B 15 3.32 2.84 -4.99
CA GLY B 15 4.62 2.76 -4.35
C GLY B 15 5.08 4.08 -3.79
N ARG B 16 4.22 4.72 -3.00
CA ARG B 16 4.54 6.02 -2.40
C ARG B 16 3.61 6.32 -1.24
N ILE B 17 4.19 6.46 -0.04
CA ILE B 17 3.41 6.75 1.15
C ILE B 17 4.12 7.78 2.03
N PRO B 18 3.34 8.53 2.81
CA PRO B 18 3.88 9.55 3.72
C PRO B 18 4.63 8.94 4.90
N ARG B 19 5.85 9.42 5.12
CA ARG B 19 6.67 8.92 6.22
C ARG B 19 5.90 8.94 7.53
N GLY B 20 6.47 8.30 8.56
CA GLY B 20 5.82 8.26 9.85
C GLY B 20 6.79 8.49 10.99
N GLN B 21 6.33 8.28 12.23
CA GLN B 21 7.17 8.46 13.40
C GLN B 21 7.26 7.18 14.21
N GLU B 22 6.14 6.45 14.30
CA GLU B 22 6.11 5.20 15.04
C GLU B 22 7.13 4.21 14.49
N ASN B 23 7.13 4.03 13.18
CA ASN B 23 8.06 3.10 12.53
C ASN B 23 9.50 3.55 12.74
N GLN B 24 9.72 4.86 12.66
CA GLN B 24 11.06 5.41 12.84
C GLN B 24 11.34 5.72 14.31
N LEU B 25 11.82 4.73 15.03
CA LEU B 25 12.13 4.88 16.46
C LEU B 25 13.63 4.76 16.70
N VAL B 26 14.33 5.88 16.63
CA VAL B 26 15.77 5.90 16.86
C VAL B 26 16.16 7.00 17.84
N ALA B 27 17.19 6.73 18.63
CA ALA B 27 17.66 7.69 19.62
C ALA B 27 19.16 7.94 19.47
N LEU B 28 19.57 8.32 18.28
CA LEU B 28 20.98 8.59 18.00
C LEU B 28 21.19 10.05 17.63
N ILE B 29 22.23 10.66 18.20
CA ILE B 29 22.54 12.06 17.91
C ILE B 29 22.62 12.32 16.41
N PRO B 30 22.40 13.59 16.03
CA PRO B 30 22.42 14.00 14.62
C PRO B 30 23.84 13.97 14.04
N TYR B 31 23.97 14.42 12.79
CA TYR B 31 25.27 14.43 12.12
C TYR B 31 25.27 15.45 10.99
N SER B 32 26.32 15.41 10.17
CA SER B 32 26.45 16.32 9.05
C SER B 32 27.73 16.05 8.27
N ASP B 33 27.65 16.09 6.95
CA ASP B 33 28.79 15.85 6.08
C ASP B 33 29.16 17.11 5.29
N GLN B 34 30.02 17.94 5.87
CA GLN B 34 30.44 19.17 5.22
C GLN B 34 31.27 18.87 3.98
N ARG B 35 30.76 19.28 2.82
CA ARG B 35 31.45 19.06 1.55
C ARG B 35 31.57 20.36 0.77
N LEU B 36 32.12 21.39 1.40
CA LEU B 36 32.29 22.68 0.76
C LEU B 36 33.65 22.78 0.07
N ARG B 37 33.64 22.61 -1.25
CA ARG B 37 34.87 22.67 -2.03
C ARG B 37 34.73 23.65 -3.19
N PRO B 38 35.88 24.10 -3.73
CA PRO B 38 35.91 25.04 -4.84
C PRO B 38 35.42 24.42 -6.15
N ARG B 39 35.85 23.20 -6.41
CA ARG B 39 35.46 22.48 -7.62
C ARG B 39 34.34 21.49 -7.33
ZN ZN C . 1.03 -0.11 -1.05
N THR A 1 9.62 21.77 -5.16
CA THR A 1 8.24 22.16 -5.36
C THR A 1 7.29 21.09 -4.86
N GLY A 2 7.67 19.82 -5.04
CA GLY A 2 6.83 18.72 -4.61
C GLY A 2 7.16 18.28 -3.20
N ARG A 3 6.80 17.04 -2.87
CA ARG A 3 7.05 16.50 -1.54
C ARG A 3 7.61 15.09 -1.62
N ASP A 4 8.58 14.78 -0.78
CA ASP A 4 9.20 13.46 -0.76
C ASP A 4 8.24 12.42 -0.18
N SER A 5 8.58 11.15 -0.35
CA SER A 5 7.75 10.06 0.15
C SER A 5 8.53 8.75 0.16
N VAL A 6 8.08 7.81 0.99
CA VAL A 6 8.73 6.51 1.10
C VAL A 6 7.83 5.40 0.54
N THR A 7 8.47 4.38 -0.03
CA THR A 7 7.74 3.26 -0.60
C THR A 7 6.86 2.58 0.46
N CYS A 8 5.73 2.03 0.02
CA CYS A 8 4.80 1.35 0.92
C CYS A 8 5.54 0.31 1.76
N PRO A 9 5.60 0.56 3.07
CA PRO A 9 6.27 -0.35 4.02
C PRO A 9 5.51 -1.66 4.20
N THR A 10 4.40 -1.80 3.48
CA THR A 10 3.58 -3.00 3.56
C THR A 10 3.67 -3.82 2.29
N CYS A 11 3.38 -3.19 1.15
CA CYS A 11 3.43 -3.87 -0.14
C CYS A 11 4.74 -3.56 -0.86
N GLN A 12 5.66 -2.92 -0.14
CA GLN A 12 6.96 -2.57 -0.71
C GLN A 12 6.80 -1.91 -2.08
N GLY A 13 5.72 -1.16 -2.24
CA GLY A 13 5.47 -0.48 -3.51
C GLY A 13 5.36 -1.45 -4.66
N THR A 14 4.74 -2.61 -4.42
CA THR A 14 4.58 -3.62 -5.45
C THR A 14 3.20 -3.53 -6.09
N GLY A 15 2.16 -3.48 -5.26
CA GLY A 15 0.80 -3.39 -5.77
C GLY A 15 0.02 -4.67 -5.55
N ARG A 16 0.01 -5.16 -4.32
CA ARG A 16 -0.71 -6.39 -3.98
C ARG A 16 -0.86 -6.53 -2.48
N ILE A 17 -2.10 -6.68 -2.02
CA ILE A 17 -2.39 -6.84 -0.61
C ILE A 17 -3.48 -7.87 -0.37
N PRO A 18 -3.46 -8.50 0.81
CA PRO A 18 -4.44 -9.52 1.19
C PRO A 18 -5.82 -8.92 1.42
N ARG A 19 -6.82 -9.49 0.75
CA ARG A 19 -8.20 -9.01 0.89
C ARG A 19 -8.59 -8.94 2.36
N GLY A 20 -9.68 -8.20 2.64
CA GLY A 20 -10.15 -8.06 4.01
C GLY A 20 -11.55 -7.51 4.08
N GLN A 21 -12.14 -7.55 5.27
CA GLN A 21 -13.50 -7.04 5.47
C GLN A 21 -13.56 -6.11 6.67
N GLU A 22 -12.49 -5.33 6.87
CA GLU A 22 -12.43 -4.39 7.97
C GLU A 22 -13.16 -3.10 7.63
N ASN A 23 -12.63 -2.35 6.66
CA ASN A 23 -13.23 -1.10 6.24
C ASN A 23 -14.44 -1.34 5.33
N GLN A 24 -14.28 -2.27 4.40
CA GLN A 24 -15.36 -2.60 3.47
C GLN A 24 -15.86 -1.35 2.75
N LEU A 25 -15.08 -0.86 1.80
CA LEU A 25 -15.45 0.32 1.04
C LEU A 25 -14.51 0.53 -0.14
N VAL A 26 -15.01 1.20 -1.18
CA VAL A 26 -14.20 1.45 -2.37
C VAL A 26 -12.93 2.22 -2.02
N ALA A 27 -11.84 1.88 -2.67
CA ALA A 27 -10.55 2.53 -2.44
C ALA A 27 -10.00 3.12 -3.72
N LEU A 28 -10.85 3.77 -4.50
CA LEU A 28 -10.44 4.39 -5.75
C LEU A 28 -10.62 5.90 -5.71
N ILE A 29 -10.37 6.48 -4.54
CA ILE A 29 -10.49 7.92 -4.36
C ILE A 29 -9.58 8.41 -3.25
N PRO A 30 -9.22 9.71 -3.30
CA PRO A 30 -8.36 10.34 -2.30
C PRO A 30 -9.05 10.48 -0.95
N TYR A 31 -8.35 11.09 0.01
CA TYR A 31 -8.89 11.30 1.34
C TYR A 31 -10.00 12.37 1.33
N SER A 32 -10.68 12.52 2.45
CA SER A 32 -11.76 13.49 2.57
C SER A 32 -12.29 13.55 3.99
N ASP A 33 -13.02 14.61 4.31
CA ASP A 33 -13.60 14.77 5.64
C ASP A 33 -14.71 13.77 5.88
N GLN A 34 -14.35 12.60 6.41
CA GLN A 34 -15.32 11.55 6.69
C GLN A 34 -15.60 11.45 8.19
N ARG A 35 -16.86 11.57 8.56
CA ARG A 35 -17.27 11.49 9.97
C ARG A 35 -18.37 10.46 10.16
N LEU A 36 -18.10 9.23 9.77
CA LEU A 36 -19.06 8.14 9.90
C LEU A 36 -18.48 6.98 10.69
N ARG A 37 -18.88 6.87 11.96
CA ARG A 37 -18.39 5.80 12.83
C ARG A 37 -16.87 5.76 12.83
N PRO A 38 -16.24 6.79 13.43
CA PRO A 38 -14.79 6.88 13.52
C PRO A 38 -14.19 5.84 14.47
N ARG A 39 -14.79 5.70 15.65
CA ARG A 39 -14.32 4.74 16.63
C ARG A 39 -15.27 3.54 16.73
N THR B 1 -3.01 -22.53 -8.23
CA THR B 1 -1.91 -22.92 -7.36
C THR B 1 -1.53 -21.78 -6.42
N GLY B 2 -1.60 -20.55 -6.92
CA GLY B 2 -1.25 -19.40 -6.11
C GLY B 2 -2.45 -18.83 -5.38
N ARG B 3 -2.36 -17.56 -4.99
CA ARG B 3 -3.44 -16.90 -4.27
C ARG B 3 -3.72 -15.52 -4.85
N ASP B 4 -4.99 -15.17 -4.95
CA ASP B 4 -5.39 -13.87 -5.48
C ASP B 4 -5.08 -12.76 -4.49
N SER B 5 -5.13 -11.51 -4.97
CA SER B 5 -4.84 -10.37 -4.13
C SER B 5 -5.37 -9.08 -4.77
N VAL B 6 -5.60 -8.07 -3.95
CA VAL B 6 -6.10 -6.78 -4.43
C VAL B 6 -5.04 -5.69 -4.29
N THR B 7 -5.06 -4.74 -5.22
CA THR B 7 -4.11 -3.64 -5.20
C THR B 7 -4.21 -2.84 -3.90
N CYS B 8 -3.09 -2.30 -3.46
CA CYS B 8 -3.06 -1.50 -2.23
C CYS B 8 -4.13 -0.42 -2.26
N PRO B 9 -5.12 -0.55 -1.37
CA PRO B 9 -6.23 0.40 -1.26
C PRO B 9 -5.78 1.74 -0.70
N THR B 10 -4.48 1.86 -0.42
CA THR B 10 -3.94 3.09 0.13
C THR B 10 -3.06 3.81 -0.90
N CYS B 11 -2.08 3.09 -1.43
CA CYS B 11 -1.17 3.65 -2.42
C CYS B 11 -1.59 3.24 -3.83
N GLN B 12 -2.76 2.63 -3.94
CA GLN B 12 -3.28 2.19 -5.24
C GLN B 12 -2.22 1.42 -6.01
N GLY B 13 -1.37 0.69 -5.29
CA GLY B 13 -0.32 -0.08 -5.92
C GLY B 13 0.62 0.78 -6.72
N THR B 14 0.93 1.97 -6.21
CA THR B 14 1.82 2.89 -6.89
C THR B 14 3.23 2.80 -6.32
N GLY B 15 3.35 2.85 -5.00
CA GLY B 15 4.65 2.77 -4.36
C GLY B 15 5.09 4.10 -3.79
N ARG B 16 4.25 4.69 -2.95
CA ARG B 16 4.56 5.97 -2.32
C ARG B 16 3.62 6.26 -1.16
N ILE B 17 4.19 6.48 0.02
CA ILE B 17 3.39 6.76 1.21
C ILE B 17 4.05 7.84 2.06
N PRO B 18 3.23 8.57 2.82
CA PRO B 18 3.71 9.65 3.70
C PRO B 18 4.50 9.12 4.89
N ARG B 19 5.71 9.64 5.07
CA ARG B 19 6.56 9.22 6.17
C ARG B 19 5.81 9.29 7.50
N GLY B 20 6.31 8.56 8.50
CA GLY B 20 5.67 8.55 9.80
C GLY B 20 6.53 7.87 10.85
N GLN B 21 6.14 8.03 12.12
CA GLN B 21 6.87 7.44 13.23
C GLN B 21 5.92 6.71 14.18
N GLU B 22 4.90 6.09 13.63
CA GLU B 22 3.92 5.36 14.43
C GLU B 22 4.43 3.96 14.78
N ASN B 23 4.62 3.14 13.76
CA ASN B 23 5.10 1.78 13.97
C ASN B 23 6.61 1.77 14.24
N GLN B 24 7.36 2.53 13.44
CA GLN B 24 8.80 2.61 13.61
C GLN B 24 9.43 1.22 13.63
N LEU B 25 9.58 0.62 12.45
CA LEU B 25 10.16 -0.71 12.33
C LEU B 25 10.49 -1.03 10.88
N VAL B 26 11.43 -1.96 10.68
CA VAL B 26 11.84 -2.36 9.34
C VAL B 26 10.63 -2.78 8.50
N ALA B 27 10.69 -2.50 7.21
CA ALA B 27 9.60 -2.85 6.30
C ALA B 27 10.08 -3.83 5.24
N LEU B 28 10.77 -4.88 5.66
CA LEU B 28 11.28 -5.89 4.75
C LEU B 28 10.56 -7.22 4.95
N ILE B 29 9.25 -7.16 5.16
CA ILE B 29 8.45 -8.36 5.35
C ILE B 29 7.03 -8.17 4.83
N PRO B 30 6.36 -9.28 4.50
CA PRO B 30 4.99 -9.27 3.98
C PRO B 30 3.98 -8.86 5.05
N TYR B 31 2.71 -8.87 4.67
CA TYR B 31 1.63 -8.50 5.59
C TYR B 31 1.42 -9.59 6.63
N SER B 32 0.53 -9.32 7.59
CA SER B 32 0.23 -10.28 8.64
C SER B 32 -0.95 -9.80 9.49
N ASP B 33 -1.52 -10.71 10.27
CA ASP B 33 -2.64 -10.38 11.13
C ASP B 33 -2.21 -9.47 12.27
N GLN B 34 -2.24 -8.16 12.02
CA GLN B 34 -1.85 -7.18 13.02
C GLN B 34 -3.07 -6.44 13.56
N ARG B 35 -3.25 -6.48 14.87
CA ARG B 35 -4.38 -5.80 15.51
C ARG B 35 -3.90 -4.88 16.63
N LEU B 36 -2.97 -3.99 16.31
CA LEU B 36 -2.42 -3.06 17.28
C LEU B 36 -2.41 -1.64 16.72
N ARG B 37 -3.35 -0.82 17.17
CA ARG B 37 -3.45 0.57 16.72
C ARG B 37 -3.56 0.63 15.20
N PRO B 38 -4.75 0.26 14.68
CA PRO B 38 -5.00 0.26 13.24
C PRO B 38 -5.09 1.68 12.67
N ARG B 39 -5.81 2.55 13.38
CA ARG B 39 -5.97 3.93 12.94
C ARG B 39 -5.10 4.86 13.78
ZN ZN C . 1.05 -0.09 -1.05
N THR A 1 4.48 15.72 -6.57
CA THR A 1 5.88 15.56 -6.22
C THR A 1 6.42 16.79 -5.52
N GLY A 2 7.55 16.63 -4.83
CA GLY A 2 8.15 17.75 -4.12
C GLY A 2 8.61 17.37 -2.73
N ARG A 3 7.70 16.82 -1.94
CA ARG A 3 8.01 16.41 -0.58
C ARG A 3 8.67 15.03 -0.55
N ASP A 4 9.10 14.60 0.63
CA ASP A 4 9.74 13.30 0.78
C ASP A 4 8.70 12.19 0.89
N SER A 5 8.82 11.18 0.03
CA SER A 5 7.90 10.06 0.03
C SER A 5 8.64 8.73 0.08
N VAL A 6 8.16 7.81 0.91
CA VAL A 6 8.77 6.51 1.06
C VAL A 6 7.87 5.41 0.51
N THR A 7 8.49 4.36 -0.03
CA THR A 7 7.74 3.24 -0.60
C THR A 7 6.86 2.59 0.45
N CYS A 8 5.73 2.04 0.01
CA CYS A 8 4.80 1.38 0.90
C CYS A 8 5.51 0.34 1.76
N PRO A 9 5.58 0.60 3.08
CA PRO A 9 6.22 -0.29 4.03
C PRO A 9 5.45 -1.60 4.23
N THR A 10 4.33 -1.73 3.52
CA THR A 10 3.51 -2.92 3.61
C THR A 10 3.62 -3.77 2.34
N CYS A 11 3.33 -3.15 1.20
CA CYS A 11 3.39 -3.85 -0.07
C CYS A 11 4.71 -3.58 -0.79
N GLN A 12 5.63 -2.92 -0.07
CA GLN A 12 6.94 -2.60 -0.64
C GLN A 12 6.79 -1.96 -2.01
N GLY A 13 5.72 -1.21 -2.21
CA GLY A 13 5.49 -0.55 -3.48
C GLY A 13 5.38 -1.54 -4.62
N THR A 14 4.74 -2.67 -4.36
CA THR A 14 4.58 -3.71 -5.38
C THR A 14 3.19 -3.64 -6.01
N GLY A 15 2.18 -3.38 -5.18
CA GLY A 15 0.82 -3.29 -5.67
C GLY A 15 0.06 -4.59 -5.51
N ARG A 16 0.06 -5.13 -4.30
CA ARG A 16 -0.64 -6.38 -4.02
C ARG A 16 -0.82 -6.58 -2.51
N ILE A 17 -2.07 -6.65 -2.09
CA ILE A 17 -2.39 -6.84 -0.68
C ILE A 17 -3.55 -7.81 -0.50
N PRO A 18 -3.57 -8.49 0.67
CA PRO A 18 -4.63 -9.46 0.99
C PRO A 18 -5.98 -8.79 1.23
N ARG A 19 -7.01 -9.30 0.56
CA ARG A 19 -8.35 -8.75 0.70
C ARG A 19 -8.75 -8.65 2.17
N GLY A 20 -9.43 -7.57 2.53
CA GLY A 20 -9.86 -7.38 3.91
C GLY A 20 -8.69 -7.32 4.86
N GLN A 21 -8.96 -7.64 6.13
CA GLN A 21 -7.92 -7.61 7.15
C GLN A 21 -8.13 -8.73 8.17
N GLU A 22 -9.37 -8.86 8.66
CA GLU A 22 -9.71 -9.89 9.63
C GLU A 22 -9.39 -11.28 9.10
N ASN A 23 -9.63 -11.47 7.80
CA ASN A 23 -9.38 -12.76 7.16
C ASN A 23 -7.94 -13.22 7.43
N GLN A 24 -6.98 -12.33 7.17
CA GLN A 24 -5.57 -12.65 7.38
C GLN A 24 -5.34 -13.18 8.79
N LEU A 25 -4.54 -14.24 8.89
CA LEU A 25 -4.23 -14.85 10.18
C LEU A 25 -2.74 -15.09 10.33
N VAL A 26 -2.21 -14.81 11.51
CA VAL A 26 -0.79 -15.00 11.79
C VAL A 26 -0.47 -16.49 11.96
N ALA A 27 0.81 -16.82 11.81
CA ALA A 27 1.26 -18.20 11.95
C ALA A 27 2.27 -18.34 13.09
N LEU A 28 1.88 -17.87 14.27
CA LEU A 28 2.74 -17.93 15.45
C LEU A 28 3.19 -19.37 15.71
N ILE A 29 4.26 -19.52 16.47
CA ILE A 29 4.79 -20.84 16.81
C ILE A 29 5.51 -20.82 18.14
N PRO A 30 5.59 -22.00 18.79
CA PRO A 30 6.26 -22.14 20.09
C PRO A 30 7.77 -21.99 19.99
N TYR A 31 8.46 -22.21 21.09
CA TYR A 31 9.92 -22.10 21.13
C TYR A 31 10.49 -22.88 22.30
N SER A 32 11.79 -22.70 22.55
CA SER A 32 12.46 -23.38 23.64
C SER A 32 13.93 -22.98 23.71
N ASP A 33 14.41 -22.71 24.92
CA ASP A 33 15.78 -22.30 25.13
C ASP A 33 16.75 -23.42 24.74
N GLN A 34 17.33 -23.30 23.55
CA GLN A 34 18.26 -24.31 23.05
C GLN A 34 19.52 -23.65 22.52
N ARG A 35 20.65 -24.36 22.62
CA ARG A 35 21.92 -23.84 22.15
C ARG A 35 22.60 -24.84 21.21
N LEU A 36 22.08 -24.95 20.00
CA LEU A 36 22.64 -25.87 19.01
C LEU A 36 22.96 -25.14 17.70
N ARG A 37 21.94 -24.53 17.12
CA ARG A 37 22.11 -23.79 15.87
C ARG A 37 23.22 -22.75 16.00
N PRO A 38 23.75 -22.30 14.84
CA PRO A 38 24.82 -21.29 14.80
C PRO A 38 24.34 -19.92 15.24
N ARG A 39 23.16 -19.54 14.78
CA ARG A 39 22.58 -18.24 15.12
C ARG A 39 22.12 -18.21 16.57
N THR B 1 2.03 -16.49 -5.82
CA THR B 1 0.82 -16.35 -6.62
C THR B 1 -0.11 -17.53 -6.45
N GLY B 2 -1.38 -17.34 -6.82
CA GLY B 2 -2.36 -18.41 -6.68
C GLY B 2 -3.67 -17.93 -6.10
N ARG B 3 -3.61 -17.28 -4.95
CA ARG B 3 -4.80 -16.76 -4.29
C ARG B 3 -5.20 -15.40 -4.88
N ASP B 4 -6.33 -14.88 -4.43
CA ASP B 4 -6.83 -13.59 -4.90
C ASP B 4 -6.14 -12.45 -4.17
N SER B 5 -5.58 -11.52 -4.94
CA SER B 5 -4.87 -10.37 -4.36
C SER B 5 -5.40 -9.07 -4.97
N VAL B 6 -5.61 -8.08 -4.11
CA VAL B 6 -6.11 -6.77 -4.55
C VAL B 6 -5.04 -5.70 -4.39
N THR B 7 -5.06 -4.72 -5.28
CA THR B 7 -4.10 -3.62 -5.24
C THR B 7 -4.20 -2.85 -3.93
N CYS B 8 -3.07 -2.32 -3.48
CA CYS B 8 -3.04 -1.55 -2.24
C CYS B 8 -4.11 -0.47 -2.23
N PRO B 9 -5.10 -0.63 -1.34
CA PRO B 9 -6.20 0.32 -1.21
C PRO B 9 -5.75 1.66 -0.62
N THR B 10 -4.46 1.77 -0.35
CA THR B 10 -3.91 2.99 0.22
C THR B 10 -3.05 3.73 -0.81
N CYS B 11 -2.06 3.04 -1.35
CA CYS B 11 -1.17 3.63 -2.35
C CYS B 11 -1.60 3.26 -3.76
N GLN B 12 -2.77 2.64 -3.86
CA GLN B 12 -3.30 2.23 -5.16
C GLN B 12 -2.25 1.49 -5.97
N GLY B 13 -1.39 0.75 -5.27
CA GLY B 13 -0.33 0.00 -5.95
C GLY B 13 0.59 0.90 -6.74
N THR B 14 0.89 2.07 -6.20
CA THR B 14 1.77 3.02 -6.87
C THR B 14 3.18 2.95 -6.31
N GLY B 15 3.29 2.79 -5.00
CA GLY B 15 4.59 2.71 -4.37
C GLY B 15 5.05 4.05 -3.81
N ARG B 16 4.21 4.68 -3.01
CA ARG B 16 4.54 5.98 -2.43
C ARG B 16 3.60 6.29 -1.27
N ILE B 17 4.18 6.44 -0.07
CA ILE B 17 3.41 6.76 1.12
C ILE B 17 4.13 7.78 1.99
N PRO B 18 3.35 8.54 2.77
CA PRO B 18 3.89 9.57 3.67
C PRO B 18 4.64 8.98 4.85
N ARG B 19 5.86 9.45 5.07
CA ARG B 19 6.68 8.97 6.17
C ARG B 19 5.91 9.00 7.49
N GLY B 20 6.17 8.02 8.34
CA GLY B 20 5.49 7.96 9.63
C GLY B 20 4.01 7.69 9.48
N GLN B 21 3.23 8.11 10.49
CA GLN B 21 1.80 7.91 10.48
C GLN B 21 1.08 9.09 11.12
N GLU B 22 1.60 9.55 12.26
CA GLU B 22 1.00 10.67 12.97
C GLU B 22 0.86 11.88 12.05
N ASN B 23 1.85 12.10 11.20
CA ASN B 23 1.83 13.23 10.27
C ASN B 23 0.56 13.21 9.43
N GLN B 24 0.28 12.06 8.80
CA GLN B 24 -0.90 11.92 7.97
C GLN B 24 -2.16 12.32 8.73
N LEU B 25 -3.06 13.01 8.05
CA LEU B 25 -4.31 13.45 8.66
C LEU B 25 -5.51 13.06 7.80
N VAL B 26 -6.57 12.58 8.45
CA VAL B 26 -7.78 12.18 7.75
C VAL B 26 -8.58 13.39 7.29
N ALA B 27 -9.47 13.17 6.33
CA ALA B 27 -10.31 14.24 5.80
C ALA B 27 -11.79 13.95 6.03
N LEU B 28 -12.16 13.69 7.28
CA LEU B 28 -13.54 13.38 7.63
C LEU B 28 -14.48 14.47 7.11
N ILE B 29 -15.76 14.13 7.00
CA ILE B 29 -16.75 15.08 6.51
C ILE B 29 -18.13 14.77 7.10
N PRO B 30 -18.99 15.79 7.15
CA PRO B 30 -20.36 15.65 7.70
C PRO B 30 -21.25 14.83 6.79
N TYR B 31 -22.53 14.73 7.15
CA TYR B 31 -23.49 13.96 6.37
C TYR B 31 -24.91 14.42 6.66
N SER B 32 -25.88 13.66 6.17
CA SER B 32 -27.29 13.98 6.38
C SER B 32 -28.20 12.94 5.73
N ASP B 33 -29.22 12.52 6.45
CA ASP B 33 -30.17 11.53 5.94
C ASP B 33 -30.90 12.05 4.71
N GLN B 34 -30.47 11.62 3.53
CA GLN B 34 -31.08 12.05 2.28
C GLN B 34 -31.38 10.85 1.39
N ARG B 35 -32.43 10.97 0.58
CA ARG B 35 -32.83 9.90 -0.32
C ARG B 35 -32.96 10.41 -1.75
N LEU B 36 -31.83 10.65 -2.39
CA LEU B 36 -31.81 11.14 -3.77
C LEU B 36 -30.97 10.23 -4.67
N ARG B 37 -29.70 10.07 -4.31
CA ARG B 37 -28.79 9.23 -5.08
C ARG B 37 -29.36 7.83 -5.25
N PRO B 38 -28.85 7.09 -6.25
CA PRO B 38 -29.30 5.73 -6.55
C PRO B 38 -28.87 4.73 -5.47
N ARG B 39 -27.64 4.87 -5.00
CA ARG B 39 -27.11 3.98 -3.97
C ARG B 39 -27.75 4.28 -2.61
ZN ZN C . 1.04 -0.09 -1.06
N THR A 1 6.41 21.13 -6.71
CA THR A 1 7.55 20.23 -6.86
C THR A 1 7.29 18.90 -6.16
N GLY A 2 6.65 18.97 -4.99
CA GLY A 2 6.35 17.76 -4.23
C GLY A 2 7.21 17.62 -3.00
N ARG A 3 6.90 16.64 -2.16
CA ARG A 3 7.64 16.41 -0.93
C ARG A 3 8.28 15.02 -0.93
N ASP A 4 9.00 14.70 0.14
CA ASP A 4 9.64 13.41 0.26
C ASP A 4 8.63 12.31 0.57
N SER A 5 8.75 11.18 -0.11
CA SER A 5 7.84 10.07 0.09
C SER A 5 8.60 8.74 0.13
N VAL A 6 8.12 7.81 0.95
CA VAL A 6 8.76 6.51 1.09
C VAL A 6 7.86 5.40 0.53
N THR A 7 8.49 4.37 -0.02
CA THR A 7 7.75 3.25 -0.60
C THR A 7 6.87 2.58 0.45
N CYS A 8 5.74 2.03 0.01
CA CYS A 8 4.80 1.37 0.90
C CYS A 8 5.52 0.32 1.76
N PRO A 9 5.59 0.59 3.08
CA PRO A 9 6.24 -0.32 4.03
C PRO A 9 5.47 -1.62 4.22
N THR A 10 4.37 -1.76 3.49
CA THR A 10 3.54 -2.96 3.58
C THR A 10 3.64 -3.79 2.31
N CYS A 11 3.36 -3.17 1.17
CA CYS A 11 3.41 -3.85 -0.11
C CYS A 11 4.73 -3.57 -0.82
N GLN A 12 5.65 -2.93 -0.12
CA GLN A 12 6.95 -2.59 -0.68
C GLN A 12 6.81 -1.94 -2.05
N GLY A 13 5.73 -1.18 -2.22
CA GLY A 13 5.49 -0.51 -3.49
C GLY A 13 5.38 -1.49 -4.64
N THR A 14 4.75 -2.64 -4.39
CA THR A 14 4.58 -3.66 -5.41
C THR A 14 3.20 -3.57 -6.04
N GLY A 15 2.17 -3.43 -5.20
CA GLY A 15 0.81 -3.34 -5.69
C GLY A 15 0.04 -4.64 -5.53
N ARG A 16 0.01 -5.14 -4.30
CA ARG A 16 -0.70 -6.39 -4.00
C ARG A 16 -0.87 -6.57 -2.50
N ILE A 17 -2.12 -6.65 -2.07
CA ILE A 17 -2.42 -6.83 -0.65
C ILE A 17 -3.57 -7.82 -0.45
N PRO A 18 -3.57 -8.49 0.71
CA PRO A 18 -4.61 -9.48 1.05
C PRO A 18 -5.96 -8.82 1.30
N ARG A 19 -7.01 -9.43 0.76
CA ARG A 19 -8.36 -8.91 0.92
C ARG A 19 -8.68 -8.67 2.39
N GLY A 20 -9.74 -7.91 2.65
CA GLY A 20 -10.13 -7.63 4.02
C GLY A 20 -10.42 -8.88 4.82
N GLN A 21 -10.03 -8.88 6.09
CA GLN A 21 -10.24 -10.03 6.96
C GLN A 21 -11.73 -10.29 7.16
N GLU A 22 -12.49 -9.22 7.36
CA GLU A 22 -13.93 -9.32 7.57
C GLU A 22 -14.64 -9.73 6.28
N ASN A 23 -14.15 -9.20 5.16
CA ASN A 23 -14.74 -9.50 3.86
C ASN A 23 -14.50 -10.96 3.48
N GLN A 24 -13.33 -11.48 3.84
CA GLN A 24 -12.99 -12.86 3.54
C GLN A 24 -14.09 -13.82 4.01
N LEU A 25 -14.15 -14.99 3.41
CA LEU A 25 -15.14 -15.99 3.76
C LEU A 25 -15.08 -16.32 5.25
N VAL A 26 -16.16 -16.90 5.77
CA VAL A 26 -16.24 -17.27 7.17
C VAL A 26 -15.09 -18.21 7.56
N ALA A 27 -14.81 -18.30 8.85
CA ALA A 27 -13.75 -19.16 9.35
C ALA A 27 -14.29 -20.23 10.29
N LEU A 28 -15.31 -20.93 9.83
CA LEU A 28 -15.93 -21.99 10.63
C LEU A 28 -14.92 -23.09 10.96
N ILE A 29 -15.35 -24.06 11.76
CA ILE A 29 -14.48 -25.16 12.15
C ILE A 29 -13.84 -25.82 10.93
N PRO A 30 -12.68 -26.47 11.15
CA PRO A 30 -11.94 -27.15 10.08
C PRO A 30 -12.67 -28.39 9.58
N TYR A 31 -12.09 -29.04 8.58
CA TYR A 31 -12.68 -30.26 8.00
C TYR A 31 -11.75 -30.89 6.99
N SER A 32 -12.15 -32.06 6.47
CA SER A 32 -11.34 -32.77 5.49
C SER A 32 -12.09 -33.99 4.95
N ASP A 33 -12.04 -34.18 3.65
CA ASP A 33 -12.71 -35.30 3.01
C ASP A 33 -11.70 -36.36 2.56
N GLN A 34 -11.56 -37.41 3.36
CA GLN A 34 -10.63 -38.49 3.05
C GLN A 34 -10.89 -39.04 1.65
N ARG A 35 -9.82 -39.50 1.00
CA ARG A 35 -9.93 -40.06 -0.35
C ARG A 35 -9.39 -41.48 -0.40
N LEU A 36 -9.86 -42.32 0.52
CA LEU A 36 -9.42 -43.71 0.58
C LEU A 36 -10.30 -44.60 -0.29
N ARG A 37 -9.83 -44.88 -1.50
CA ARG A 37 -10.59 -45.72 -2.43
C ARG A 37 -9.66 -46.73 -3.11
N PRO A 38 -10.26 -47.79 -3.68
CA PRO A 38 -9.51 -48.83 -4.37
C PRO A 38 -8.91 -48.35 -5.69
N ARG A 39 -9.66 -47.51 -6.40
CA ARG A 39 -9.21 -46.96 -7.68
C ARG A 39 -8.79 -45.51 -7.53
N THR B 1 0.56 -21.93 -6.97
CA THR B 1 -0.10 -21.10 -7.97
C THR B 1 -0.38 -19.71 -7.43
N GLY B 2 -0.75 -19.64 -6.16
CA GLY B 2 -1.04 -18.35 -5.54
C GLY B 2 -2.53 -18.14 -5.31
N ARG B 3 -2.87 -17.08 -4.59
CA ARG B 3 -4.26 -16.77 -4.30
C ARG B 3 -4.65 -15.40 -4.86
N ASP B 4 -5.90 -15.02 -4.68
CA ASP B 4 -6.40 -13.73 -5.16
C ASP B 4 -5.87 -12.59 -4.31
N SER B 5 -5.43 -11.52 -4.97
CA SER B 5 -4.88 -10.36 -4.28
C SER B 5 -5.40 -9.07 -4.89
N VAL B 6 -5.63 -8.06 -4.05
CA VAL B 6 -6.12 -6.77 -4.52
C VAL B 6 -5.06 -5.69 -4.37
N THR B 7 -5.07 -4.72 -5.27
CA THR B 7 -4.11 -3.62 -5.25
C THR B 7 -4.20 -2.85 -3.94
N CYS B 8 -3.08 -2.31 -3.49
CA CYS B 8 -3.04 -1.53 -2.26
C CYS B 8 -4.11 -0.45 -2.25
N PRO B 9 -5.11 -0.60 -1.36
CA PRO B 9 -6.21 0.35 -1.23
C PRO B 9 -5.76 1.68 -0.65
N THR B 10 -4.47 1.80 -0.39
CA THR B 10 -3.91 3.03 0.16
C THR B 10 -3.05 3.76 -0.85
N CYS B 11 -2.06 3.05 -1.40
CA CYS B 11 -1.16 3.65 -2.39
C CYS B 11 -1.60 3.25 -3.80
N GLN B 12 -2.77 2.63 -3.91
CA GLN B 12 -3.29 2.21 -5.20
C GLN B 12 -2.24 1.46 -6.00
N GLY B 13 -1.38 0.72 -5.29
CA GLY B 13 -0.34 -0.04 -5.95
C GLY B 13 0.60 0.84 -6.75
N THR B 14 0.90 2.02 -6.22
CA THR B 14 1.80 2.96 -6.89
C THR B 14 3.20 2.88 -6.33
N GLY B 15 3.31 2.83 -5.01
CA GLY B 15 4.61 2.75 -4.37
C GLY B 15 5.07 4.08 -3.81
N ARG B 16 4.24 4.69 -2.98
CA ARG B 16 4.55 5.98 -2.38
C ARG B 16 3.62 6.30 -1.21
N ILE B 17 4.19 6.46 -0.02
CA ILE B 17 3.41 6.76 1.16
C ILE B 17 4.10 7.80 2.03
N PRO B 18 3.31 8.56 2.80
CA PRO B 18 3.83 9.60 3.69
C PRO B 18 4.57 9.02 4.88
N ARG B 19 5.72 9.61 5.20
CA ARG B 19 6.54 9.15 6.32
C ARG B 19 5.70 9.04 7.59
N GLY B 20 6.28 8.42 8.62
CA GLY B 20 5.57 8.26 9.87
C GLY B 20 5.01 9.58 10.39
N GLN B 21 3.86 9.51 11.05
CA GLN B 21 3.22 10.70 11.59
C GLN B 21 4.13 11.39 12.61
N GLU B 22 4.85 10.59 13.39
CA GLU B 22 5.75 11.13 14.40
C GLU B 22 6.93 11.85 13.74
N ASN B 23 7.44 11.27 12.66
CA ASN B 23 8.56 11.85 11.94
C ASN B 23 8.13 13.10 11.18
N GLN B 24 6.93 13.07 10.63
CA GLN B 24 6.39 14.20 9.88
C GLN B 24 6.46 15.48 10.70
N LEU B 25 6.37 16.62 10.02
CA LEU B 25 6.42 17.91 10.69
C LEU B 25 5.42 17.97 11.84
N VAL B 26 5.55 19.00 12.69
CA VAL B 26 4.66 19.17 13.81
C VAL B 26 3.20 19.12 13.39
N ALA B 27 2.31 18.91 14.35
CA ALA B 27 0.89 18.83 14.06
C ALA B 27 0.13 19.95 14.77
N LEU B 28 0.55 21.20 14.54
CA LEU B 28 -0.09 22.35 15.15
C LEU B 28 -1.58 22.39 14.83
N ILE B 29 -2.27 23.39 15.38
CA ILE B 29 -3.70 23.53 15.14
C ILE B 29 -4.02 23.52 13.65
N PRO B 30 -5.26 23.15 13.32
CA PRO B 30 -5.72 23.09 11.93
C PRO B 30 -5.86 24.47 11.30
N TYR B 31 -6.23 24.49 10.02
CA TYR B 31 -6.39 25.75 9.30
C TYR B 31 -6.98 25.51 7.91
N SER B 32 -7.28 26.59 7.21
CA SER B 32 -7.86 26.50 5.87
C SER B 32 -7.98 27.89 5.24
N ASP B 33 -7.61 27.98 3.97
CA ASP B 33 -7.68 29.24 3.24
C ASP B 33 -8.85 29.24 2.26
N GLN B 34 -9.95 29.86 2.67
CA GLN B 34 -11.14 29.93 1.83
C GLN B 34 -10.83 30.56 0.48
N ARG B 35 -11.55 30.15 -0.56
CA ARG B 35 -11.33 30.68 -1.90
C ARG B 35 -12.63 31.23 -2.48
N LEU B 36 -13.31 32.06 -1.70
CA LEU B 36 -14.57 32.66 -2.14
C LEU B 36 -14.33 33.99 -2.85
N ARG B 37 -14.37 33.96 -4.17
CA ARG B 37 -14.14 35.17 -4.97
C ARG B 37 -15.20 35.28 -6.07
N PRO B 38 -15.39 36.52 -6.57
CA PRO B 38 -16.37 36.79 -7.63
C PRO B 38 -15.95 36.20 -8.97
N ARG B 39 -14.63 36.18 -9.22
CA ARG B 39 -14.11 35.64 -10.47
C ARG B 39 -13.47 34.27 -10.24
ZN ZN C . 1.06 -0.08 -1.04
N THR A 1 13.82 20.62 -2.79
CA THR A 1 13.16 21.13 -1.60
C THR A 1 11.64 21.00 -1.73
N GLY A 2 10.98 20.64 -0.63
CA GLY A 2 9.54 20.50 -0.65
C GLY A 2 9.06 19.38 0.26
N ARG A 3 8.77 18.23 -0.34
CA ARG A 3 8.29 17.08 0.43
C ARG A 3 8.82 15.78 -0.17
N ASP A 4 9.00 14.77 0.68
CA ASP A 4 9.50 13.48 0.24
C ASP A 4 8.46 12.39 0.47
N SER A 5 8.75 11.18 -0.02
CA SER A 5 7.82 10.07 0.11
C SER A 5 8.59 8.74 0.14
N VAL A 6 8.12 7.81 0.97
CA VAL A 6 8.75 6.50 1.09
C VAL A 6 7.86 5.40 0.54
N THR A 7 8.48 4.37 -0.02
CA THR A 7 7.74 3.25 -0.60
C THR A 7 6.86 2.58 0.45
N CYS A 8 5.73 2.03 0.01
CA CYS A 8 4.80 1.36 0.91
C CYS A 8 5.53 0.32 1.76
N PRO A 9 5.60 0.57 3.07
CA PRO A 9 6.26 -0.34 4.02
C PRO A 9 5.49 -1.63 4.21
N THR A 10 4.38 -1.78 3.48
CA THR A 10 3.56 -2.98 3.56
C THR A 10 3.66 -3.81 2.29
N CYS A 11 3.37 -3.18 1.16
CA CYS A 11 3.43 -3.87 -0.13
C CYS A 11 4.74 -3.57 -0.84
N GLN A 12 5.66 -2.92 -0.13
CA GLN A 12 6.96 -2.58 -0.69
C GLN A 12 6.80 -1.92 -2.06
N GLY A 13 5.72 -1.17 -2.23
CA GLY A 13 5.47 -0.50 -3.50
C GLY A 13 5.35 -1.47 -4.66
N THR A 14 4.73 -2.62 -4.40
CA THR A 14 4.56 -3.64 -5.44
C THR A 14 3.17 -3.57 -6.05
N GLY A 15 2.16 -3.42 -5.20
CA GLY A 15 0.80 -3.34 -5.68
C GLY A 15 0.04 -4.64 -5.50
N ARG A 16 0.01 -5.13 -4.27
CA ARG A 16 -0.68 -6.39 -3.97
C ARG A 16 -0.88 -6.55 -2.47
N ILE A 17 -2.13 -6.65 -2.04
CA ILE A 17 -2.44 -6.81 -0.63
C ILE A 17 -3.56 -7.84 -0.43
N PRO A 18 -3.57 -8.48 0.74
CA PRO A 18 -4.59 -9.48 1.08
C PRO A 18 -5.97 -8.86 1.31
N ARG A 19 -6.96 -9.37 0.59
CA ARG A 19 -8.33 -8.86 0.71
C ARG A 19 -8.77 -8.82 2.16
N GLY A 20 -9.90 -8.18 2.42
CA GLY A 20 -10.42 -8.08 3.77
C GLY A 20 -11.62 -8.97 4.01
N GLN A 21 -11.37 -10.27 4.16
CA GLN A 21 -12.45 -11.23 4.38
C GLN A 21 -13.22 -10.90 5.65
N GLU A 22 -12.49 -10.48 6.69
CA GLU A 22 -13.10 -10.13 7.96
C GLU A 22 -14.10 -8.99 7.79
N ASN A 23 -13.78 -8.06 6.90
CA ASN A 23 -14.65 -6.91 6.65
C ASN A 23 -15.90 -7.34 5.88
N GLN A 24 -15.70 -8.03 4.76
CA GLN A 24 -16.81 -8.50 3.94
C GLN A 24 -16.41 -9.73 3.14
N LEU A 25 -17.42 -10.51 2.74
CA LEU A 25 -17.17 -11.73 1.96
C LEU A 25 -17.93 -11.70 0.64
N VAL A 26 -17.19 -11.74 -0.45
CA VAL A 26 -17.79 -11.72 -1.79
C VAL A 26 -17.58 -13.05 -2.51
N ALA A 27 -18.35 -13.27 -3.56
CA ALA A 27 -18.25 -14.50 -4.34
C ALA A 27 -17.97 -14.20 -5.81
N LEU A 28 -17.05 -13.29 -6.05
CA LEU A 28 -16.69 -12.91 -7.42
C LEU A 28 -15.39 -13.57 -7.85
N ILE A 29 -15.26 -13.82 -9.14
CA ILE A 29 -14.06 -14.46 -9.69
C ILE A 29 -13.68 -13.85 -11.02
N PRO A 30 -12.38 -13.96 -11.37
CA PRO A 30 -11.85 -13.43 -12.63
C PRO A 30 -12.36 -14.20 -13.85
N TYR A 31 -11.97 -13.75 -15.03
CA TYR A 31 -12.37 -14.41 -16.27
C TYR A 31 -11.27 -14.33 -17.32
N SER A 32 -11.56 -14.84 -18.52
CA SER A 32 -10.58 -14.83 -19.61
C SER A 32 -10.57 -13.47 -20.30
N ASP A 33 -9.39 -12.88 -20.39
CA ASP A 33 -9.23 -11.59 -21.05
C ASP A 33 -8.18 -11.66 -22.14
N GLN A 34 -8.59 -12.08 -23.33
CA GLN A 34 -7.69 -12.20 -24.46
C GLN A 34 -8.06 -11.21 -25.56
N ARG A 35 -7.17 -11.06 -26.54
CA ARG A 35 -7.40 -10.14 -27.65
C ARG A 35 -7.19 -10.84 -28.99
N LEU A 36 -7.95 -11.91 -29.22
CA LEU A 36 -7.84 -12.67 -30.46
C LEU A 36 -9.16 -12.65 -31.23
N ARG A 37 -9.27 -11.72 -32.16
CA ARG A 37 -10.49 -11.59 -32.96
C ARG A 37 -10.87 -12.92 -33.59
N PRO A 38 -12.16 -13.07 -33.93
CA PRO A 38 -12.68 -14.31 -34.53
C PRO A 38 -12.17 -14.50 -35.96
N ARG A 39 -12.12 -13.41 -36.72
CA ARG A 39 -11.66 -13.47 -38.10
C ARG A 39 -10.19 -13.85 -38.17
N THR B 1 -7.27 -21.30 -9.80
CA THR B 1 -7.66 -21.69 -8.45
C THR B 1 -6.50 -21.54 -7.48
N GLY B 2 -6.81 -21.07 -6.27
CA GLY B 2 -5.78 -20.88 -5.25
C GLY B 2 -6.06 -19.69 -4.36
N ARG B 3 -5.41 -18.57 -4.65
CA ARG B 3 -5.60 -17.36 -3.86
C ARG B 3 -5.51 -16.12 -4.75
N ASP B 4 -6.22 -15.06 -4.35
CA ASP B 4 -6.23 -13.82 -5.11
C ASP B 4 -5.63 -12.68 -4.29
N SER B 5 -5.45 -11.53 -4.93
CA SER B 5 -4.88 -10.37 -4.26
C SER B 5 -5.39 -9.07 -4.88
N VAL B 6 -5.62 -8.07 -4.05
CA VAL B 6 -6.11 -6.77 -4.52
C VAL B 6 -5.06 -5.70 -4.37
N THR B 7 -5.06 -4.73 -5.28
CA THR B 7 -4.10 -3.63 -5.24
C THR B 7 -4.20 -2.85 -3.93
N CYS B 8 -3.08 -2.29 -3.49
CA CYS B 8 -3.05 -1.53 -2.26
C CYS B 8 -4.13 -0.44 -2.26
N PRO B 9 -5.11 -0.59 -1.37
CA PRO B 9 -6.22 0.36 -1.25
C PRO B 9 -5.77 1.70 -0.68
N THR B 10 -4.47 1.83 -0.40
CA THR B 10 -3.93 3.05 0.14
C THR B 10 -3.05 3.77 -0.88
N CYS B 11 -2.06 3.07 -1.42
CA CYS B 11 -1.16 3.64 -2.41
C CYS B 11 -1.58 3.25 -3.82
N GLN B 12 -2.76 2.63 -3.93
CA GLN B 12 -3.28 2.21 -5.21
C GLN B 12 -2.22 1.44 -6.01
N GLY B 13 -1.37 0.72 -5.29
CA GLY B 13 -0.32 -0.05 -5.95
C GLY B 13 0.62 0.83 -6.75
N THR B 14 0.92 2.02 -6.22
CA THR B 14 1.81 2.95 -6.90
C THR B 14 3.22 2.88 -6.33
N GLY B 15 3.32 2.83 -5.01
CA GLY B 15 4.61 2.76 -4.35
C GLY B 15 5.07 4.09 -3.80
N ARG B 16 4.22 4.69 -2.96
CA ARG B 16 4.54 5.98 -2.36
C ARG B 16 3.60 6.27 -1.19
N ILE B 17 4.18 6.45 -0.01
CA ILE B 17 3.41 6.74 1.20
C ILE B 17 4.09 7.80 2.05
N PRO B 18 3.28 8.54 2.82
CA PRO B 18 3.78 9.60 3.71
C PRO B 18 4.58 9.04 4.89
N ARG B 19 5.80 9.53 5.06
CA ARG B 19 6.65 9.08 6.16
C ARG B 19 5.92 9.16 7.49
N GLY B 20 6.52 8.59 8.52
CA GLY B 20 5.92 8.60 9.85
C GLY B 20 6.63 9.54 10.79
N GLN B 21 6.39 10.85 10.62
CA GLN B 21 7.02 11.85 11.47
C GLN B 21 6.64 11.63 12.93
N GLU B 22 5.39 11.26 13.18
CA GLU B 22 4.90 11.03 14.53
C GLU B 22 5.72 9.92 15.21
N ASN B 23 6.11 8.92 14.43
CA ASN B 23 6.88 7.80 14.95
C ASN B 23 8.31 8.24 15.28
N GLN B 24 8.97 8.84 14.31
CA GLN B 24 10.35 9.30 14.48
C GLN B 24 10.65 10.47 13.56
N LEU B 25 11.66 11.26 13.92
CA LEU B 25 12.05 12.42 13.12
C LEU B 25 13.53 12.34 12.74
N VAL B 26 13.79 12.29 11.44
CA VAL B 26 15.16 12.22 10.94
C VAL B 26 15.55 13.49 10.20
N ALA B 27 16.85 13.68 10.01
CA ALA B 27 17.35 14.86 9.32
C ALA B 27 18.21 14.47 8.11
N LEU B 28 17.73 13.50 7.34
CA LEU B 28 18.45 13.04 6.16
C LEU B 28 17.86 13.63 4.89
N ILE B 29 18.71 13.82 3.89
CA ILE B 29 18.27 14.38 2.61
C ILE B 29 18.96 13.68 1.44
N PRO B 30 18.31 13.73 0.26
CA PRO B 30 18.85 13.12 -0.95
C PRO B 30 20.07 13.84 -1.48
N TYR B 31 20.65 13.32 -2.56
CA TYR B 31 21.84 13.91 -3.16
C TYR B 31 21.82 13.74 -4.68
N SER B 32 22.89 14.19 -5.33
CA SER B 32 23.00 14.09 -6.78
C SER B 32 23.50 12.71 -7.20
N ASP B 33 22.73 12.05 -8.06
CA ASP B 33 23.08 10.72 -8.54
C ASP B 33 23.16 10.69 -10.07
N GLN B 34 24.30 11.10 -10.61
CA GLN B 34 24.49 11.11 -12.06
C GLN B 34 25.55 10.11 -12.48
N ARG B 35 25.65 9.87 -13.77
CA ARG B 35 26.62 8.92 -14.31
C ARG B 35 27.43 9.55 -15.43
N LEU B 36 28.08 10.66 -15.14
CA LEU B 36 28.89 11.38 -16.12
C LEU B 36 30.36 11.43 -15.68
N ARG B 37 31.14 10.46 -16.14
CA ARG B 37 32.56 10.40 -15.80
C ARG B 37 33.24 11.74 -16.08
N PRO B 38 34.37 11.98 -15.38
CA PRO B 38 35.14 13.23 -15.54
C PRO B 38 35.84 13.31 -16.90
N ARG B 39 36.39 12.19 -17.34
CA ARG B 39 37.08 12.15 -18.62
C ARG B 39 36.10 12.38 -19.78
ZN ZN C . 1.05 -0.10 -1.08
N THR A 1 12.54 21.30 -2.88
CA THR A 1 12.81 20.34 -3.93
C THR A 1 11.73 19.26 -3.99
N GLY A 2 10.48 19.68 -3.79
CA GLY A 2 9.38 18.74 -3.82
C GLY A 2 9.15 18.07 -2.48
N ARG A 3 8.12 17.22 -2.42
CA ARG A 3 7.79 16.53 -1.18
C ARG A 3 8.39 15.12 -1.17
N ASP A 4 9.02 14.76 -0.06
CA ASP A 4 9.64 13.44 0.08
C ASP A 4 8.59 12.37 0.35
N SER A 5 8.82 11.17 -0.16
CA SER A 5 7.90 10.06 0.02
C SER A 5 8.64 8.73 0.08
N VAL A 6 8.16 7.81 0.91
CA VAL A 6 8.77 6.51 1.06
C VAL A 6 7.87 5.41 0.51
N THR A 7 8.49 4.35 -0.02
CA THR A 7 7.75 3.24 -0.59
C THR A 7 6.86 2.59 0.46
N CYS A 8 5.73 2.04 0.01
CA CYS A 8 4.79 1.37 0.91
C CYS A 8 5.51 0.34 1.77
N PRO A 9 5.57 0.60 3.09
CA PRO A 9 6.22 -0.30 4.04
C PRO A 9 5.43 -1.59 4.24
N THR A 10 4.33 -1.73 3.51
CA THR A 10 3.49 -2.93 3.61
C THR A 10 3.61 -3.77 2.34
N CYS A 11 3.32 -3.15 1.19
CA CYS A 11 3.39 -3.85 -0.08
C CYS A 11 4.71 -3.58 -0.79
N GLN A 12 5.63 -2.92 -0.07
CA GLN A 12 6.93 -2.60 -0.64
C GLN A 12 6.79 -1.96 -2.01
N GLY A 13 5.72 -1.20 -2.20
CA GLY A 13 5.48 -0.55 -3.47
C GLY A 13 5.38 -1.53 -4.62
N THR A 14 4.75 -2.67 -4.36
CA THR A 14 4.59 -3.70 -5.38
C THR A 14 3.20 -3.63 -6.00
N GLY A 15 2.19 -3.37 -5.18
CA GLY A 15 0.83 -3.28 -5.68
C GLY A 15 0.07 -4.59 -5.52
N ARG A 16 0.06 -5.13 -4.31
CA ARG A 16 -0.64 -6.38 -4.03
C ARG A 16 -0.81 -6.57 -2.52
N ILE A 17 -2.06 -6.65 -2.10
CA ILE A 17 -2.38 -6.84 -0.68
C ILE A 17 -3.54 -7.81 -0.49
N PRO A 18 -3.56 -8.48 0.66
CA PRO A 18 -4.62 -9.45 0.99
C PRO A 18 -5.96 -8.78 1.23
N ARG A 19 -7.00 -9.29 0.59
CA ARG A 19 -8.34 -8.75 0.74
C ARG A 19 -8.72 -8.63 2.21
N GLY A 20 -9.62 -7.70 2.51
CA GLY A 20 -10.06 -7.51 3.89
C GLY A 20 -8.90 -7.30 4.84
N GLN A 21 -9.18 -7.30 6.14
CA GLN A 21 -8.15 -7.10 7.14
C GLN A 21 -8.27 -8.14 8.26
N GLU A 22 -9.35 -8.06 9.02
CA GLU A 22 -9.58 -8.99 10.12
C GLU A 22 -9.57 -10.43 9.62
N ASN A 23 -10.11 -10.64 8.43
CA ASN A 23 -10.16 -11.97 7.83
C ASN A 23 -8.77 -12.61 7.81
N GLN A 24 -7.76 -11.81 7.52
CA GLN A 24 -6.39 -12.29 7.47
C GLN A 24 -6.01 -12.99 8.77
N LEU A 25 -5.68 -14.27 8.68
CA LEU A 25 -5.30 -15.06 9.85
C LEU A 25 -4.37 -16.20 9.47
N VAL A 26 -3.90 -16.93 10.47
CA VAL A 26 -3.00 -18.06 10.24
C VAL A 26 -3.60 -19.05 9.24
N ALA A 27 -2.74 -19.64 8.41
CA ALA A 27 -3.19 -20.60 7.42
C ALA A 27 -2.39 -21.91 7.52
N LEU A 28 -2.42 -22.52 8.70
CA LEU A 28 -1.70 -23.77 8.93
C LEU A 28 -2.47 -24.95 8.34
N ILE A 29 -2.02 -25.42 7.18
CA ILE A 29 -2.66 -26.56 6.52
C ILE A 29 -1.64 -27.38 5.74
N PRO A 30 -1.97 -28.66 5.51
CA PRO A 30 -1.10 -29.58 4.77
C PRO A 30 -1.03 -29.24 3.29
N TYR A 31 0.15 -28.83 2.84
CA TYR A 31 0.36 -28.47 1.44
C TYR A 31 -0.11 -29.59 0.52
N SER A 32 -0.21 -29.27 -0.77
CA SER A 32 -0.66 -30.25 -1.76
C SER A 32 0.42 -30.48 -2.82
N ASP A 33 0.24 -31.51 -3.63
CA ASP A 33 1.18 -31.84 -4.68
C ASP A 33 0.86 -31.10 -5.97
N GLN A 34 1.02 -29.79 -5.95
CA GLN A 34 0.74 -28.96 -7.12
C GLN A 34 1.52 -29.44 -8.33
N ARG A 35 0.80 -29.93 -9.34
CA ARG A 35 1.43 -30.42 -10.55
C ARG A 35 1.06 -29.55 -11.75
N LEU A 36 1.23 -28.24 -11.60
CA LEU A 36 0.91 -27.31 -12.67
C LEU A 36 2.14 -26.47 -13.04
N ARG A 37 2.60 -26.63 -14.27
CA ARG A 37 3.77 -25.89 -14.75
C ARG A 37 5.01 -26.23 -13.93
N PRO A 38 6.19 -25.97 -14.50
CA PRO A 38 7.47 -26.24 -13.84
C PRO A 38 7.72 -25.31 -12.65
N ARG A 39 7.33 -24.05 -12.80
CA ARG A 39 7.52 -23.07 -11.75
C ARG A 39 6.56 -23.33 -10.59
N THR B 1 -6.36 -21.97 -8.86
CA THR B 1 -5.78 -21.09 -9.86
C THR B 1 -4.95 -19.98 -9.21
N GLY B 2 -4.22 -20.33 -8.15
CA GLY B 2 -3.40 -19.36 -7.46
C GLY B 2 -4.18 -18.59 -6.41
N ARG B 3 -3.48 -17.70 -5.70
CA ARG B 3 -4.12 -16.90 -4.66
C ARG B 3 -4.51 -15.53 -5.19
N ASP B 4 -5.73 -15.09 -4.87
CA ASP B 4 -6.22 -13.80 -5.31
C ASP B 4 -5.65 -12.67 -4.45
N SER B 5 -5.42 -11.52 -5.08
CA SER B 5 -4.87 -10.37 -4.37
C SER B 5 -5.39 -9.07 -4.96
N VAL B 6 -5.60 -8.08 -4.11
CA VAL B 6 -6.10 -6.79 -4.55
C VAL B 6 -5.04 -5.70 -4.39
N THR B 7 -5.06 -4.72 -5.28
CA THR B 7 -4.10 -3.62 -5.24
C THR B 7 -4.20 -2.85 -3.92
N CYS B 8 -3.07 -2.31 -3.47
CA CYS B 8 -3.04 -1.55 -2.23
C CYS B 8 -4.11 -0.46 -2.21
N PRO B 9 -5.11 -0.62 -1.32
CA PRO B 9 -6.21 0.33 -1.19
C PRO B 9 -5.76 1.66 -0.60
N THR B 10 -4.47 1.78 -0.33
CA THR B 10 -3.90 3.01 0.22
C THR B 10 -3.05 3.74 -0.80
N CYS B 11 -2.06 3.04 -1.35
CA CYS B 11 -1.17 3.63 -2.35
C CYS B 11 -1.61 3.26 -3.76
N GLN B 12 -2.78 2.64 -3.86
CA GLN B 12 -3.31 2.22 -5.15
C GLN B 12 -2.26 1.48 -5.96
N GLY B 13 -1.39 0.75 -5.27
CA GLY B 13 -0.34 0.00 -5.95
C GLY B 13 0.58 0.89 -6.74
N THR B 14 0.89 2.07 -6.20
CA THR B 14 1.76 3.02 -6.87
C THR B 14 3.18 2.95 -6.32
N GLY B 15 3.28 2.79 -5.01
CA GLY B 15 4.59 2.70 -4.38
C GLY B 15 5.05 4.04 -3.83
N ARG B 16 4.21 4.67 -3.02
CA ARG B 16 4.54 5.96 -2.43
C ARG B 16 3.62 6.29 -1.27
N ILE B 17 4.19 6.44 -0.08
CA ILE B 17 3.41 6.75 1.12
C ILE B 17 4.13 7.78 1.99
N PRO B 18 3.35 8.55 2.75
CA PRO B 18 3.88 9.58 3.65
C PRO B 18 4.63 8.98 4.84
N ARG B 19 5.84 9.46 5.07
CA ARG B 19 6.66 8.98 6.18
C ARG B 19 5.88 9.00 7.49
N GLY B 20 6.30 8.19 8.45
CA GLY B 20 5.63 8.13 9.74
C GLY B 20 4.16 7.83 9.60
N GLN B 21 3.42 7.97 10.70
CA GLN B 21 1.99 7.71 10.70
C GLN B 21 1.22 8.85 11.34
N GLU B 22 1.47 9.09 12.63
CA GLU B 22 0.81 10.16 13.36
C GLU B 22 0.95 11.49 12.62
N ASN B 23 2.11 11.69 12.00
CA ASN B 23 2.38 12.92 11.26
C ASN B 23 1.27 13.20 10.25
N GLN B 24 0.76 12.14 9.63
CA GLN B 24 -0.30 12.27 8.63
C GLN B 24 -1.47 13.05 9.19
N LEU B 25 -1.81 14.15 8.52
CA LEU B 25 -2.92 14.99 8.96
C LEU B 25 -3.58 15.68 7.77
N VAL B 26 -4.64 16.44 8.04
CA VAL B 26 -5.36 17.15 6.99
C VAL B 26 -4.41 17.98 6.14
N ALA B 27 -4.70 18.06 4.84
CA ALA B 27 -3.87 18.83 3.93
C ALA B 27 -4.72 19.81 3.11
N LEU B 28 -5.40 20.71 3.80
CA LEU B 28 -6.23 21.71 3.15
C LEU B 28 -5.40 22.82 2.53
N ILE B 29 -5.21 22.76 1.22
CA ILE B 29 -4.44 23.76 0.50
C ILE B 29 -4.98 23.98 -0.90
N PRO B 30 -4.70 25.16 -1.47
CA PRO B 30 -5.13 25.52 -2.82
C PRO B 30 -4.40 24.73 -3.90
N TYR B 31 -5.14 23.87 -4.60
CA TYR B 31 -4.56 23.06 -5.66
C TYR B 31 -3.80 23.92 -6.66
N SER B 32 -3.03 23.28 -7.52
CA SER B 32 -2.24 23.98 -8.53
C SER B 32 -2.65 23.56 -9.94
N ASP B 33 -2.17 24.29 -10.93
CA ASP B 33 -2.49 23.99 -12.33
C ASP B 33 -1.49 22.99 -12.92
N GLN B 34 -1.54 21.76 -12.41
CA GLN B 34 -0.65 20.72 -12.88
C GLN B 34 -0.75 20.54 -14.39
N ARG B 35 0.34 20.84 -15.10
CA ARG B 35 0.37 20.72 -16.55
C ARG B 35 1.34 19.64 -16.99
N LEU B 36 1.23 18.46 -16.39
CA LEU B 36 2.09 17.33 -16.71
C LEU B 36 1.29 16.14 -17.18
N ARG B 37 1.49 15.74 -18.44
CA ARG B 37 0.77 14.60 -19.00
C ARG B 37 -0.73 14.84 -19.01
N PRO B 38 -1.45 14.09 -19.85
CA PRO B 38 -2.91 14.22 -19.98
C PRO B 38 -3.64 13.70 -18.74
N ARG B 39 -3.12 12.61 -18.17
CA ARG B 39 -3.73 12.02 -16.99
C ARG B 39 -3.51 12.90 -15.76
ZN ZN C . 1.02 -0.09 -1.06
N THR A 1 8.48 23.34 -5.22
CA THR A 1 8.45 22.76 -3.89
C THR A 1 8.61 21.24 -3.95
N GLY A 2 9.67 20.74 -3.31
CA GLY A 2 9.90 19.31 -3.30
C GLY A 2 9.13 18.59 -2.22
N ARG A 3 8.82 17.32 -2.46
CA ARG A 3 8.06 16.52 -1.49
C ARG A 3 8.60 15.10 -1.43
N ASP A 4 9.28 14.78 -0.32
CA ASP A 4 9.84 13.46 -0.13
C ASP A 4 8.74 12.42 0.08
N SER A 5 9.04 11.17 -0.26
CA SER A 5 8.07 10.09 -0.12
C SER A 5 8.78 8.74 0.04
N VAL A 6 8.22 7.88 0.87
CA VAL A 6 8.79 6.55 1.10
C VAL A 6 7.90 5.45 0.54
N THR A 7 8.52 4.37 0.10
CA THR A 7 7.79 3.25 -0.47
C THR A 7 6.85 2.62 0.55
N CYS A 8 5.75 2.06 0.07
CA CYS A 8 4.77 1.43 0.95
C CYS A 8 5.43 0.40 1.85
N PRO A 9 5.45 0.69 3.17
CA PRO A 9 6.05 -0.19 4.16
C PRO A 9 5.24 -1.47 4.36
N THR A 10 4.16 -1.60 3.60
CA THR A 10 3.30 -2.79 3.70
C THR A 10 3.43 -3.65 2.45
N CYS A 11 3.19 -3.04 1.28
CA CYS A 11 3.28 -3.77 0.02
C CYS A 11 4.65 -3.56 -0.64
N GLN A 12 5.56 -2.91 0.10
CA GLN A 12 6.89 -2.64 -0.41
C GLN A 12 6.84 -2.05 -1.81
N GLY A 13 5.81 -1.24 -2.07
CA GLY A 13 5.66 -0.62 -3.37
C GLY A 13 5.58 -1.64 -4.49
N THR A 14 4.94 -2.77 -4.22
CA THR A 14 4.80 -3.83 -5.21
C THR A 14 3.47 -3.72 -5.95
N GLY A 15 2.42 -3.37 -5.21
CA GLY A 15 1.10 -3.24 -5.82
C GLY A 15 0.28 -4.50 -5.69
N ARG A 16 0.23 -5.06 -4.49
CA ARG A 16 -0.53 -6.28 -4.24
C ARG A 16 -0.66 -6.54 -2.74
N ILE A 17 -1.90 -6.66 -2.27
CA ILE A 17 -2.16 -6.90 -0.86
C ILE A 17 -3.33 -7.86 -0.68
N PRO A 18 -3.33 -8.59 0.44
CA PRO A 18 -4.38 -9.56 0.76
C PRO A 18 -5.71 -8.88 1.08
N ARG A 19 -6.78 -9.37 0.46
CA ARG A 19 -8.11 -8.81 0.67
C ARG A 19 -8.42 -8.71 2.16
N GLY A 20 -8.54 -7.47 2.65
CA GLY A 20 -8.84 -7.26 4.06
C GLY A 20 -7.81 -7.89 4.96
N GLN A 21 -8.26 -8.62 5.96
CA GLN A 21 -7.37 -9.28 6.91
C GLN A 21 -7.79 -10.72 7.16
N GLU A 22 -8.19 -11.41 6.09
CA GLU A 22 -8.61 -12.79 6.18
C GLU A 22 -7.57 -13.65 6.90
N ASN A 23 -6.30 -13.33 6.67
CA ASN A 23 -5.20 -14.06 7.30
C ASN A 23 -5.37 -14.11 8.81
N GLN A 24 -5.89 -13.03 9.37
CA GLN A 24 -6.11 -12.96 10.81
C GLN A 24 -7.26 -13.86 11.24
N LEU A 25 -7.34 -14.16 12.53
CA LEU A 25 -8.40 -15.01 13.07
C LEU A 25 -9.77 -14.51 12.64
N VAL A 26 -10.45 -15.27 11.79
CA VAL A 26 -11.77 -14.89 11.31
C VAL A 26 -12.79 -15.98 11.63
N ALA A 27 -14.04 -15.75 11.22
CA ALA A 27 -15.11 -16.71 11.46
C ALA A 27 -14.72 -18.10 10.98
N LEU A 28 -14.06 -18.16 9.82
CA LEU A 28 -13.63 -19.43 9.25
C LEU A 28 -14.80 -20.40 9.14
N ILE A 29 -15.88 -19.96 8.52
CA ILE A 29 -17.06 -20.80 8.34
C ILE A 29 -17.36 -21.04 6.87
N PRO A 30 -18.07 -22.13 6.58
CA PRO A 30 -18.44 -22.51 5.20
C PRO A 30 -19.47 -21.57 4.61
N TYR A 31 -19.63 -21.62 3.29
CA TYR A 31 -20.59 -20.76 2.61
C TYR A 31 -20.98 -21.36 1.26
N SER A 32 -21.89 -20.69 0.55
CA SER A 32 -22.35 -21.15 -0.75
C SER A 32 -21.27 -20.94 -1.81
N ASP A 33 -20.99 -22.00 -2.56
CA ASP A 33 -19.97 -21.93 -3.62
C ASP A 33 -20.56 -22.37 -4.95
N GLN A 34 -21.42 -23.39 -4.91
CA GLN A 34 -22.05 -23.91 -6.13
C GLN A 34 -22.72 -22.79 -6.92
N ARG A 35 -22.61 -22.86 -8.24
CA ARG A 35 -23.21 -21.85 -9.10
C ARG A 35 -24.14 -22.49 -10.12
N LEU A 36 -25.24 -23.05 -9.64
CA LEU A 36 -26.21 -23.70 -10.52
C LEU A 36 -27.59 -23.06 -10.38
N ARG A 37 -27.88 -22.12 -11.28
CA ARG A 37 -29.16 -21.42 -11.26
C ARG A 37 -29.34 -20.57 -12.52
N PRO A 38 -29.55 -21.25 -13.66
CA PRO A 38 -29.75 -20.59 -14.95
C PRO A 38 -31.07 -19.83 -15.03
N ARG A 39 -32.12 -20.44 -14.48
CA ARG A 39 -33.45 -19.83 -14.49
C ARG A 39 -33.55 -18.75 -13.42
N THR B 1 -2.11 -24.08 -7.39
CA THR B 1 -3.00 -23.37 -6.48
C THR B 1 -3.01 -21.89 -6.75
N GLY B 2 -4.19 -21.35 -7.09
CA GLY B 2 -4.30 -19.93 -7.37
C GLY B 2 -4.48 -19.10 -6.12
N ARG B 3 -4.04 -17.85 -6.17
CA ARG B 3 -4.15 -16.95 -5.02
C ARG B 3 -4.53 -15.55 -5.46
N ASP B 4 -5.78 -15.16 -5.18
CA ASP B 4 -6.26 -13.83 -5.56
C ASP B 4 -5.58 -12.75 -4.72
N SER B 5 -5.52 -11.55 -5.28
CA SER B 5 -4.89 -10.42 -4.58
C SER B 5 -5.48 -9.09 -5.06
N VAL B 6 -5.62 -8.15 -4.15
CA VAL B 6 -6.17 -6.84 -4.47
C VAL B 6 -5.09 -5.75 -4.35
N THR B 7 -5.22 -4.72 -5.18
CA THR B 7 -4.26 -3.62 -5.17
C THR B 7 -4.30 -2.87 -3.84
N CYS B 8 -3.16 -2.31 -3.45
CA CYS B 8 -3.08 -1.56 -2.20
C CYS B 8 -4.16 -0.49 -2.13
N PRO B 9 -5.10 -0.67 -1.20
CA PRO B 9 -6.22 0.27 -1.00
C PRO B 9 -5.75 1.59 -0.41
N THR B 10 -4.45 1.71 -0.18
CA THR B 10 -3.88 2.92 0.39
C THR B 10 -3.05 3.68 -0.64
N CYS B 11 -2.08 2.99 -1.23
CA CYS B 11 -1.22 3.60 -2.24
C CYS B 11 -1.71 3.26 -3.65
N GLN B 12 -2.88 2.66 -3.73
CA GLN B 12 -3.47 2.29 -5.01
C GLN B 12 -2.45 1.55 -5.87
N GLY B 13 -1.57 0.79 -5.22
CA GLY B 13 -0.56 0.03 -5.96
C GLY B 13 0.36 0.93 -6.74
N THR B 14 0.66 2.10 -6.20
CA THR B 14 1.53 3.06 -6.86
C THR B 14 2.97 2.94 -6.36
N GLY B 15 3.11 2.71 -5.05
CA GLY B 15 4.43 2.58 -4.46
C GLY B 15 4.97 3.89 -3.94
N ARG B 16 4.16 4.58 -3.14
CA ARG B 16 4.55 5.86 -2.57
C ARG B 16 3.62 6.27 -1.43
N ILE B 17 4.18 6.44 -0.24
CA ILE B 17 3.41 6.82 0.93
C ILE B 17 4.16 7.82 1.79
N PRO B 18 3.42 8.64 2.54
CA PRO B 18 4.00 9.67 3.43
C PRO B 18 4.71 9.06 4.62
N ARG B 19 5.92 9.51 4.88
CA ARG B 19 6.71 9.01 6.00
C ARG B 19 5.90 9.05 7.29
N GLY B 20 5.52 7.87 7.78
CA GLY B 20 4.75 7.79 9.01
C GLY B 20 3.48 8.63 8.94
N GLN B 21 3.23 9.40 9.99
CA GLN B 21 2.04 10.24 10.05
C GLN B 21 2.39 11.63 10.58
N GLU B 22 3.52 12.15 10.16
CA GLU B 22 3.97 13.47 10.59
C GLU B 22 2.88 14.53 10.32
N ASN B 23 2.19 14.37 9.21
CA ASN B 23 1.13 15.30 8.84
C ASN B 23 0.12 15.46 9.98
N GLN B 24 -0.21 14.36 10.63
CA GLN B 24 -1.16 14.39 11.73
C GLN B 24 -0.51 14.96 12.98
N LEU B 25 -1.35 15.45 13.91
CA LEU B 25 -0.87 16.03 15.15
C LEU B 25 0.01 15.04 15.91
N VAL B 26 1.30 15.32 15.98
CA VAL B 26 2.24 14.46 16.68
C VAL B 26 2.98 15.22 17.77
N ALA B 27 3.84 14.52 18.50
CA ALA B 27 4.62 15.13 19.57
C ALA B 27 5.41 16.33 19.05
N LEU B 28 5.99 16.17 17.86
CA LEU B 28 6.79 17.24 17.25
C LEU B 28 7.87 17.73 18.21
N ILE B 29 8.64 16.78 18.75
CA ILE B 29 9.72 17.12 19.68
C ILE B 29 11.06 16.64 19.14
N PRO B 30 12.14 17.29 19.61
CA PRO B 30 13.50 16.96 19.20
C PRO B 30 13.96 15.61 19.74
N TYR B 31 15.03 15.07 19.16
CA TYR B 31 15.57 13.79 19.59
C TYR B 31 17.04 13.66 19.21
N SER B 32 17.64 12.54 19.59
CA SER B 32 19.05 12.29 19.30
C SER B 32 19.25 11.98 17.82
N ASP B 33 20.22 12.65 17.21
CA ASP B 33 20.51 12.45 15.79
C ASP B 33 21.97 12.06 15.59
N GLN B 34 22.85 12.67 16.38
CA GLN B 34 24.28 12.40 16.29
C GLN B 34 24.56 10.90 16.38
N ARG B 35 25.50 10.42 15.57
CA ARG B 35 25.84 9.00 15.57
C ARG B 35 27.34 8.81 15.81
N LEU B 36 27.79 9.15 17.01
CA LEU B 36 29.20 9.01 17.37
C LEU B 36 29.37 8.09 18.57
N ARG B 37 29.64 6.82 18.29
CA ARG B 37 29.83 5.83 19.34
C ARG B 37 30.37 4.52 18.77
N PRO B 38 31.65 4.53 18.37
CA PRO B 38 32.31 3.35 17.80
C PRO B 38 32.53 2.25 18.84
N ARG B 39 32.93 2.65 20.04
CA ARG B 39 33.17 1.70 21.12
C ARG B 39 31.87 1.25 21.75
ZN ZN C . 1.08 -0.07 -1.04
N THR A 1 15.14 17.72 -2.95
CA THR A 1 14.23 18.54 -3.74
C THR A 1 13.12 17.69 -4.36
N GLY A 2 11.95 18.28 -4.53
CA GLY A 2 10.83 17.56 -5.11
C GLY A 2 9.74 17.25 -4.11
N ARG A 3 9.45 15.98 -3.92
CA ARG A 3 8.42 15.55 -2.97
C ARG A 3 8.91 14.36 -2.14
N ASP A 4 9.03 14.56 -0.84
CA ASP A 4 9.48 13.51 0.05
C ASP A 4 8.40 12.44 0.21
N SER A 5 8.80 11.19 -0.03
CA SER A 5 7.87 10.07 0.07
C SER A 5 8.61 8.74 0.12
N VAL A 6 8.13 7.82 0.94
CA VAL A 6 8.76 6.51 1.09
C VAL A 6 7.86 5.41 0.53
N THR A 7 8.48 4.37 -0.02
CA THR A 7 7.75 3.25 -0.59
C THR A 7 6.86 2.58 0.46
N CYS A 8 5.74 2.04 0.01
CA CYS A 8 4.80 1.37 0.91
C CYS A 8 5.53 0.33 1.76
N PRO A 9 5.59 0.59 3.08
CA PRO A 9 6.25 -0.32 4.03
C PRO A 9 5.47 -1.62 4.22
N THR A 10 4.38 -1.76 3.49
CA THR A 10 3.55 -2.96 3.58
C THR A 10 3.65 -3.79 2.31
N CYS A 11 3.36 -3.17 1.18
CA CYS A 11 3.41 -3.85 -0.11
C CYS A 11 4.74 -3.57 -0.83
N GLN A 12 5.65 -2.93 -0.12
CA GLN A 12 6.96 -2.58 -0.68
C GLN A 12 6.81 -1.94 -2.05
N GLY A 13 5.73 -1.18 -2.22
CA GLY A 13 5.48 -0.51 -3.49
C GLY A 13 5.37 -1.48 -4.65
N THR A 14 4.75 -2.63 -4.39
CA THR A 14 4.57 -3.64 -5.42
C THR A 14 3.19 -3.58 -6.04
N GLY A 15 2.17 -3.42 -5.20
CA GLY A 15 0.80 -3.32 -5.68
C GLY A 15 0.05 -4.63 -5.51
N ARG A 16 0.01 -5.14 -4.28
CA ARG A 16 -0.68 -6.38 -3.99
C ARG A 16 -0.87 -6.58 -2.49
N ILE A 17 -2.12 -6.66 -2.06
CA ILE A 17 -2.43 -6.84 -0.65
C ILE A 17 -3.56 -7.84 -0.45
N PRO A 18 -3.57 -8.50 0.72
CA PRO A 18 -4.60 -9.50 1.05
C PRO A 18 -5.96 -8.86 1.28
N ARG A 19 -6.98 -9.37 0.59
CA ARG A 19 -8.33 -8.85 0.72
C ARG A 19 -8.76 -8.80 2.19
N GLY A 20 -9.88 -8.14 2.45
CA GLY A 20 -10.37 -8.03 3.82
C GLY A 20 -11.06 -9.31 4.28
N GLN A 21 -11.32 -9.38 5.58
CA GLN A 21 -11.98 -10.55 6.16
C GLN A 21 -13.50 -10.43 6.06
N GLU A 22 -14.06 -9.48 6.79
CA GLU A 22 -15.51 -9.26 6.79
C GLU A 22 -15.96 -8.65 5.47
N ASN A 23 -15.12 -7.79 4.90
CA ASN A 23 -15.43 -7.14 3.64
C ASN A 23 -15.81 -8.16 2.58
N GLN A 24 -15.08 -9.27 2.54
CA GLN A 24 -15.34 -10.33 1.58
C GLN A 24 -16.35 -11.33 2.13
N LEU A 25 -16.99 -12.08 1.23
CA LEU A 25 -17.99 -13.07 1.62
C LEU A 25 -17.89 -14.31 0.74
N VAL A 26 -18.84 -15.23 0.92
CA VAL A 26 -18.86 -16.46 0.14
C VAL A 26 -18.98 -16.16 -1.36
N ALA A 27 -18.52 -17.10 -2.18
CA ALA A 27 -18.58 -16.94 -3.63
C ALA A 27 -19.06 -18.21 -4.31
N LEU A 28 -20.23 -18.68 -3.90
CA LEU A 28 -20.81 -19.90 -4.46
C LEU A 28 -22.14 -19.60 -5.14
N ILE A 29 -22.11 -19.51 -6.47
CA ILE A 29 -23.32 -19.23 -7.24
C ILE A 29 -23.42 -20.15 -8.45
N PRO A 30 -24.66 -20.40 -8.89
CA PRO A 30 -24.92 -21.26 -10.05
C PRO A 30 -24.47 -20.63 -11.37
N TYR A 31 -24.10 -21.46 -12.33
CA TYR A 31 -23.65 -20.98 -13.62
C TYR A 31 -23.70 -22.10 -14.67
N SER A 32 -23.47 -21.74 -15.93
CA SER A 32 -23.50 -22.71 -17.02
C SER A 32 -23.07 -22.06 -18.33
N ASP A 33 -22.59 -22.87 -19.26
CA ASP A 33 -22.15 -22.38 -20.56
C ASP A 33 -23.27 -22.50 -21.59
N GLN A 34 -23.99 -21.40 -21.79
CA GLN A 34 -25.10 -21.38 -22.75
C GLN A 34 -24.82 -20.39 -23.87
N ARG A 35 -24.22 -19.26 -23.52
CA ARG A 35 -23.90 -18.22 -24.50
C ARG A 35 -22.61 -18.57 -25.26
N LEU A 36 -22.62 -19.71 -25.94
CA LEU A 36 -21.47 -20.15 -26.70
C LEU A 36 -21.90 -20.93 -27.94
N ARG A 37 -21.66 -20.36 -29.12
CA ARG A 37 -22.02 -21.00 -30.37
C ARG A 37 -20.90 -20.86 -31.40
N PRO A 38 -20.85 -21.81 -32.34
CA PRO A 38 -19.82 -21.81 -33.40
C PRO A 38 -20.04 -20.69 -34.41
N ARG A 39 -21.29 -20.36 -34.67
CA ARG A 39 -21.63 -19.31 -35.61
C ARG A 39 -22.28 -18.12 -34.90
N THR B 1 -7.99 -18.47 -11.05
CA THR B 1 -6.81 -19.31 -10.86
C THR B 1 -5.58 -18.47 -10.57
N GLY B 2 -4.65 -19.04 -9.79
CA GLY B 2 -3.44 -18.33 -9.44
C GLY B 2 -3.41 -17.91 -7.98
N ARG B 3 -3.30 -16.60 -7.75
CA ARG B 3 -3.26 -16.08 -6.39
C ARG B 3 -4.15 -14.84 -6.25
N ASP B 4 -5.19 -14.96 -5.43
CA ASP B 4 -6.11 -13.86 -5.21
C ASP B 4 -5.45 -12.74 -4.42
N SER B 5 -5.50 -11.53 -4.96
CA SER B 5 -4.90 -10.37 -4.31
C SER B 5 -5.41 -9.06 -4.92
N VAL B 6 -5.63 -8.06 -4.07
CA VAL B 6 -6.12 -6.78 -4.52
C VAL B 6 -5.06 -5.70 -4.37
N THR B 7 -5.07 -4.72 -5.27
CA THR B 7 -4.11 -3.63 -5.24
C THR B 7 -4.21 -2.86 -3.93
N CYS B 8 -3.08 -2.31 -3.49
CA CYS B 8 -3.05 -1.54 -2.25
C CYS B 8 -4.12 -0.46 -2.25
N PRO B 9 -5.11 -0.60 -1.36
CA PRO B 9 -6.22 0.35 -1.23
C PRO B 9 -5.77 1.69 -0.66
N THR B 10 -4.47 1.80 -0.39
CA THR B 10 -3.91 3.04 0.17
C THR B 10 -3.05 3.76 -0.86
N CYS B 11 -2.06 3.05 -1.40
CA CYS B 11 -1.17 3.63 -2.40
C CYS B 11 -1.60 3.25 -3.81
N GLN B 12 -2.77 2.63 -3.91
CA GLN B 12 -3.29 2.20 -5.21
C GLN B 12 -2.23 1.45 -6.00
N GLY B 13 -1.38 0.71 -5.29
CA GLY B 13 -0.33 -0.04 -5.95
C GLY B 13 0.61 0.84 -6.75
N THR B 14 0.90 2.02 -6.23
CA THR B 14 1.80 2.96 -6.90
C THR B 14 3.20 2.88 -6.33
N GLY B 15 3.30 2.82 -5.01
CA GLY B 15 4.61 2.75 -4.37
C GLY B 15 5.06 4.08 -3.81
N ARG B 16 4.23 4.69 -2.98
CA ARG B 16 4.54 5.98 -2.38
C ARG B 16 3.61 6.29 -1.21
N ILE B 17 4.19 6.46 -0.03
CA ILE B 17 3.41 6.76 1.16
C ILE B 17 4.10 7.82 2.02
N PRO B 18 3.30 8.57 2.79
CA PRO B 18 3.81 9.62 3.67
C PRO B 18 4.59 9.05 4.86
N ARG B 19 5.80 9.55 5.06
CA ARG B 19 6.64 9.10 6.16
C ARG B 19 5.90 9.19 7.49
N GLY B 20 6.50 8.64 8.53
CA GLY B 20 5.88 8.68 9.85
C GLY B 20 5.93 10.05 10.48
N GLN B 21 5.22 10.22 11.59
CA GLN B 21 5.19 11.49 12.29
C GLN B 21 6.40 11.65 13.21
N GLU B 22 6.47 10.81 14.24
CA GLU B 22 7.56 10.84 15.20
C GLU B 22 8.87 10.39 14.54
N ASN B 23 8.77 9.42 13.64
CA ASN B 23 9.94 8.90 12.95
C ASN B 23 10.72 10.02 12.29
N GLN B 24 10.00 10.97 11.70
CA GLN B 24 10.63 12.11 11.03
C GLN B 24 10.84 13.26 12.00
N LEU B 25 11.70 14.20 11.61
CA LEU B 25 11.99 15.36 12.44
C LEU B 25 12.10 16.62 11.60
N VAL B 26 12.51 17.72 12.23
CA VAL B 26 12.67 18.99 11.54
C VAL B 26 13.66 18.86 10.38
N ALA B 27 13.51 19.74 9.39
CA ALA B 27 14.38 19.74 8.23
C ALA B 27 14.80 21.16 7.85
N LEU B 28 15.39 21.87 8.79
CA LEU B 28 15.84 23.24 8.56
C LEU B 28 17.35 23.34 8.68
N ILE B 29 18.03 23.40 7.53
CA ILE B 29 19.48 23.51 7.51
C ILE B 29 19.94 24.56 6.51
N PRO B 30 21.12 25.15 6.76
CA PRO B 30 21.69 26.18 5.90
C PRO B 30 22.16 25.61 4.56
N TYR B 31 22.11 26.45 3.52
CA TYR B 31 22.52 26.03 2.18
C TYR B 31 22.77 27.23 1.29
N SER B 32 23.30 26.98 0.10
CA SER B 32 23.58 28.04 -0.86
C SER B 32 24.09 27.48 -2.18
N ASP B 33 23.90 28.23 -3.26
CA ASP B 33 24.33 27.80 -4.58
C ASP B 33 25.71 28.38 -4.91
N GLN B 34 26.75 27.59 -4.71
CA GLN B 34 28.11 28.04 -4.99
C GLN B 34 28.73 27.22 -6.11
N ARG B 35 28.43 25.91 -6.12
CA ARG B 35 28.96 25.03 -7.15
C ARG B 35 28.13 25.11 -8.43
N LEU B 36 28.05 26.30 -8.98
CA LEU B 36 27.28 26.53 -10.21
C LEU B 36 27.88 27.68 -11.03
N ARG B 37 28.44 27.35 -12.18
CA ARG B 37 29.04 28.36 -13.05
C ARG B 37 28.67 28.11 -14.51
N PRO B 38 28.67 29.18 -15.32
CA PRO B 38 28.34 29.09 -16.74
C PRO B 38 29.43 28.38 -17.54
N ARG B 39 30.68 28.56 -17.14
CA ARG B 39 31.81 27.93 -17.82
C ARG B 39 32.47 26.89 -16.92
ZN ZN C . 1.05 -0.10 -1.05
N THR A 1 13.16 15.89 -5.25
CA THR A 1 13.63 16.97 -4.38
C THR A 1 12.49 17.57 -3.58
N GLY A 2 12.83 18.26 -2.49
CA GLY A 2 11.82 18.88 -1.65
C GLY A 2 10.94 17.85 -0.96
N ARG A 3 9.65 17.89 -1.26
CA ARG A 3 8.69 16.96 -0.65
C ARG A 3 8.86 15.56 -1.24
N ASP A 4 9.46 14.67 -0.46
CA ASP A 4 9.68 13.29 -0.90
C ASP A 4 8.81 12.33 -0.11
N SER A 5 8.72 11.09 -0.59
CA SER A 5 7.91 10.07 0.07
C SER A 5 8.66 8.74 0.12
N VAL A 6 8.16 7.83 0.95
CA VAL A 6 8.78 6.51 1.09
C VAL A 6 7.87 5.42 0.53
N THR A 7 8.49 4.37 -0.01
CA THR A 7 7.75 3.25 -0.59
C THR A 7 6.86 2.59 0.46
N CYS A 8 5.74 2.05 0.01
CA CYS A 8 4.80 1.38 0.91
C CYS A 8 5.51 0.34 1.77
N PRO A 9 5.58 0.59 3.08
CA PRO A 9 6.24 -0.30 4.03
C PRO A 9 5.46 -1.60 4.23
N THR A 10 4.36 -1.74 3.50
CA THR A 10 3.53 -2.94 3.60
C THR A 10 3.63 -3.78 2.33
N CYS A 11 3.34 -3.16 1.19
CA CYS A 11 3.40 -3.85 -0.09
C CYS A 11 4.73 -3.57 -0.81
N GLN A 12 5.65 -2.92 -0.09
CA GLN A 12 6.95 -2.59 -0.66
C GLN A 12 6.80 -1.95 -2.03
N GLY A 13 5.72 -1.18 -2.21
CA GLY A 13 5.49 -0.53 -3.48
C GLY A 13 5.37 -1.51 -4.63
N THR A 14 4.75 -2.65 -4.38
CA THR A 14 4.58 -3.67 -5.39
C THR A 14 3.19 -3.59 -6.03
N GLY A 15 2.17 -3.43 -5.20
CA GLY A 15 0.81 -3.34 -5.70
C GLY A 15 0.04 -4.63 -5.54
N ARG A 16 0.05 -5.17 -4.32
CA ARG A 16 -0.65 -6.42 -4.03
C ARG A 16 -0.82 -6.61 -2.53
N ILE A 17 -2.08 -6.67 -2.09
CA ILE A 17 -2.39 -6.85 -0.68
C ILE A 17 -3.54 -7.82 -0.49
N PRO A 18 -3.56 -8.49 0.68
CA PRO A 18 -4.62 -9.46 1.02
C PRO A 18 -5.96 -8.79 1.26
N ARG A 19 -7.00 -9.30 0.59
CA ARG A 19 -8.34 -8.76 0.73
C ARG A 19 -8.74 -8.66 2.20
N GLY A 20 -9.82 -7.94 2.48
CA GLY A 20 -10.28 -7.77 3.84
C GLY A 20 -11.51 -6.89 3.93
N GLN A 21 -12.00 -6.70 5.15
CA GLN A 21 -13.18 -5.86 5.38
C GLN A 21 -12.92 -4.44 4.93
N GLU A 22 -11.69 -3.97 5.13
CA GLU A 22 -11.31 -2.62 4.74
C GLU A 22 -11.34 -2.45 3.22
N ASN A 23 -10.95 -3.51 2.51
CA ASN A 23 -10.94 -3.48 1.06
C ASN A 23 -12.36 -3.36 0.50
N GLN A 24 -13.22 -4.28 0.91
CA GLN A 24 -14.60 -4.29 0.45
C GLN A 24 -15.30 -2.97 0.81
N LEU A 25 -15.55 -2.15 -0.20
CA LEU A 25 -16.21 -0.87 0.01
C LEU A 25 -16.88 -0.37 -1.27
N VAL A 26 -18.06 0.24 -1.13
CA VAL A 26 -18.79 0.76 -2.27
C VAL A 26 -18.06 1.93 -2.91
N ALA A 27 -18.07 1.98 -4.24
CA ALA A 27 -17.41 3.05 -4.98
C ALA A 27 -18.39 4.15 -5.35
N LEU A 28 -19.35 4.40 -4.47
CA LEU A 28 -20.36 5.44 -4.71
C LEU A 28 -19.75 6.83 -4.62
N ILE A 29 -19.96 7.62 -5.66
CA ILE A 29 -19.43 8.98 -5.70
C ILE A 29 -20.35 9.90 -6.51
N PRO A 30 -20.26 11.21 -6.23
CA PRO A 30 -21.08 12.22 -6.91
C PRO A 30 -20.65 12.41 -8.36
N TYR A 31 -21.27 13.38 -9.03
CA TYR A 31 -20.96 13.67 -10.42
C TYR A 31 -20.88 15.16 -10.67
N SER A 32 -20.42 15.90 -9.65
CA SER A 32 -20.29 17.34 -9.75
C SER A 32 -18.90 17.79 -9.32
N ASP A 33 -18.47 18.95 -9.82
CA ASP A 33 -17.15 19.48 -9.49
C ASP A 33 -17.29 20.88 -8.88
N GLN A 34 -17.40 20.94 -7.56
CA GLN A 34 -17.53 22.22 -6.87
C GLN A 34 -16.16 22.78 -6.49
N ARG A 35 -15.79 23.88 -7.12
CA ARG A 35 -14.50 24.52 -6.86
C ARG A 35 -14.70 25.96 -6.38
N LEU A 36 -15.41 26.12 -5.28
CA LEU A 36 -15.67 27.45 -4.72
C LEU A 36 -15.48 27.45 -3.21
N ARG A 37 -14.43 28.13 -2.75
CA ARG A 37 -14.13 28.21 -1.33
C ARG A 37 -13.02 29.22 -1.06
N PRO A 38 -12.97 29.73 0.19
CA PRO A 38 -11.96 30.71 0.59
C PRO A 38 -10.56 30.10 0.69
N ARG A 39 -10.47 28.96 1.36
CA ARG A 39 -9.19 28.27 1.52
C ARG A 39 -8.67 27.78 0.18
N THR B 1 -4.94 -16.79 -11.33
CA THR B 1 -5.92 -17.80 -10.98
C THR B 1 -5.72 -18.30 -9.56
N GLY B 2 -6.76 -18.92 -9.00
CA GLY B 2 -6.68 -19.43 -7.64
C GLY B 2 -6.54 -18.32 -6.60
N ARG B 3 -5.42 -18.33 -5.88
CA ARG B 3 -5.17 -17.32 -4.86
C ARG B 3 -4.82 -15.97 -5.50
N ASP B 4 -5.77 -15.06 -5.46
CA ASP B 4 -5.57 -13.73 -6.03
C ASP B 4 -5.50 -12.67 -4.93
N SER B 5 -5.05 -11.48 -5.30
CA SER B 5 -4.92 -10.37 -4.34
C SER B 5 -5.44 -9.08 -4.94
N VAL B 6 -5.64 -8.08 -4.09
CA VAL B 6 -6.13 -6.78 -4.52
C VAL B 6 -5.06 -5.71 -4.37
N THR B 7 -5.08 -4.73 -5.27
CA THR B 7 -4.12 -3.63 -5.23
C THR B 7 -4.21 -2.86 -3.92
N CYS B 8 -3.08 -2.31 -3.48
CA CYS B 8 -3.05 -1.54 -2.24
C CYS B 8 -4.11 -0.46 -2.23
N PRO B 9 -5.11 -0.61 -1.35
CA PRO B 9 -6.22 0.34 -1.22
C PRO B 9 -5.77 1.68 -0.64
N THR B 10 -4.47 1.80 -0.37
CA THR B 10 -3.91 3.02 0.19
C THR B 10 -3.05 3.75 -0.83
N CYS B 11 -2.06 3.05 -1.38
CA CYS B 11 -1.17 3.64 -2.36
C CYS B 11 -1.60 3.25 -3.78
N GLN B 12 -2.78 2.64 -3.89
CA GLN B 12 -3.30 2.21 -5.18
C GLN B 12 -2.25 1.46 -5.98
N GLY B 13 -1.39 0.73 -5.28
CA GLY B 13 -0.35 -0.03 -5.94
C GLY B 13 0.59 0.85 -6.73
N THR B 14 0.89 2.03 -6.20
CA THR B 14 1.78 2.97 -6.88
C THR B 14 3.20 2.89 -6.32
N GLY B 15 3.30 2.82 -5.00
CA GLY B 15 4.61 2.73 -4.36
C GLY B 15 5.07 4.07 -3.81
N ARG B 16 4.21 4.70 -3.01
CA ARG B 16 4.54 6.00 -2.42
C ARG B 16 3.62 6.32 -1.25
N ILE B 17 4.19 6.46 -0.07
CA ILE B 17 3.41 6.77 1.13
C ILE B 17 4.12 7.79 2.01
N PRO B 18 3.34 8.55 2.79
CA PRO B 18 3.88 9.58 3.68
C PRO B 18 4.63 8.98 4.86
N ARG B 19 5.85 9.46 5.08
CA ARG B 19 6.68 8.97 6.18
C ARG B 19 5.91 9.02 7.50
N GLY B 20 6.48 8.39 8.53
CA GLY B 20 5.84 8.37 9.82
C GLY B 20 6.66 7.62 10.86
N GLN B 21 6.13 7.54 12.08
CA GLN B 21 6.81 6.84 13.17
C GLN B 21 7.08 5.38 12.79
N GLU B 22 6.14 4.78 12.07
CA GLU B 22 6.29 3.39 11.65
C GLU B 22 7.42 3.23 10.65
N ASN B 23 7.56 4.22 9.77
CA ASN B 23 8.60 4.19 8.75
C ASN B 23 9.98 4.34 9.38
N GLN B 24 10.16 5.39 10.18
CA GLN B 24 11.43 5.66 10.84
C GLN B 24 11.83 4.48 11.72
N LEU B 25 12.86 3.76 11.31
CA LEU B 25 13.35 2.61 12.06
C LEU B 25 14.82 2.33 11.74
N VAL B 26 15.57 1.95 12.76
CA VAL B 26 16.98 1.64 12.60
C VAL B 26 17.19 0.39 11.74
N ALA B 27 18.19 0.43 10.87
CA ALA B 27 18.49 -0.69 10.00
C ALA B 27 19.61 -1.56 10.58
N LEU B 28 19.62 -1.68 11.90
CA LEU B 28 20.64 -2.48 12.58
C LEU B 28 20.45 -3.97 12.30
N ILE B 29 21.50 -4.62 11.82
CA ILE B 29 21.45 -6.04 11.52
C ILE B 29 22.81 -6.71 11.73
N PRO B 30 22.79 -8.02 11.98
CA PRO B 30 24.02 -8.80 12.19
C PRO B 30 24.84 -8.95 10.91
N TYR B 31 25.92 -9.73 11.00
CA TYR B 31 26.79 -9.95 9.86
C TYR B 31 27.18 -11.42 9.74
N SER B 32 26.27 -12.30 10.16
CA SER B 32 26.53 -13.73 10.10
C SER B 32 25.38 -14.46 9.43
N ASP B 33 25.67 -15.60 8.83
CA ASP B 33 24.66 -16.40 8.14
C ASP B 33 24.60 -17.81 8.72
N GLN B 34 23.77 -17.99 9.75
CA GLN B 34 23.62 -19.30 10.38
C GLN B 34 22.51 -20.11 9.72
N ARG B 35 22.91 -21.19 9.06
CA ARG B 35 21.94 -22.06 8.38
C ARG B 35 22.06 -23.49 8.87
N LEU B 36 21.86 -23.69 10.16
CA LEU B 36 21.95 -25.02 10.76
C LEU B 36 20.81 -25.25 11.75
N ARG B 37 19.90 -26.14 11.39
CA ARG B 37 18.76 -26.46 12.24
C ARG B 37 17.98 -27.66 11.70
N PRO B 38 17.24 -28.34 12.59
CA PRO B 38 16.44 -29.50 12.22
C PRO B 38 15.24 -29.14 11.35
N ARG B 39 14.49 -28.12 11.77
CA ARG B 39 13.32 -27.67 11.04
C ARG B 39 13.73 -27.06 9.70
ZN ZN C . 1.05 -0.09 -1.05
N THR A 1 8.23 23.33 -4.21
CA THR A 1 7.35 22.17 -4.18
C THR A 1 8.12 20.88 -4.39
N GLY A 2 7.52 19.76 -3.99
CA GLY A 2 8.18 18.47 -4.14
C GLY A 2 8.69 17.92 -2.83
N ARG A 3 7.77 17.37 -2.03
CA ARG A 3 8.14 16.81 -0.73
C ARG A 3 8.70 15.39 -0.89
N ASP A 4 9.19 14.83 0.20
CA ASP A 4 9.75 13.48 0.18
C ASP A 4 8.65 12.43 0.16
N SER A 5 9.04 11.18 -0.04
CA SER A 5 8.08 10.07 -0.09
C SER A 5 8.79 8.73 0.05
N VAL A 6 8.23 7.85 0.87
CA VAL A 6 8.81 6.53 1.09
C VAL A 6 7.91 5.44 0.52
N THR A 7 8.53 4.35 0.06
CA THR A 7 7.79 3.24 -0.52
C THR A 7 6.86 2.60 0.51
N CYS A 8 5.74 2.07 0.04
CA CYS A 8 4.77 1.44 0.92
C CYS A 8 5.44 0.40 1.82
N PRO A 9 5.46 0.70 3.13
CA PRO A 9 6.07 -0.19 4.12
C PRO A 9 5.27 -1.48 4.33
N THR A 10 4.18 -1.61 3.58
CA THR A 10 3.32 -2.79 3.67
C THR A 10 3.45 -3.66 2.42
N CYS A 11 3.21 -3.06 1.26
CA CYS A 11 3.31 -3.79 0.00
C CYS A 11 4.66 -3.57 -0.66
N GLN A 12 5.57 -2.91 0.06
CA GLN A 12 6.90 -2.63 -0.45
C GLN A 12 6.84 -2.04 -1.84
N GLY A 13 5.80 -1.25 -2.09
CA GLY A 13 5.63 -0.62 -3.40
C GLY A 13 5.55 -1.64 -4.52
N THR A 14 4.89 -2.77 -4.25
CA THR A 14 4.74 -3.82 -5.25
C THR A 14 3.39 -3.72 -5.95
N GLY A 15 2.35 -3.37 -5.20
CA GLY A 15 1.03 -3.24 -5.78
C GLY A 15 0.22 -4.52 -5.66
N ARG A 16 0.19 -5.08 -4.45
CA ARG A 16 -0.55 -6.31 -4.20
C ARG A 16 -0.70 -6.56 -2.71
N ILE A 17 -1.94 -6.67 -2.25
CA ILE A 17 -2.22 -6.92 -0.83
C ILE A 17 -3.35 -7.92 -0.67
N PRO A 18 -3.37 -8.61 0.48
CA PRO A 18 -4.39 -9.60 0.79
C PRO A 18 -5.76 -8.97 1.06
N ARG A 19 -6.78 -9.49 0.39
CA ARG A 19 -8.14 -8.97 0.55
C ARG A 19 -8.50 -8.85 2.03
N GLY A 20 -9.55 -8.08 2.32
CA GLY A 20 -9.98 -7.90 3.69
C GLY A 20 -10.80 -9.07 4.20
N GLN A 21 -11.90 -8.77 4.88
CA GLN A 21 -12.77 -9.81 5.42
C GLN A 21 -14.19 -9.66 4.88
N GLU A 22 -14.63 -8.41 4.70
CA GLU A 22 -15.96 -8.14 4.19
C GLU A 22 -16.20 -8.87 2.87
N ASN A 23 -15.17 -8.92 2.03
CA ASN A 23 -15.27 -9.57 0.73
C ASN A 23 -15.76 -11.01 0.89
N GLN A 24 -15.28 -11.68 1.93
CA GLN A 24 -15.68 -13.07 2.19
C GLN A 24 -17.17 -13.16 2.46
N LEU A 25 -17.89 -13.79 1.54
CA LEU A 25 -19.34 -13.95 1.68
C LEU A 25 -19.80 -15.25 1.02
N VAL A 26 -21.10 -15.51 1.11
CA VAL A 26 -21.68 -16.71 0.52
C VAL A 26 -21.44 -16.76 -1.00
N ALA A 27 -21.30 -17.97 -1.53
CA ALA A 27 -21.07 -18.15 -2.96
C ALA A 27 -22.27 -18.81 -3.63
N LEU A 28 -23.46 -18.28 -3.36
CA LEU A 28 -24.68 -18.82 -3.94
C LEU A 28 -25.08 -18.05 -5.20
N ILE A 29 -24.20 -18.08 -6.21
CA ILE A 29 -24.46 -17.39 -7.46
C ILE A 29 -23.75 -18.09 -8.62
N PRO A 30 -24.27 -17.88 -9.84
CA PRO A 30 -23.70 -18.48 -11.06
C PRO A 30 -22.35 -17.86 -11.42
N TYR A 31 -21.40 -18.71 -11.78
CA TYR A 31 -20.07 -18.25 -12.16
C TYR A 31 -19.80 -18.51 -13.64
N SER A 32 -18.66 -18.01 -14.12
CA SER A 32 -18.28 -18.19 -15.52
C SER A 32 -16.88 -17.63 -15.77
N ASP A 33 -16.25 -18.11 -16.84
CA ASP A 33 -14.92 -17.65 -17.20
C ASP A 33 -14.96 -16.73 -18.41
N GLN A 34 -15.01 -15.43 -18.16
CA GLN A 34 -15.06 -14.44 -19.23
C GLN A 34 -13.81 -14.51 -20.10
N ARG A 35 -13.92 -14.03 -21.33
CA ARG A 35 -12.79 -14.03 -22.25
C ARG A 35 -12.40 -12.61 -22.66
N LEU A 36 -11.83 -11.86 -21.72
CA LEU A 36 -11.42 -10.50 -21.98
C LEU A 36 -10.02 -10.24 -21.43
N ARG A 37 -9.06 -10.08 -22.34
CA ARG A 37 -7.68 -9.83 -21.96
C ARG A 37 -7.15 -10.95 -21.07
N PRO A 38 -6.92 -12.12 -21.69
CA PRO A 38 -6.39 -13.30 -20.99
C PRO A 38 -4.95 -13.13 -20.55
N ARG A 39 -4.13 -12.54 -21.43
CA ARG A 39 -2.73 -12.32 -21.14
C ARG A 39 -2.54 -11.06 -20.29
N THR B 1 -2.61 -23.99 -6.31
CA THR B 1 -1.97 -22.80 -5.76
C THR B 1 -2.32 -21.57 -6.59
N GLY B 2 -2.14 -20.39 -5.99
CA GLY B 2 -2.44 -19.16 -6.70
C GLY B 2 -3.72 -18.50 -6.20
N ARG B 3 -3.63 -17.84 -5.04
CA ARG B 3 -4.79 -17.17 -4.46
C ARG B 3 -5.00 -15.80 -5.10
N ASP B 4 -6.10 -15.15 -4.73
CA ASP B 4 -6.43 -13.83 -5.26
C ASP B 4 -5.60 -12.75 -4.59
N SER B 5 -5.68 -11.53 -5.11
CA SER B 5 -4.94 -10.41 -4.56
C SER B 5 -5.50 -9.08 -5.06
N VAL B 6 -5.65 -8.12 -4.15
CA VAL B 6 -6.17 -6.81 -4.49
C VAL B 6 -5.10 -5.74 -4.37
N THR B 7 -5.19 -4.71 -5.20
CA THR B 7 -4.23 -3.62 -5.19
C THR B 7 -4.28 -2.86 -3.86
N CYS B 8 -3.15 -2.32 -3.45
CA CYS B 8 -3.07 -1.57 -2.20
C CYS B 8 -4.14 -0.49 -2.14
N PRO B 9 -5.10 -0.66 -1.23
CA PRO B 9 -6.21 0.29 -1.05
C PRO B 9 -5.75 1.61 -0.45
N THR B 10 -4.44 1.72 -0.21
CA THR B 10 -3.87 2.93 0.37
C THR B 10 -3.05 3.68 -0.67
N CYS B 11 -2.07 3.00 -1.26
CA CYS B 11 -1.21 3.61 -2.26
C CYS B 11 -1.69 3.27 -3.67
N GLN B 12 -2.87 2.66 -3.75
CA GLN B 12 -3.44 2.28 -5.04
C GLN B 12 -2.42 1.55 -5.89
N GLY B 13 -1.54 0.79 -5.24
CA GLY B 13 -0.52 0.05 -5.97
C GLY B 13 0.40 0.95 -6.76
N THR B 14 0.70 2.12 -6.20
CA THR B 14 1.58 3.08 -6.87
C THR B 14 3.01 2.97 -6.35
N GLY B 15 3.15 2.71 -5.05
CA GLY B 15 4.46 2.59 -4.45
C GLY B 15 4.98 3.91 -3.93
N ARG B 16 4.17 4.60 -3.14
CA ARG B 16 4.56 5.89 -2.58
C ARG B 16 3.63 6.28 -1.43
N ILE B 17 4.21 6.44 -0.25
CA ILE B 17 3.43 6.81 0.94
C ILE B 17 4.17 7.85 1.77
N PRO B 18 3.40 8.65 2.53
CA PRO B 18 3.96 9.70 3.39
C PRO B 18 4.72 9.13 4.58
N ARG B 19 5.93 9.61 4.78
CA ARG B 19 6.77 9.14 5.89
C ARG B 19 5.99 9.17 7.20
N GLY B 20 6.53 8.51 8.22
CA GLY B 20 5.87 8.46 9.52
C GLY B 20 6.07 9.74 10.31
N GLN B 21 6.43 9.60 11.58
CA GLN B 21 6.65 10.74 12.45
C GLN B 21 8.08 10.77 12.97
N GLU B 22 8.63 9.58 13.23
CA GLU B 22 10.00 9.47 13.73
C GLU B 22 10.98 10.23 12.82
N ASN B 23 10.75 10.14 11.52
CA ASN B 23 11.61 10.82 10.55
C ASN B 23 11.73 12.31 10.87
N GLN B 24 10.63 12.90 11.34
CA GLN B 24 10.62 14.32 11.69
C GLN B 24 11.63 14.61 12.78
N LEU B 25 12.66 15.38 12.44
CA LEU B 25 13.71 15.74 13.41
C LEU B 25 14.26 17.13 13.11
N VAL B 26 15.22 17.56 13.92
CA VAL B 26 15.84 18.87 13.74
C VAL B 26 16.44 19.01 12.36
N ALA B 27 16.44 20.23 11.83
CA ALA B 27 17.00 20.50 10.52
C ALA B 27 18.25 21.35 10.61
N LEU B 28 19.19 20.94 11.46
CA LEU B 28 20.43 21.67 11.66
C LEU B 28 21.53 21.10 10.77
N ILE B 29 21.32 21.14 9.46
CA ILE B 29 22.29 20.63 8.50
C ILE B 29 22.18 21.36 7.16
N PRO B 30 23.28 21.36 6.39
CA PRO B 30 23.33 22.01 5.08
C PRO B 30 22.49 21.28 4.04
N TYR B 31 21.72 22.03 3.27
CA TYR B 31 20.86 21.45 2.23
C TYR B 31 21.33 21.86 0.85
N SER B 32 20.69 21.30 -0.17
CA SER B 32 21.06 21.61 -1.55
C SER B 32 20.09 20.93 -2.52
N ASP B 33 20.00 21.47 -3.74
CA ASP B 33 19.12 20.92 -4.76
C ASP B 33 19.93 20.18 -5.83
N GLN B 34 20.04 18.86 -5.67
CA GLN B 34 20.79 18.04 -6.62
C GLN B 34 20.15 18.08 -8.00
N ARG B 35 20.94 17.80 -9.03
CA ARG B 35 20.44 17.80 -10.40
C ARG B 35 20.56 16.42 -11.03
N LEU B 36 19.74 15.49 -10.55
CA LEU B 36 19.76 14.12 -11.07
C LEU B 36 18.34 13.61 -11.30
N ARG B 37 17.98 13.45 -12.57
CA ARG B 37 16.64 12.97 -12.93
C ARG B 37 15.57 13.89 -12.36
N PRO B 38 15.44 15.08 -12.94
CA PRO B 38 14.44 16.07 -12.51
C PRO B 38 13.02 15.65 -12.85
N ARG B 39 12.84 15.10 -14.05
CA ARG B 39 11.52 14.66 -14.49
C ARG B 39 11.21 13.27 -13.95
ZN ZN C . 1.04 -0.10 -1.08
N THR A 1 5.05 15.98 -7.32
CA THR A 1 5.52 17.36 -7.27
C THR A 1 5.29 17.98 -5.89
N GLY A 2 6.23 17.77 -4.98
CA GLY A 2 6.10 18.30 -3.64
C GLY A 2 7.24 17.89 -2.73
N ARG A 3 6.91 17.21 -1.64
CA ARG A 3 7.91 16.75 -0.69
C ARG A 3 8.35 15.32 -1.01
N ASP A 4 9.24 14.80 -0.18
CA ASP A 4 9.74 13.43 -0.36
C ASP A 4 8.68 12.40 0.02
N SER A 5 8.93 11.15 -0.33
CA SER A 5 7.99 10.07 -0.03
C SER A 5 8.72 8.73 0.07
N VAL A 6 8.18 7.85 0.90
CA VAL A 6 8.77 6.52 1.08
C VAL A 6 7.87 5.43 0.52
N THR A 7 8.49 4.36 0.03
CA THR A 7 7.75 3.24 -0.54
C THR A 7 6.85 2.59 0.50
N CYS A 8 5.73 2.04 0.04
CA CYS A 8 4.78 1.38 0.94
C CYS A 8 5.48 0.34 1.81
N PRO A 9 5.53 0.61 3.12
CA PRO A 9 6.18 -0.29 4.09
C PRO A 9 5.39 -1.59 4.28
N THR A 10 4.29 -1.72 3.54
CA THR A 10 3.46 -2.91 3.63
C THR A 10 3.56 -3.76 2.37
N CYS A 11 3.28 -3.14 1.22
CA CYS A 11 3.35 -3.84 -0.06
C CYS A 11 4.68 -3.58 -0.75
N GLN A 12 5.60 -2.93 -0.04
CA GLN A 12 6.91 -2.63 -0.57
C GLN A 12 6.80 -2.00 -1.96
N GLY A 13 5.74 -1.21 -2.17
CA GLY A 13 5.53 -0.57 -3.44
C GLY A 13 5.43 -1.56 -4.59
N THR A 14 4.81 -2.70 -4.33
CA THR A 14 4.66 -3.74 -5.34
C THR A 14 3.29 -3.66 -6.01
N GLY A 15 2.26 -3.40 -5.21
CA GLY A 15 0.92 -3.30 -5.73
C GLY A 15 0.14 -4.59 -5.58
N ARG A 16 0.11 -5.12 -4.37
CA ARG A 16 -0.60 -6.35 -4.09
C ARG A 16 -0.77 -6.57 -2.58
N ILE A 17 -2.03 -6.68 -2.15
CA ILE A 17 -2.32 -6.88 -0.74
C ILE A 17 -3.43 -7.91 -0.55
N PRO A 18 -3.42 -8.58 0.61
CA PRO A 18 -4.40 -9.61 0.95
C PRO A 18 -5.79 -9.02 1.18
N ARG A 19 -6.80 -9.63 0.56
CA ARG A 19 -8.18 -9.16 0.71
C ARG A 19 -8.54 -9.02 2.17
N GLY A 20 -9.11 -7.87 2.53
CA GLY A 20 -9.49 -7.63 3.91
C GLY A 20 -8.37 -7.90 4.89
N GLN A 21 -8.73 -8.10 6.15
CA GLN A 21 -7.75 -8.36 7.20
C GLN A 21 -8.23 -9.45 8.14
N GLU A 22 -9.47 -9.29 8.62
CA GLU A 22 -10.05 -10.27 9.54
C GLU A 22 -10.51 -11.52 8.80
N ASN A 23 -11.05 -11.32 7.59
CA ASN A 23 -11.53 -12.42 6.78
C ASN A 23 -10.40 -13.40 6.47
N GLN A 24 -9.23 -12.86 6.16
CA GLN A 24 -8.07 -13.69 5.84
C GLN A 24 -7.81 -14.71 6.95
N LEU A 25 -7.54 -15.95 6.56
CA LEU A 25 -7.28 -17.02 7.51
C LEU A 25 -5.78 -17.24 7.68
N VAL A 26 -5.42 -18.01 8.70
CA VAL A 26 -4.01 -18.30 8.97
C VAL A 26 -3.31 -18.86 7.74
N ALA A 27 -2.05 -18.48 7.56
CA ALA A 27 -1.27 -18.93 6.42
C ALA A 27 -0.41 -20.14 6.79
N LEU A 28 -0.98 -21.05 7.58
CA LEU A 28 -0.27 -22.25 8.00
C LEU A 28 -0.88 -23.49 7.37
N ILE A 29 -0.36 -23.87 6.20
CA ILE A 29 -0.86 -25.05 5.49
C ILE A 29 0.24 -25.65 4.62
N PRO A 30 0.11 -26.95 4.33
CA PRO A 30 1.07 -27.68 3.49
C PRO A 30 1.03 -27.24 2.03
N TYR A 31 1.81 -27.90 1.20
CA TYR A 31 1.86 -27.58 -0.23
C TYR A 31 2.36 -28.77 -1.04
N SER A 32 2.54 -28.56 -2.34
CA SER A 32 3.01 -29.62 -3.23
C SER A 32 3.18 -29.09 -4.65
N ASP A 33 3.77 -29.92 -5.51
CA ASP A 33 4.00 -29.54 -6.90
C ASP A 33 2.68 -29.47 -7.66
N GLN A 34 2.18 -28.25 -7.86
CA GLN A 34 0.93 -28.04 -8.57
C GLN A 34 1.14 -27.18 -9.81
N ARG A 35 0.07 -26.95 -10.57
CA ARG A 35 0.14 -26.16 -11.78
C ARG A 35 -0.67 -24.87 -11.63
N LEU A 36 -0.18 -23.95 -10.81
CA LEU A 36 -0.86 -22.68 -10.58
C LEU A 36 0.10 -21.52 -10.78
N ARG A 37 -0.25 -20.60 -11.68
CA ARG A 37 0.57 -19.44 -11.96
C ARG A 37 1.99 -19.85 -12.35
N PRO A 38 2.15 -20.28 -13.62
CA PRO A 38 3.44 -20.72 -14.14
C PRO A 38 4.42 -19.56 -14.32
N ARG A 39 3.89 -18.39 -14.68
CA ARG A 39 4.72 -17.21 -14.87
C ARG A 39 5.04 -16.55 -13.53
N THR B 1 2.13 -17.04 -6.70
CA THR B 1 1.66 -18.40 -6.87
C THR B 1 0.79 -18.85 -5.71
N GLY B 2 -0.51 -18.56 -5.80
CA GLY B 2 -1.43 -18.93 -4.74
C GLY B 2 -2.84 -18.45 -5.01
N ARG B 3 -3.37 -17.64 -4.09
CA ARG B 3 -4.73 -17.11 -4.24
C ARG B 3 -4.71 -15.73 -4.90
N ASP B 4 -5.89 -15.14 -5.05
CA ASP B 4 -6.01 -13.82 -5.66
C ASP B 4 -5.51 -12.73 -4.72
N SER B 5 -5.36 -11.52 -5.25
CA SER B 5 -4.89 -10.39 -4.46
C SER B 5 -5.43 -9.08 -5.00
N VAL B 6 -5.61 -8.10 -4.11
CA VAL B 6 -6.13 -6.79 -4.51
C VAL B 6 -5.06 -5.72 -4.36
N THR B 7 -5.12 -4.71 -5.23
CA THR B 7 -4.15 -3.62 -5.20
C THR B 7 -4.24 -2.86 -3.88
N CYS B 8 -3.11 -2.30 -3.45
CA CYS B 8 -3.05 -1.54 -2.21
C CYS B 8 -4.13 -0.45 -2.19
N PRO B 9 -5.11 -0.61 -1.29
CA PRO B 9 -6.22 0.35 -1.15
C PRO B 9 -5.75 1.68 -0.57
N THR B 10 -4.46 1.78 -0.29
CA THR B 10 -3.89 3.01 0.26
C THR B 10 -3.05 3.74 -0.76
N CYS B 11 -2.06 3.04 -1.32
CA CYS B 11 -1.18 3.63 -2.32
C CYS B 11 -1.63 3.27 -3.73
N GLN B 12 -2.80 2.65 -3.82
CA GLN B 12 -3.35 2.25 -5.12
C GLN B 12 -2.31 1.51 -5.95
N GLY B 13 -1.44 0.76 -5.26
CA GLY B 13 -0.41 0.01 -5.96
C GLY B 13 0.52 0.91 -6.75
N THR B 14 0.82 2.08 -6.21
CA THR B 14 1.70 3.02 -6.88
C THR B 14 3.12 2.94 -6.33
N GLY B 15 3.23 2.77 -5.02
CA GLY B 15 4.54 2.68 -4.40
C GLY B 15 5.03 4.02 -3.85
N ARG B 16 4.19 4.65 -3.05
CA ARG B 16 4.53 5.94 -2.46
C ARG B 16 3.61 6.27 -1.29
N ILE B 17 4.19 6.47 -0.11
CA ILE B 17 3.43 6.79 1.07
C ILE B 17 4.11 7.87 1.89
N PRO B 18 3.31 8.64 2.65
CA PRO B 18 3.81 9.72 3.50
C PRO B 18 4.61 9.20 4.69
N ARG B 19 5.79 9.78 4.91
CA ARG B 19 6.65 9.38 6.02
C ARG B 19 5.87 9.36 7.34
N GLY B 20 6.07 8.32 8.13
CA GLY B 20 5.39 8.21 9.40
C GLY B 20 3.88 8.30 9.26
N GLN B 21 3.21 8.68 10.34
CA GLN B 21 1.75 8.79 10.33
C GLN B 21 1.31 10.10 10.98
N GLU B 22 1.96 10.45 12.09
CA GLU B 22 1.62 11.68 12.81
C GLU B 22 2.03 12.91 12.00
N ASN B 23 3.14 12.81 11.29
CA ASN B 23 3.63 13.92 10.48
C ASN B 23 2.58 14.36 9.47
N GLN B 24 1.85 13.39 8.92
CA GLN B 24 0.82 13.68 7.93
C GLN B 24 -0.15 14.74 8.46
N LEU B 25 -0.55 15.65 7.58
CA LEU B 25 -1.47 16.72 7.95
C LEU B 25 -2.92 16.31 7.69
N VAL B 26 -3.85 17.12 8.18
CA VAL B 26 -5.27 16.84 8.00
C VAL B 26 -5.60 16.57 6.53
N ALA B 27 -6.54 15.67 6.29
CA ALA B 27 -6.95 15.32 4.94
C ALA B 27 -8.18 16.12 4.52
N LEU B 28 -8.18 17.41 4.81
CA LEU B 28 -9.30 18.28 4.47
C LEU B 28 -8.93 19.20 3.30
N ILE B 29 -9.24 18.76 2.09
CA ILE B 29 -8.93 19.54 0.90
C ILE B 29 -9.95 19.26 -0.21
N PRO B 30 -10.11 20.23 -1.13
CA PRO B 30 -11.04 20.11 -2.25
C PRO B 30 -10.58 19.07 -3.27
N TYR B 31 -11.32 18.97 -4.37
CA TYR B 31 -11.00 18.01 -5.43
C TYR B 31 -11.57 18.47 -6.77
N SER B 32 -11.47 17.60 -7.77
CA SER B 32 -11.97 17.91 -9.10
C SER B 32 -11.80 16.72 -10.03
N ASP B 33 -12.35 16.84 -11.24
CA ASP B 33 -12.27 15.77 -12.23
C ASP B 33 -10.83 15.56 -12.69
N GLN B 34 -10.19 14.52 -12.17
CA GLN B 34 -8.81 14.23 -12.53
C GLN B 34 -8.70 12.85 -13.18
N ARG B 35 -7.48 12.46 -13.54
CA ARG B 35 -7.25 11.16 -14.17
C ARG B 35 -6.45 10.25 -13.25
N LEU B 36 -7.10 9.78 -12.18
CA LEU B 36 -6.46 8.90 -11.22
C LEU B 36 -7.30 7.66 -10.98
N ARG B 37 -6.70 6.48 -11.17
CA ARG B 37 -7.40 5.22 -10.96
C ARG B 37 -8.65 5.15 -11.85
N PRO B 38 -8.44 4.90 -13.14
CA PRO B 38 -9.53 4.79 -14.11
C PRO B 38 -10.36 3.53 -13.91
N ARG B 39 -9.71 2.45 -13.51
CA ARG B 39 -10.40 1.19 -13.28
C ARG B 39 -11.07 1.17 -11.90
ZN ZN C . 1.02 -0.09 -1.04
N THR A 1 10.92 19.48 -9.35
CA THR A 1 10.34 19.60 -8.02
C THR A 1 9.08 18.76 -7.88
N GLY A 2 8.95 18.08 -6.74
CA GLY A 2 7.78 17.25 -6.51
C GLY A 2 7.43 17.13 -5.04
N ARG A 3 7.81 16.01 -4.44
CA ARG A 3 7.54 15.77 -3.03
C ARG A 3 8.22 14.48 -2.55
N ASP A 4 8.87 14.54 -1.40
CA ASP A 4 9.55 13.39 -0.84
C ASP A 4 8.56 12.39 -0.27
N SER A 5 8.82 11.11 -0.49
CA SER A 5 7.94 10.06 0.01
C SER A 5 8.69 8.72 0.09
N VAL A 6 8.18 7.82 0.91
CA VAL A 6 8.78 6.50 1.08
C VAL A 6 7.89 5.40 0.51
N THR A 7 8.51 4.35 0.00
CA THR A 7 7.76 3.23 -0.57
C THR A 7 6.87 2.57 0.48
N CYS A 8 5.74 2.03 0.02
CA CYS A 8 4.80 1.38 0.91
C CYS A 8 5.50 0.34 1.79
N PRO A 9 5.55 0.60 3.09
CA PRO A 9 6.19 -0.29 4.06
C PRO A 9 5.41 -1.58 4.26
N THR A 10 4.31 -1.73 3.52
CA THR A 10 3.47 -2.91 3.61
C THR A 10 3.58 -3.76 2.35
N CYS A 11 3.31 -3.15 1.20
CA CYS A 11 3.38 -3.84 -0.08
C CYS A 11 4.71 -3.58 -0.78
N GLN A 12 5.63 -2.93 -0.05
CA GLN A 12 6.93 -2.61 -0.60
C GLN A 12 6.82 -1.98 -1.99
N GLY A 13 5.75 -1.21 -2.19
CA GLY A 13 5.54 -0.56 -3.46
C GLY A 13 5.43 -1.56 -4.62
N THR A 14 4.80 -2.69 -4.35
CA THR A 14 4.65 -3.73 -5.37
C THR A 14 3.27 -3.65 -6.02
N GLY A 15 2.25 -3.39 -5.21
CA GLY A 15 0.89 -3.29 -5.73
C GLY A 15 0.12 -4.58 -5.58
N ARG A 16 0.08 -5.11 -4.36
CA ARG A 16 -0.63 -6.34 -4.09
C ARG A 16 -0.80 -6.56 -2.58
N ILE A 17 -2.05 -6.67 -2.14
CA ILE A 17 -2.36 -6.87 -0.73
C ILE A 17 -3.46 -7.91 -0.54
N PRO A 18 -3.45 -8.58 0.61
CA PRO A 18 -4.44 -9.60 0.95
C PRO A 18 -5.83 -9.02 1.18
N ARG A 19 -6.81 -9.52 0.45
CA ARG A 19 -8.18 -9.04 0.58
C ARG A 19 -8.65 -9.11 2.02
N GLY A 20 -9.83 -8.56 2.29
CA GLY A 20 -10.36 -8.56 3.64
C GLY A 20 -10.73 -9.96 4.11
N GLN A 21 -11.42 -10.03 5.24
CA GLN A 21 -11.84 -11.32 5.80
C GLN A 21 -13.35 -11.41 5.87
N GLU A 22 -13.95 -10.71 6.83
CA GLU A 22 -15.39 -10.73 7.00
C GLU A 22 -16.08 -10.02 5.85
N ASN A 23 -15.45 -8.97 5.34
CA ASN A 23 -16.00 -8.20 4.23
C ASN A 23 -16.33 -9.12 3.04
N GLN A 24 -15.31 -9.80 2.53
CA GLN A 24 -15.48 -10.70 1.41
C GLN A 24 -15.89 -12.09 1.87
N LEU A 25 -16.70 -12.77 1.07
CA LEU A 25 -17.17 -14.11 1.41
C LEU A 25 -17.53 -14.89 0.16
N VAL A 26 -16.72 -15.88 -0.18
CA VAL A 26 -16.96 -16.71 -1.36
C VAL A 26 -17.72 -17.99 -0.99
N ALA A 27 -18.55 -18.46 -1.92
CA ALA A 27 -19.32 -19.67 -1.69
C ALA A 27 -19.12 -20.67 -2.83
N LEU A 28 -17.92 -20.70 -3.38
CA LEU A 28 -17.60 -21.61 -4.47
C LEU A 28 -16.20 -22.19 -4.31
N ILE A 29 -15.84 -23.12 -5.19
CA ILE A 29 -14.52 -23.74 -5.15
C ILE A 29 -13.42 -22.70 -5.13
N PRO A 30 -12.24 -23.09 -4.61
CA PRO A 30 -11.08 -22.20 -4.52
C PRO A 30 -10.48 -21.90 -5.90
N TYR A 31 -9.46 -21.05 -5.91
CA TYR A 31 -8.79 -20.67 -7.16
C TYR A 31 -7.61 -19.75 -6.89
N SER A 32 -6.98 -19.28 -7.96
CA SER A 32 -5.83 -18.40 -7.84
C SER A 32 -5.36 -17.93 -9.22
N ASP A 33 -4.93 -16.67 -9.30
CA ASP A 33 -4.46 -16.10 -10.55
C ASP A 33 -3.10 -15.42 -10.36
N GLN A 34 -2.04 -16.15 -10.68
CA GLN A 34 -0.68 -15.61 -10.54
C GLN A 34 -0.56 -14.26 -11.24
N ARG A 35 0.13 -13.34 -10.59
CA ARG A 35 0.32 -12.00 -11.15
C ARG A 35 1.80 -11.62 -11.14
N LEU A 36 2.49 -11.99 -10.07
CA LEU A 36 3.91 -11.68 -9.93
C LEU A 36 4.69 -12.13 -11.17
N ARG A 37 5.54 -11.24 -11.68
CA ARG A 37 6.33 -11.55 -12.87
C ARG A 37 5.45 -12.00 -14.02
N PRO A 38 4.66 -11.06 -14.57
CA PRO A 38 3.75 -11.34 -15.69
C PRO A 38 4.51 -11.62 -16.99
N ARG A 39 5.63 -10.95 -17.16
CA ARG A 39 6.44 -11.12 -18.36
C ARG A 39 6.74 -12.59 -18.62
N THR B 1 -0.79 -20.86 -12.13
CA THR B 1 -1.36 -20.82 -10.79
C THR B 1 -0.54 -19.94 -9.86
N GLY B 2 -1.22 -19.14 -9.05
CA GLY B 2 -0.53 -18.26 -8.12
C GLY B 2 -1.35 -17.97 -6.88
N ARG B 3 -1.97 -16.78 -6.85
CA ARG B 3 -2.78 -16.38 -5.71
C ARG B 3 -3.49 -15.07 -5.99
N ASP B 4 -4.78 -15.02 -5.67
CA ASP B 4 -5.58 -13.81 -5.89
C ASP B 4 -5.24 -12.74 -4.86
N SER B 5 -5.20 -11.49 -5.31
CA SER B 5 -4.89 -10.38 -4.42
C SER B 5 -5.43 -9.06 -4.99
N VAL B 6 -5.62 -8.08 -4.12
CA VAL B 6 -6.13 -6.78 -4.53
C VAL B 6 -5.06 -5.70 -4.38
N THR B 7 -5.10 -4.71 -5.26
CA THR B 7 -4.15 -3.61 -5.22
C THR B 7 -4.23 -2.84 -3.92
N CYS B 8 -3.10 -2.30 -3.47
CA CYS B 8 -3.05 -1.54 -2.23
C CYS B 8 -4.13 -0.46 -2.21
N PRO B 9 -5.11 -0.62 -1.31
CA PRO B 9 -6.21 0.33 -1.18
C PRO B 9 -5.76 1.67 -0.58
N THR B 10 -4.46 1.77 -0.31
CA THR B 10 -3.90 3.00 0.24
C THR B 10 -3.04 3.74 -0.79
N CYS B 11 -2.06 3.04 -1.33
CA CYS B 11 -1.17 3.63 -2.34
C CYS B 11 -1.61 3.26 -3.74
N GLN B 12 -2.80 2.65 -3.85
CA GLN B 12 -3.33 2.25 -5.14
C GLN B 12 -2.28 1.51 -5.96
N GLY B 13 -1.43 0.76 -5.27
CA GLY B 13 -0.39 0.00 -5.97
C GLY B 13 0.54 0.90 -6.76
N THR B 14 0.83 2.07 -6.21
CA THR B 14 1.72 3.03 -6.88
C THR B 14 3.14 2.94 -6.33
N GLY B 15 3.25 2.78 -5.02
CA GLY B 15 4.56 2.69 -4.39
C GLY B 15 5.04 4.02 -3.85
N ARG B 16 4.21 4.64 -3.01
CA ARG B 16 4.55 5.93 -2.42
C ARG B 16 3.62 6.25 -1.25
N ILE B 17 4.21 6.45 -0.08
CA ILE B 17 3.43 6.76 1.12
C ILE B 17 4.12 7.83 1.95
N PRO B 18 3.34 8.59 2.72
CA PRO B 18 3.85 9.65 3.59
C PRO B 18 4.63 9.11 4.77
N ARG B 19 5.87 9.59 4.93
CA ARG B 19 6.71 9.14 6.03
C ARG B 19 6.00 9.30 7.37
N GLY B 20 6.62 8.78 8.43
CA GLY B 20 6.03 8.88 9.76
C GLY B 20 5.93 10.31 10.25
N GLN B 21 5.85 10.48 11.57
CA GLN B 21 5.75 11.80 12.16
C GLN B 21 7.06 12.19 12.83
N GLU B 22 7.38 11.52 13.93
CA GLU B 22 8.61 11.80 14.67
C GLU B 22 9.83 11.50 13.81
N ASN B 23 9.74 10.45 13.01
CA ASN B 23 10.84 10.06 12.14
C ASN B 23 11.32 11.23 11.28
N GLN B 24 10.37 11.90 10.65
CA GLN B 24 10.68 13.04 9.80
C GLN B 24 11.00 14.28 10.64
N LEU B 25 11.82 15.17 10.08
CA LEU B 25 12.20 16.39 10.77
C LEU B 25 12.38 17.55 9.79
N VAL B 26 11.53 18.56 9.92
CA VAL B 26 11.59 19.72 9.04
C VAL B 26 12.56 20.77 9.60
N ALA B 27 13.06 21.62 8.72
CA ALA B 27 13.99 22.68 9.12
C ALA B 27 13.42 24.06 8.80
N LEU B 28 12.24 24.35 9.35
CA LEU B 28 11.59 25.63 9.12
C LEU B 28 11.70 26.52 10.36
N ILE B 29 11.11 27.71 10.28
CA ILE B 29 11.15 28.65 11.39
C ILE B 29 10.70 27.99 12.69
N PRO B 30 11.14 28.54 13.82
CA PRO B 30 10.80 28.04 15.15
C PRO B 30 9.33 28.25 15.50
N TYR B 31 8.91 27.75 16.65
CA TYR B 31 7.54 27.90 17.10
C TYR B 31 7.34 27.29 18.48
N SER B 32 6.10 27.31 18.97
CA SER B 32 5.78 26.76 20.28
C SER B 32 4.29 26.84 20.55
N ASP B 33 3.76 25.84 21.24
CA ASP B 33 2.34 25.79 21.57
C ASP B 33 2.14 25.54 23.07
N GLN B 34 1.98 26.63 23.82
CA GLN B 34 1.77 26.54 25.26
C GLN B 34 0.65 25.57 25.59
N ARG B 35 0.85 24.74 26.61
CA ARG B 35 -0.15 23.76 27.02
C ARG B 35 -0.43 23.88 28.52
N LEU B 36 0.62 24.09 29.30
CA LEU B 36 0.49 24.22 30.75
C LEU B 36 -0.56 25.26 31.11
N ARG B 37 -1.45 24.90 32.04
CA ARG B 37 -2.51 25.80 32.47
C ARG B 37 -3.33 26.29 31.28
N PRO B 38 -4.11 25.38 30.69
CA PRO B 38 -4.96 25.69 29.53
C PRO B 38 -6.12 26.60 29.89
N ARG B 39 -6.64 26.44 31.11
CA ARG B 39 -7.76 27.24 31.59
C ARG B 39 -7.48 28.73 31.41
ZN ZN C . 1.07 -0.13 -1.08
N THR A 1 13.63 22.50 -1.08
CA THR A 1 13.18 21.46 -1.98
C THR A 1 12.61 20.28 -1.20
N GLY A 2 11.33 20.00 -1.43
CA GLY A 2 10.68 18.90 -0.75
C GLY A 2 10.34 17.74 -1.69
N ARG A 3 9.06 17.40 -1.76
CA ARG A 3 8.61 16.31 -2.62
C ARG A 3 9.26 14.99 -2.22
N ASP A 4 9.21 14.68 -0.92
CA ASP A 4 9.79 13.45 -0.40
C ASP A 4 8.70 12.43 -0.08
N SER A 5 9.00 11.16 -0.32
CA SER A 5 8.04 10.08 -0.06
C SER A 5 8.76 8.75 0.08
N VAL A 6 8.21 7.86 0.91
CA VAL A 6 8.79 6.55 1.12
C VAL A 6 7.89 5.45 0.55
N THR A 7 8.51 4.37 0.08
CA THR A 7 7.77 3.25 -0.50
C THR A 7 6.84 2.62 0.54
N CYS A 8 5.74 2.07 0.07
CA CYS A 8 4.76 1.43 0.95
C CYS A 8 5.44 0.40 1.84
N PRO A 9 5.47 0.68 3.15
CA PRO A 9 6.09 -0.21 4.15
C PRO A 9 5.28 -1.49 4.34
N THR A 10 4.19 -1.62 3.59
CA THR A 10 3.34 -2.81 3.69
C THR A 10 3.46 -3.67 2.43
N CYS A 11 3.21 -3.07 1.28
CA CYS A 11 3.29 -3.78 0.01
C CYS A 11 4.64 -3.55 -0.66
N GLN A 12 5.55 -2.91 0.06
CA GLN A 12 6.88 -2.63 -0.45
C GLN A 12 6.80 -2.02 -1.85
N GLY A 13 5.77 -1.22 -2.09
CA GLY A 13 5.61 -0.60 -3.39
C GLY A 13 5.52 -1.61 -4.52
N THR A 14 4.89 -2.75 -4.25
CA THR A 14 4.75 -3.80 -5.24
C THR A 14 3.42 -3.71 -5.96
N GLY A 15 2.37 -3.38 -5.21
CA GLY A 15 1.05 -3.26 -5.80
C GLY A 15 0.23 -4.54 -5.66
N ARG A 16 0.20 -5.09 -4.45
CA ARG A 16 -0.55 -6.31 -4.19
C ARG A 16 -0.69 -6.55 -2.69
N ILE A 17 -1.92 -6.67 -2.22
CA ILE A 17 -2.19 -6.90 -0.82
C ILE A 17 -3.35 -7.86 -0.63
N PRO A 18 -3.37 -8.58 0.51
CA PRO A 18 -4.42 -9.54 0.83
C PRO A 18 -5.75 -8.86 1.14
N ARG A 19 -6.81 -9.32 0.49
CA ARG A 19 -8.14 -8.76 0.69
C ARG A 19 -8.48 -8.67 2.18
N GLY A 20 -9.45 -7.83 2.51
CA GLY A 20 -9.85 -7.67 3.90
C GLY A 20 -11.22 -8.25 4.18
N GLN A 21 -11.30 -9.56 4.29
CA GLN A 21 -12.56 -10.25 4.55
C GLN A 21 -12.75 -10.46 6.05
N GLU A 22 -11.68 -10.82 6.74
CA GLU A 22 -11.73 -11.05 8.17
C GLU A 22 -12.33 -9.85 8.90
N ASN A 23 -12.06 -8.65 8.38
CA ASN A 23 -12.57 -7.43 8.99
C ASN A 23 -14.08 -7.51 9.17
N GLN A 24 -14.79 -7.70 8.07
CA GLN A 24 -16.26 -7.79 8.11
C GLN A 24 -16.75 -8.99 7.32
N LEU A 25 -17.38 -9.93 8.02
CA LEU A 25 -17.91 -11.13 7.37
C LEU A 25 -18.96 -10.78 6.33
N VAL A 26 -18.92 -11.47 5.19
CA VAL A 26 -19.88 -11.23 4.12
C VAL A 26 -20.35 -12.55 3.52
N ALA A 27 -21.62 -12.58 3.12
CA ALA A 27 -22.21 -13.78 2.52
C ALA A 27 -21.46 -14.17 1.25
N LEU A 28 -21.02 -13.17 0.50
CA LEU A 28 -20.30 -13.42 -0.75
C LEU A 28 -18.89 -12.80 -0.68
N ILE A 29 -17.96 -13.43 -1.39
CA ILE A 29 -16.58 -12.95 -1.42
C ILE A 29 -16.44 -11.71 -2.32
N PRO A 30 -15.45 -10.88 -2.02
CA PRO A 30 -15.18 -9.66 -2.78
C PRO A 30 -14.66 -9.95 -4.19
N TYR A 31 -14.51 -8.91 -4.99
CA TYR A 31 -14.02 -9.05 -6.35
C TYR A 31 -13.54 -7.71 -6.91
N SER A 32 -13.26 -7.68 -8.21
CA SER A 32 -12.80 -6.47 -8.86
C SER A 32 -12.59 -6.70 -10.36
N ASP A 33 -12.63 -5.62 -11.13
CA ASP A 33 -12.45 -5.70 -12.58
C ASP A 33 -11.15 -5.02 -13.00
N GLN A 34 -10.09 -5.82 -13.13
CA GLN A 34 -8.80 -5.31 -13.53
C GLN A 34 -8.91 -4.44 -14.79
N ARG A 35 -8.22 -3.31 -14.79
CA ARG A 35 -8.25 -2.39 -15.92
C ARG A 35 -7.64 -3.04 -17.16
N LEU A 36 -6.63 -3.88 -16.93
CA LEU A 36 -5.96 -4.57 -18.04
C LEU A 36 -6.88 -5.59 -18.69
N ARG A 37 -7.37 -5.25 -19.88
CA ARG A 37 -8.27 -6.15 -20.61
C ARG A 37 -7.49 -7.30 -21.24
N PRO A 38 -8.21 -8.38 -21.56
CA PRO A 38 -7.61 -9.58 -22.17
C PRO A 38 -7.16 -9.33 -23.60
N ARG A 39 -8.06 -8.76 -24.40
CA ARG A 39 -7.75 -8.47 -25.80
C ARG A 39 -7.29 -7.04 -25.97
N THR B 1 -8.68 -23.05 -8.08
CA THR B 1 -7.69 -22.08 -8.50
C THR B 1 -7.76 -20.82 -7.64
N GLY B 2 -6.68 -20.51 -6.94
CA GLY B 2 -6.64 -19.33 -6.10
C GLY B 2 -5.70 -18.27 -6.63
N ARG B 3 -4.73 -17.88 -5.81
CA ARG B 3 -3.75 -16.86 -6.21
C ARG B 3 -4.45 -15.54 -6.49
N ASP B 4 -5.30 -15.11 -5.56
CA ASP B 4 -6.03 -13.85 -5.71
C ASP B 4 -5.44 -12.77 -4.80
N SER B 5 -5.44 -11.54 -5.29
CA SER B 5 -4.91 -10.42 -4.53
C SER B 5 -5.47 -9.09 -5.03
N VAL B 6 -5.63 -8.13 -4.12
CA VAL B 6 -6.15 -6.82 -4.47
C VAL B 6 -5.09 -5.74 -4.34
N THR B 7 -5.18 -4.73 -5.18
CA THR B 7 -4.22 -3.63 -5.17
C THR B 7 -4.28 -2.86 -3.85
N CYS B 8 -3.15 -2.32 -3.44
CA CYS B 8 -3.07 -1.56 -2.19
C CYS B 8 -4.16 -0.49 -2.14
N PRO B 9 -5.11 -0.66 -1.22
CA PRO B 9 -6.23 0.28 -1.04
C PRO B 9 -5.77 1.61 -0.45
N THR B 10 -4.46 1.72 -0.20
CA THR B 10 -3.90 2.95 0.36
C THR B 10 -3.07 3.69 -0.68
N CYS B 11 -2.09 3.00 -1.25
CA CYS B 11 -1.22 3.61 -2.25
C CYS B 11 -1.69 3.26 -3.66
N GLN B 12 -2.87 2.64 -3.75
CA GLN B 12 -3.43 2.26 -5.03
C GLN B 12 -2.40 1.53 -5.89
N GLY B 13 -1.54 0.77 -5.23
CA GLY B 13 -0.51 0.02 -5.93
C GLY B 13 0.42 0.92 -6.73
N THR B 14 0.71 2.10 -6.19
CA THR B 14 1.59 3.06 -6.85
C THR B 14 3.02 2.94 -6.33
N GLY B 15 3.15 2.74 -5.03
CA GLY B 15 4.47 2.61 -4.43
C GLY B 15 4.98 3.94 -3.89
N ARG B 16 4.16 4.62 -3.10
CA ARG B 16 4.55 5.90 -2.53
C ARG B 16 3.62 6.29 -1.38
N ILE B 17 4.18 6.44 -0.19
CA ILE B 17 3.40 6.81 0.98
C ILE B 17 4.15 7.81 1.85
N PRO B 18 3.39 8.62 2.61
CA PRO B 18 3.97 9.64 3.49
C PRO B 18 4.68 9.03 4.69
N ARG B 19 5.91 9.46 4.93
CA ARG B 19 6.71 8.95 6.04
C ARG B 19 5.91 9.00 7.34
N GLY B 20 6.38 8.26 8.33
CA GLY B 20 5.70 8.23 9.62
C GLY B 20 6.47 8.96 10.70
N GLN B 21 6.30 10.28 10.75
CA GLN B 21 6.98 11.10 11.74
C GLN B 21 6.18 11.18 13.03
N GLU B 22 4.85 11.26 12.90
CA GLU B 22 3.98 11.34 14.06
C GLU B 22 4.23 10.19 15.02
N ASN B 23 4.58 9.03 14.46
CA ASN B 23 4.85 7.85 15.27
C ASN B 23 5.87 8.15 16.35
N GLN B 24 7.01 8.70 15.94
CA GLN B 24 8.08 9.04 16.88
C GLN B 24 8.45 10.51 16.77
N LEU B 25 8.39 11.23 17.88
CA LEU B 25 8.72 12.64 17.91
C LEU B 25 10.09 12.89 17.29
N VAL B 26 10.24 14.03 16.62
CA VAL B 26 11.49 14.39 15.98
C VAL B 26 11.91 15.81 16.32
N ALA B 27 13.21 16.06 16.35
CA ALA B 27 13.73 17.38 16.67
C ALA B 27 13.08 18.45 15.80
N LEU B 28 12.84 18.11 14.54
CA LEU B 28 12.22 19.06 13.61
C LEU B 28 10.90 18.50 13.07
N ILE B 29 9.94 19.38 12.83
CA ILE B 29 8.64 18.98 12.31
C ILE B 29 8.74 18.55 10.85
N PRO B 30 7.82 17.68 10.42
CA PRO B 30 7.78 17.18 9.04
C PRO B 30 7.36 18.26 8.05
N TYR B 31 7.40 17.91 6.77
CA TYR B 31 7.02 18.86 5.72
C TYR B 31 6.71 18.12 4.42
N SER B 32 6.49 18.88 3.35
CA SER B 32 6.18 18.30 2.05
C SER B 32 5.99 19.40 1.00
N ASP B 33 6.18 19.04 -0.27
CA ASP B 33 6.03 19.99 -1.36
C ASP B 33 4.86 19.60 -2.26
N GLN B 34 3.70 20.18 -2.00
CA GLN B 34 2.50 19.90 -2.78
C GLN B 34 2.78 20.07 -4.27
N ARG B 35 2.27 19.14 -5.07
CA ARG B 35 2.47 19.17 -6.51
C ARG B 35 1.77 20.40 -7.12
N LEU B 36 0.64 20.77 -6.54
CA LEU B 36 -0.12 21.92 -7.02
C LEU B 36 0.62 23.22 -6.74
N ARG B 37 1.19 23.80 -7.79
CA ARG B 37 1.93 25.06 -7.67
C ARG B 37 0.98 26.24 -7.49
N PRO B 38 1.51 27.34 -6.93
CA PRO B 38 0.73 28.55 -6.68
C PRO B 38 0.35 29.27 -7.97
N ARG B 39 1.34 29.48 -8.84
CA ARG B 39 1.11 30.15 -10.11
C ARG B 39 0.95 29.14 -11.24
ZN ZN C . 1.07 -0.13 -1.07
N THR A 1 7.70 15.34 -8.42
CA THR A 1 8.85 16.08 -7.93
C THR A 1 8.45 17.08 -6.85
N GLY A 2 9.26 17.16 -5.80
CA GLY A 2 8.97 18.07 -4.71
C GLY A 2 9.32 17.49 -3.35
N ARG A 3 8.30 17.10 -2.60
CA ARG A 3 8.51 16.54 -1.27
C ARG A 3 9.16 15.16 -1.37
N ASP A 4 9.44 14.55 -0.21
CA ASP A 4 10.06 13.24 -0.16
C ASP A 4 9.09 12.20 0.38
N SER A 5 8.89 11.13 -0.39
CA SER A 5 7.98 10.06 0.01
C SER A 5 8.72 8.73 0.09
N VAL A 6 8.20 7.82 0.92
CA VAL A 6 8.80 6.51 1.08
C VAL A 6 7.90 5.42 0.52
N THR A 7 8.52 4.35 0.01
CA THR A 7 7.77 3.23 -0.56
C THR A 7 6.86 2.59 0.49
N CYS A 8 5.74 2.05 0.03
CA CYS A 8 4.78 1.40 0.93
C CYS A 8 5.48 0.37 1.80
N PRO A 9 5.52 0.63 3.12
CA PRO A 9 6.16 -0.26 4.09
C PRO A 9 5.37 -1.55 4.29
N THR A 10 4.28 -1.69 3.55
CA THR A 10 3.44 -2.89 3.63
C THR A 10 3.55 -3.74 2.37
N CYS A 11 3.28 -3.12 1.22
CA CYS A 11 3.36 -3.83 -0.05
C CYS A 11 4.70 -3.56 -0.74
N GLN A 12 5.61 -2.91 -0.02
CA GLN A 12 6.92 -2.60 -0.57
C GLN A 12 6.81 -1.98 -1.95
N GLY A 13 5.74 -1.21 -2.16
CA GLY A 13 5.54 -0.57 -3.45
C GLY A 13 5.45 -1.57 -4.59
N THR A 14 4.80 -2.70 -4.32
CA THR A 14 4.65 -3.74 -5.34
C THR A 14 3.28 -3.65 -6.01
N GLY A 15 2.24 -3.41 -5.22
CA GLY A 15 0.90 -3.29 -5.76
C GLY A 15 0.11 -4.58 -5.61
N ARG A 16 0.11 -5.13 -4.39
CA ARG A 16 -0.61 -6.37 -4.12
C ARG A 16 -0.77 -6.59 -2.62
N ILE A 17 -2.02 -6.67 -2.17
CA ILE A 17 -2.30 -6.87 -0.76
C ILE A 17 -3.47 -7.83 -0.56
N PRO A 18 -3.49 -8.52 0.59
CA PRO A 18 -4.56 -9.47 0.92
C PRO A 18 -5.88 -8.79 1.19
N ARG A 19 -6.95 -9.32 0.60
CA ARG A 19 -8.29 -8.77 0.78
C ARG A 19 -8.60 -8.58 2.26
N GLY A 20 -9.17 -7.43 2.59
CA GLY A 20 -9.52 -7.14 3.98
C GLY A 20 -8.34 -7.35 4.92
N GLN A 21 -8.43 -8.38 5.75
CA GLN A 21 -7.37 -8.69 6.71
C GLN A 21 -7.15 -10.20 6.80
N GLU A 22 -7.21 -10.87 5.66
CA GLU A 22 -7.02 -12.32 5.62
C GLU A 22 -5.66 -12.70 6.21
N ASN A 23 -4.66 -11.86 5.98
CA ASN A 23 -3.32 -12.11 6.49
C ASN A 23 -3.35 -12.38 7.99
N GLN A 24 -4.19 -11.65 8.71
CA GLN A 24 -4.32 -11.82 10.15
C GLN A 24 -5.30 -12.93 10.49
N LEU A 25 -4.77 -14.04 10.98
CA LEU A 25 -5.60 -15.19 11.35
C LEU A 25 -5.10 -15.84 12.63
N VAL A 26 -5.82 -16.85 13.11
CA VAL A 26 -5.45 -17.56 14.31
C VAL A 26 -4.20 -18.40 14.09
N ALA A 27 -3.79 -19.13 15.13
CA ALA A 27 -2.61 -19.98 15.06
C ALA A 27 -3.00 -21.45 15.00
N LEU A 28 -4.03 -21.76 14.22
CA LEU A 28 -4.50 -23.12 14.09
C LEU A 28 -4.78 -23.47 12.62
N ILE A 29 -4.01 -24.40 12.07
CA ILE A 29 -4.18 -24.81 10.69
C ILE A 29 -4.04 -26.32 10.55
N PRO A 30 -4.64 -26.87 9.48
CA PRO A 30 -4.60 -28.32 9.20
C PRO A 30 -3.20 -28.77 8.78
N TYR A 31 -3.10 -30.05 8.40
CA TYR A 31 -1.82 -30.61 7.98
C TYR A 31 -2.04 -31.85 7.11
N SER A 32 -0.95 -32.56 6.83
CA SER A 32 -1.01 -33.76 6.01
C SER A 32 0.37 -34.40 5.87
N ASP A 33 0.39 -35.72 5.72
CA ASP A 33 1.64 -36.45 5.56
C ASP A 33 1.93 -36.74 4.10
N GLN A 34 2.79 -35.91 3.50
CA GLN A 34 3.15 -36.06 2.09
C GLN A 34 4.65 -36.29 1.94
N ARG A 35 5.42 -35.68 2.83
CA ARG A 35 6.87 -35.82 2.80
C ARG A 35 7.42 -35.48 1.41
N LEU A 36 6.79 -34.51 0.76
CA LEU A 36 7.20 -34.10 -0.58
C LEU A 36 8.17 -32.92 -0.51
N ARG A 37 9.38 -33.13 -1.01
CA ARG A 37 10.39 -32.08 -1.00
C ARG A 37 10.63 -31.56 0.41
N PRO A 38 11.24 -32.41 1.26
CA PRO A 38 11.54 -32.06 2.65
C PRO A 38 12.64 -31.01 2.76
N ARG A 39 13.63 -31.11 1.88
CA ARG A 39 14.75 -30.16 1.88
C ARG A 39 14.26 -28.75 1.55
N THR B 1 1.07 -16.29 -9.76
CA THR B 1 -0.13 -17.02 -10.17
C THR B 1 -0.64 -17.92 -9.05
N GLY B 2 -1.96 -17.94 -8.87
CA GLY B 2 -2.55 -18.76 -7.83
C GLY B 2 -3.74 -18.09 -7.17
N ARG B 3 -3.55 -17.61 -5.96
CA ARG B 3 -4.61 -16.95 -5.21
C ARG B 3 -4.96 -15.61 -5.85
N ASP B 4 -5.94 -14.92 -5.27
CA ASP B 4 -6.38 -13.62 -5.78
C ASP B 4 -6.03 -12.52 -4.80
N SER B 5 -5.31 -11.50 -5.27
CA SER B 5 -4.92 -10.38 -4.44
C SER B 5 -5.46 -9.07 -5.00
N VAL B 6 -5.64 -8.09 -4.12
CA VAL B 6 -6.15 -6.78 -4.53
C VAL B 6 -5.07 -5.71 -4.37
N THR B 7 -5.12 -4.71 -5.25
CA THR B 7 -4.15 -3.62 -5.22
C THR B 7 -4.24 -2.85 -3.90
N CYS B 8 -3.11 -2.30 -3.46
CA CYS B 8 -3.06 -1.55 -2.22
C CYS B 8 -4.14 -0.46 -2.19
N PRO B 9 -5.11 -0.63 -1.28
CA PRO B 9 -6.22 0.32 -1.14
C PRO B 9 -5.77 1.65 -0.56
N THR B 10 -4.47 1.77 -0.30
CA THR B 10 -3.91 2.99 0.27
C THR B 10 -3.06 3.73 -0.77
N CYS B 11 -2.07 3.04 -1.32
CA CYS B 11 -1.20 3.63 -2.33
C CYS B 11 -1.65 3.26 -3.73
N GLN B 12 -2.82 2.64 -3.83
CA GLN B 12 -3.36 2.24 -5.12
C GLN B 12 -2.31 1.49 -5.94
N GLY B 13 -1.45 0.76 -5.26
CA GLY B 13 -0.41 0.00 -5.95
C GLY B 13 0.52 0.90 -6.74
N THR B 14 0.82 2.07 -6.20
CA THR B 14 1.70 3.02 -6.86
C THR B 14 3.13 2.92 -6.33
N GLY B 15 3.25 2.78 -5.01
CA GLY B 15 4.57 2.68 -4.39
C GLY B 15 5.05 4.00 -3.85
N ARG B 16 4.21 4.66 -3.06
CA ARG B 16 4.57 5.95 -2.48
C ARG B 16 3.64 6.30 -1.33
N ILE B 17 4.20 6.45 -0.13
CA ILE B 17 3.42 6.78 1.05
C ILE B 17 4.16 7.78 1.93
N PRO B 18 3.40 8.57 2.70
CA PRO B 18 3.95 9.58 3.60
C PRO B 18 4.68 8.96 4.78
N ARG B 19 5.87 9.48 5.08
CA ARG B 19 6.67 8.98 6.19
C ARG B 19 5.85 8.93 7.48
N GLY B 20 6.00 7.83 8.22
CA GLY B 20 5.26 7.68 9.45
C GLY B 20 3.76 7.85 9.27
N GLN B 21 3.23 8.95 9.80
CA GLN B 21 1.81 9.24 9.69
C GLN B 21 1.57 10.72 9.42
N GLU B 22 2.41 11.32 8.59
CA GLU B 22 2.28 12.74 8.26
C GLU B 22 0.89 13.05 7.71
N ASN B 23 0.34 12.11 6.95
CA ASN B 23 -0.98 12.28 6.36
C ASN B 23 -2.00 12.67 7.43
N GLN B 24 -1.87 12.08 8.61
CA GLN B 24 -2.79 12.36 9.71
C GLN B 24 -2.35 13.62 10.46
N LEU B 25 -3.14 14.69 10.32
CA LEU B 25 -2.84 15.94 10.98
C LEU B 25 -4.12 16.60 11.52
N VAL B 26 -3.96 17.73 12.20
CA VAL B 26 -5.10 18.45 12.75
C VAL B 26 -5.94 19.07 11.64
N ALA B 27 -7.00 19.78 12.04
CA ALA B 27 -7.89 20.43 11.08
C ALA B 27 -7.68 21.94 11.06
N LEU B 28 -6.42 22.36 11.10
CA LEU B 28 -6.09 23.78 11.10
C LEU B 28 -4.95 24.07 10.13
N ILE B 29 -5.26 24.83 9.08
CA ILE B 29 -4.25 25.18 8.08
C ILE B 29 -4.41 26.63 7.64
N PRO B 30 -3.32 27.21 7.14
CA PRO B 30 -3.30 28.60 6.66
C PRO B 30 -4.10 28.78 5.38
N TYR B 31 -4.06 29.98 4.82
CA TYR B 31 -4.79 30.29 3.59
C TYR B 31 -4.18 31.50 2.89
N SER B 32 -4.87 31.99 1.86
CA SER B 32 -4.41 33.14 1.10
C SER B 32 -5.40 33.50 0.00
N ASP B 33 -5.45 34.78 -0.35
CA ASP B 33 -6.34 35.27 -1.38
C ASP B 33 -5.62 35.39 -2.72
N GLN B 34 -5.77 34.38 -3.57
CA GLN B 34 -5.13 34.37 -4.87
C GLN B 34 -6.16 34.27 -5.99
N ARG B 35 -7.26 33.59 -5.71
CA ARG B 35 -8.33 33.42 -6.68
C ARG B 35 -7.77 32.90 -8.00
N LEU B 36 -6.77 32.04 -7.93
CA LEU B 36 -6.15 31.47 -9.11
C LEU B 36 -6.75 30.10 -9.44
N ARG B 37 -7.32 30.00 -10.63
CA ARG B 37 -7.95 28.75 -11.07
C ARG B 37 -8.99 28.28 -10.06
N PRO B 38 -10.12 29.01 -10.00
CA PRO B 38 -11.22 28.68 -9.09
C PRO B 38 -11.94 27.40 -9.50
N ARG B 39 -12.08 27.19 -10.80
CA ARG B 39 -12.76 26.00 -11.31
C ARG B 39 -12.01 24.73 -10.92
ZN ZN C . 1.05 -0.10 -1.04
N THR A 1 13.13 13.75 -6.67
CA THR A 1 12.90 14.72 -7.74
C THR A 1 12.34 16.02 -7.18
N GLY A 2 11.22 15.93 -6.48
CA GLY A 2 10.60 17.11 -5.90
C GLY A 2 10.02 16.85 -4.52
N ARG A 3 8.92 16.11 -4.47
CA ARG A 3 8.28 15.80 -3.20
C ARG A 3 9.03 14.68 -2.46
N ASP A 4 8.73 14.52 -1.18
CA ASP A 4 9.37 13.49 -0.37
C ASP A 4 8.36 12.43 0.07
N SER A 5 8.68 11.17 -0.22
CA SER A 5 7.80 10.07 0.13
C SER A 5 8.58 8.75 0.15
N VAL A 6 8.11 7.81 0.97
CA VAL A 6 8.76 6.51 1.09
C VAL A 6 7.86 5.40 0.54
N THR A 7 8.49 4.37 -0.03
CA THR A 7 7.75 3.26 -0.61
C THR A 7 6.87 2.58 0.44
N CYS A 8 5.74 2.04 -0.01
CA CYS A 8 4.81 1.37 0.89
C CYS A 8 5.53 0.32 1.74
N PRO A 9 5.60 0.58 3.06
CA PRO A 9 6.26 -0.32 4.01
C PRO A 9 5.49 -1.62 4.21
N THR A 10 4.39 -1.77 3.47
CA THR A 10 3.56 -2.97 3.57
C THR A 10 3.66 -3.80 2.29
N CYS A 11 3.37 -3.17 1.16
CA CYS A 11 3.43 -3.86 -0.14
C CYS A 11 4.74 -3.57 -0.85
N GLN A 12 5.66 -2.92 -0.13
CA GLN A 12 6.96 -2.58 -0.70
C GLN A 12 6.80 -1.92 -2.07
N GLY A 13 5.72 -1.17 -2.24
CA GLY A 13 5.48 -0.49 -3.50
C GLY A 13 5.36 -1.46 -4.66
N THR A 14 4.74 -2.61 -4.41
CA THR A 14 4.57 -3.63 -5.44
C THR A 14 3.18 -3.55 -6.06
N GLY A 15 2.17 -3.44 -5.21
CA GLY A 15 0.79 -3.36 -5.70
C GLY A 15 0.04 -4.66 -5.52
N ARG A 16 -0.01 -5.15 -4.28
CA ARG A 16 -0.71 -6.40 -3.99
C ARG A 16 -0.88 -6.57 -2.47
N ILE A 17 -2.13 -6.65 -2.04
CA ILE A 17 -2.43 -6.81 -0.62
C ILE A 17 -3.57 -7.81 -0.41
N PRO A 18 -3.58 -8.47 0.75
CA PRO A 18 -4.61 -9.45 1.10
C PRO A 18 -5.97 -8.81 1.34
N ARG A 19 -7.00 -9.33 0.69
CA ARG A 19 -8.35 -8.81 0.83
C ARG A 19 -8.73 -8.70 2.31
N GLY A 20 -9.49 -7.65 2.64
CA GLY A 20 -9.91 -7.45 4.02
C GLY A 20 -8.75 -7.43 4.99
N GLN A 21 -9.06 -7.35 6.27
CA GLN A 21 -8.01 -7.33 7.30
C GLN A 21 -7.97 -8.65 8.05
N GLU A 22 -9.14 -9.21 8.36
CA GLU A 22 -9.22 -10.47 9.07
C GLU A 22 -8.39 -11.55 8.38
N ASN A 23 -8.46 -11.58 7.06
CA ASN A 23 -7.72 -12.56 6.27
C ASN A 23 -6.24 -12.54 6.64
N GLN A 24 -5.70 -11.35 6.86
CA GLN A 24 -4.29 -11.21 7.23
C GLN A 24 -3.95 -12.09 8.42
N LEU A 25 -3.18 -13.13 8.18
CA LEU A 25 -2.77 -14.06 9.23
C LEU A 25 -1.60 -13.50 10.03
N VAL A 26 -1.21 -14.21 11.08
CA VAL A 26 -0.10 -13.77 11.92
C VAL A 26 1.18 -13.63 11.12
N ALA A 27 2.23 -13.15 11.77
CA ALA A 27 3.52 -12.96 11.10
C ALA A 27 4.03 -14.28 10.52
N LEU A 28 3.92 -15.35 11.30
CA LEU A 28 4.37 -16.67 10.86
C LEU A 28 3.69 -17.07 9.54
N ILE A 29 4.50 -17.35 8.54
CA ILE A 29 3.97 -17.75 7.24
C ILE A 29 4.63 -19.05 6.75
N PRO A 30 3.92 -19.77 5.87
CA PRO A 30 4.42 -21.03 5.31
C PRO A 30 5.59 -20.83 4.36
N TYR A 31 6.24 -21.92 3.98
CA TYR A 31 7.37 -21.86 3.07
C TYR A 31 7.66 -23.23 2.46
N SER A 32 8.66 -23.29 1.58
CA SER A 32 9.03 -24.53 0.93
C SER A 32 9.70 -25.49 1.91
N ASP A 33 9.04 -26.61 2.19
CA ASP A 33 9.58 -27.60 3.11
C ASP A 33 9.46 -29.01 2.53
N GLN A 34 10.48 -29.43 1.78
CA GLN A 34 10.48 -30.76 1.17
C GLN A 34 11.81 -31.45 1.39
N ARG A 35 11.79 -32.78 1.38
CA ARG A 35 13.00 -33.57 1.58
C ARG A 35 13.75 -33.76 0.26
N LEU A 36 12.99 -33.93 -0.82
CA LEU A 36 13.58 -34.13 -2.13
C LEU A 36 14.15 -32.82 -2.69
N ARG A 37 15.45 -32.63 -2.50
CA ARG A 37 16.11 -31.42 -2.96
C ARG A 37 16.26 -31.43 -4.49
N PRO A 38 16.47 -30.24 -5.08
CA PRO A 38 16.62 -30.09 -6.53
C PRO A 38 17.93 -30.68 -7.03
N ARG A 39 18.99 -30.53 -6.23
CA ARG A 39 20.30 -31.05 -6.60
C ARG A 39 20.37 -32.56 -6.38
N THR B 1 -3.93 -14.76 -12.48
CA THR B 1 -3.04 -15.79 -12.98
C THR B 1 -3.08 -17.03 -12.08
N GLY B 2 -2.78 -16.84 -10.81
CA GLY B 2 -2.79 -17.95 -9.86
C GLY B 2 -3.36 -17.56 -8.52
N ARG B 3 -2.60 -16.78 -7.75
CA ARG B 3 -3.04 -16.34 -6.43
C ARG B 3 -4.06 -15.21 -6.55
N ASP B 4 -4.74 -14.94 -5.44
CA ASP B 4 -5.74 -13.87 -5.41
C ASP B 4 -5.31 -12.74 -4.48
N SER B 5 -5.28 -11.53 -5.01
CA SER B 5 -4.89 -10.36 -4.22
C SER B 5 -5.39 -9.07 -4.86
N VAL B 6 -5.62 -8.06 -4.03
CA VAL B 6 -6.12 -6.78 -4.51
C VAL B 6 -5.06 -5.69 -4.36
N THR B 7 -5.06 -4.74 -5.28
CA THR B 7 -4.10 -3.64 -5.24
C THR B 7 -4.20 -2.85 -3.94
N CYS B 8 -3.07 -2.30 -3.49
CA CYS B 8 -3.04 -1.53 -2.27
C CYS B 8 -4.12 -0.45 -2.27
N PRO B 9 -5.11 -0.60 -1.38
CA PRO B 9 -6.22 0.35 -1.26
C PRO B 9 -5.78 1.69 -0.69
N THR B 10 -4.48 1.82 -0.42
CA THR B 10 -3.92 3.04 0.14
C THR B 10 -3.06 3.76 -0.89
N CYS B 11 -2.07 3.06 -1.42
CA CYS B 11 -1.17 3.64 -2.42
C CYS B 11 -1.59 3.24 -3.82
N GLN B 12 -2.76 2.63 -3.93
CA GLN B 12 -3.28 2.20 -5.23
C GLN B 12 -2.22 1.44 -6.02
N GLY B 13 -1.37 0.71 -5.30
CA GLY B 13 -0.31 -0.07 -5.94
C GLY B 13 0.63 0.81 -6.74
N THR B 14 0.92 2.00 -6.22
CA THR B 14 1.81 2.93 -6.90
C THR B 14 3.22 2.85 -6.33
N GLY B 15 3.32 2.84 -5.00
CA GLY B 15 4.62 2.77 -4.36
C GLY B 15 5.07 4.10 -3.80
N ARG B 16 4.24 4.70 -2.95
CA ARG B 16 4.56 5.99 -2.35
C ARG B 16 3.62 6.29 -1.18
N ILE B 17 4.19 6.45 0.01
CA ILE B 17 3.40 6.73 1.21
C ILE B 17 4.10 7.78 2.08
N PRO B 18 3.30 8.52 2.85
CA PRO B 18 3.81 9.56 3.75
C PRO B 18 4.57 8.97 4.93
N ARG B 19 5.78 9.49 5.17
CA ARG B 19 6.60 9.02 6.28
C ARG B 19 5.82 9.03 7.59
N GLY B 20 6.08 8.03 8.44
CA GLY B 20 5.39 7.94 9.71
C GLY B 20 3.89 7.97 9.55
N GLN B 21 3.17 8.01 10.68
CA GLN B 21 1.71 8.04 10.67
C GLN B 21 1.20 9.42 11.06
N GLU B 22 1.82 10.02 12.07
CA GLU B 22 1.42 11.34 12.53
C GLU B 22 1.38 12.34 11.39
N ASN B 23 2.37 12.27 10.50
CA ASN B 23 2.44 13.17 9.36
C ASN B 23 1.13 13.16 8.58
N GLN B 24 0.55 11.97 8.43
CA GLN B 24 -0.71 11.82 7.70
C GLN B 24 -1.77 12.77 8.25
N LEU B 25 -2.10 13.79 7.46
CA LEU B 25 -3.11 14.77 7.87
C LEU B 25 -4.51 14.25 7.63
N VAL B 26 -5.51 15.01 8.06
CA VAL B 26 -6.90 14.62 7.89
C VAL B 26 -7.25 14.42 6.41
N ALA B 27 -8.46 13.96 6.16
CA ALA B 27 -8.92 13.72 4.79
C ALA B 27 -8.84 14.99 3.96
N LEU B 28 -9.28 16.11 4.54
CA LEU B 28 -9.26 17.39 3.86
C LEU B 28 -7.85 17.74 3.39
N ILE B 29 -7.70 17.97 2.09
CA ILE B 29 -6.42 18.32 1.51
C ILE B 29 -6.51 19.58 0.66
N PRO B 30 -5.37 20.27 0.50
CA PRO B 30 -5.30 21.51 -0.29
C PRO B 30 -5.47 21.25 -1.78
N TYR B 31 -5.63 22.32 -2.55
CA TYR B 31 -5.81 22.21 -3.99
C TYR B 31 -5.56 23.55 -4.67
N SER B 32 -5.65 23.56 -5.99
CA SER B 32 -5.42 24.78 -6.77
C SER B 32 -6.57 25.77 -6.57
N ASP B 33 -6.27 26.91 -5.96
CA ASP B 33 -7.27 27.94 -5.71
C ASP B 33 -6.73 29.31 -6.08
N GLN B 34 -6.92 29.70 -7.34
CA GLN B 34 -6.47 31.00 -7.82
C GLN B 34 -7.56 31.70 -8.62
N ARG B 35 -7.49 33.03 -8.66
CA ARG B 35 -8.48 33.82 -9.39
C ARG B 35 -8.09 33.95 -10.86
N LEU B 36 -6.79 34.09 -11.11
CA LEU B 36 -6.29 34.22 -12.47
C LEU B 36 -6.36 32.88 -13.21
N ARG B 37 -7.43 32.69 -13.97
CA ARG B 37 -7.61 31.46 -14.73
C ARG B 37 -6.65 31.42 -15.93
N PRO B 38 -6.43 30.20 -16.46
CA PRO B 38 -5.54 29.98 -17.60
C PRO B 38 -6.11 30.55 -18.90
N ARG B 39 -7.42 30.44 -19.06
CA ARG B 39 -8.09 30.94 -20.25
C ARG B 39 -8.24 32.45 -20.19
ZN ZN C . 1.02 -0.12 -1.07
#